data_7K0W
# 
_entry.id   7K0W 
# 
_audit_conform.dict_name       mmcif_pdbx.dic 
_audit_conform.dict_version    5.380 
_audit_conform.dict_location   http://mmcif.pdb.org/dictionaries/ascii/mmcif_pdbx.dic 
# 
loop_
_database_2.database_id 
_database_2.database_code 
_database_2.pdbx_database_accession 
_database_2.pdbx_DOI 
PDB   7K0W         pdb_00007k0w 10.2210/pdb7k0w/pdb 
WWPDB D_1000251712 ?            ?                   
# 
_pdbx_database_status.status_code                     REL 
_pdbx_database_status.status_code_sf                  REL 
_pdbx_database_status.status_code_mr                  ? 
_pdbx_database_status.entry_id                        7K0W 
_pdbx_database_status.recvd_initial_deposition_date   2020-09-06 
_pdbx_database_status.SG_entry                        N 
_pdbx_database_status.deposit_site                    RCSB 
_pdbx_database_status.process_site                    RCSB 
_pdbx_database_status.status_code_cs                  ? 
_pdbx_database_status.status_code_nmr_data            ? 
_pdbx_database_status.methods_development_category    ? 
_pdbx_database_status.pdb_format_compatible           Y 
# 
loop_
_audit_author.name 
_audit_author.pdbx_ordinal 
_audit_author.identifier_ORCID 
'Kumar, G.'   1 0000-0001-7593-0737 
'White, S.W.' 2 0000-0001-8188-5944 
# 
_citation.abstract                  ? 
_citation.abstract_id_CAS           ? 
_citation.book_id_ISBN              ? 
_citation.book_publisher            ? 
_citation.book_publisher_city       ? 
_citation.book_title                ? 
_citation.coordinate_linkage        ? 
_citation.country                   ? 
_citation.database_id_Medline       ? 
_citation.details                   ? 
_citation.id                        primary 
_citation.journal_abbrev            'To Be Published' 
_citation.journal_id_ASTM           ? 
_citation.journal_id_CSD            0353 
_citation.journal_id_ISSN           ? 
_citation.journal_full              ? 
_citation.journal_issue             ? 
_citation.journal_volume            ? 
_citation.language                  ? 
_citation.page_first                ? 
_citation.page_last                 ? 
_citation.title                     'Crystal structure of the influenza virus PA endonuclease in complex with Baloxavir Acid' 
_citation.year                      ? 
_citation.database_id_CSD           ? 
_citation.pdbx_database_id_DOI      ? 
_citation.pdbx_database_id_PubMed   ? 
_citation.unpublished_flag          ? 
# 
loop_
_citation_author.citation_id 
_citation_author.name 
_citation_author.ordinal 
_citation_author.identifier_ORCID 
primary 'Kumar, G.'   1 0000-0001-7593-0737 
primary 'White, S.W.' 2 0000-0001-8188-5944 
# 
_cell.angle_alpha                  90.000 
_cell.angle_alpha_esd              ? 
_cell.angle_beta                   90.000 
_cell.angle_beta_esd               ? 
_cell.angle_gamma                  90.000 
_cell.angle_gamma_esd              ? 
_cell.entry_id                     7K0W 
_cell.details                      ? 
_cell.formula_units_Z              ? 
_cell.length_a                     89.718 
_cell.length_a_esd                 ? 
_cell.length_b                     89.718 
_cell.length_b_esd                 ? 
_cell.length_c                     133.763 
_cell.length_c_esd                 ? 
_cell.volume                       ? 
_cell.volume_esd                   ? 
_cell.Z_PDB                        16 
_cell.reciprocal_angle_alpha       ? 
_cell.reciprocal_angle_beta        ? 
_cell.reciprocal_angle_gamma       ? 
_cell.reciprocal_angle_alpha_esd   ? 
_cell.reciprocal_angle_beta_esd    ? 
_cell.reciprocal_angle_gamma_esd   ? 
_cell.reciprocal_length_a          ? 
_cell.reciprocal_length_b          ? 
_cell.reciprocal_length_c          ? 
_cell.reciprocal_length_a_esd      ? 
_cell.reciprocal_length_b_esd      ? 
_cell.reciprocal_length_c_esd      ? 
_cell.pdbx_unique_axis             ? 
# 
_symmetry.entry_id                         7K0W 
_symmetry.cell_setting                     ? 
_symmetry.Int_Tables_number                97 
_symmetry.space_group_name_Hall            ? 
_symmetry.space_group_name_H-M             'I 4 2 2' 
_symmetry.pdbx_full_space_group_name_H-M   ? 
# 
loop_
_entity.id 
_entity.type 
_entity.src_method 
_entity.pdbx_description 
_entity.formula_weight 
_entity.pdbx_number_of_molecules 
_entity.pdbx_ec 
_entity.pdbx_mutation 
_entity.pdbx_fragment 
_entity.details 
1 polymer     man 'Polymerase acidic protein' 23148.344 1  3.1.-.- ? ? 'Loop 51-72 is replaced with a GGS linker' 
2 non-polymer syn 'Baloxavir acid'            483.487   1  ?       ? ? ?                                          
3 non-polymer syn 'MANGANESE (II) ION'        54.938    2  ?       ? ? ?                                          
4 non-polymer syn 'SULFATE ION'               96.063    2  ?       ? ? ?                                          
5 water       nat water                       18.015    22 ?       ? ? ?                                          
# 
_entity_name_com.entity_id   1 
_entity_name_com.name        'RNA-directed RNA polymerase subunit P2' 
# 
_entity_poly.entity_id                      1 
_entity_poly.type                           'polypeptide(L)' 
_entity_poly.nstd_linkage                   no 
_entity_poly.nstd_monomer                   no 
_entity_poly.pdbx_seq_one_letter_code       
;MGSSHHHHHHSSGLVPRGSHMEDFVRQCFNPMIVELAEKAMKEYGEDPKIETNKFAAICTHLEVCFMYSDGGSKHRFEII
EGRDRIMAWTVVNSICNTTGVEKPKFLPDLYDYKENRFIEIGVTRREVHIYYLEKANKIKSEKTHIHIFSFTGEEMATKA
DYTLDEESRARIKTRLFTIRQEMASRSLWDSFRQSER
;
_entity_poly.pdbx_seq_one_letter_code_can   
;MGSSHHHHHHSSGLVPRGSHMEDFVRQCFNPMIVELAEKAMKEYGEDPKIETNKFAAICTHLEVCFMYSDGGSKHRFEII
EGRDRIMAWTVVNSICNTTGVEKPKFLPDLYDYKENRFIEIGVTRREVHIYYLEKANKIKSEKTHIHIFSFTGEEMATKA
DYTLDEESRARIKTRLFTIRQEMASRSLWDSFRQSER
;
_entity_poly.pdbx_strand_id                 A 
_entity_poly.pdbx_target_identifier         ? 
# 
loop_
_entity_poly_seq.entity_id 
_entity_poly_seq.num 
_entity_poly_seq.mon_id 
_entity_poly_seq.hetero 
1 1   MET n 
1 2   GLY n 
1 3   SER n 
1 4   SER n 
1 5   HIS n 
1 6   HIS n 
1 7   HIS n 
1 8   HIS n 
1 9   HIS n 
1 10  HIS n 
1 11  SER n 
1 12  SER n 
1 13  GLY n 
1 14  LEU n 
1 15  VAL n 
1 16  PRO n 
1 17  ARG n 
1 18  GLY n 
1 19  SER n 
1 20  HIS n 
1 21  MET n 
1 22  GLU n 
1 23  ASP n 
1 24  PHE n 
1 25  VAL n 
1 26  ARG n 
1 27  GLN n 
1 28  CYS n 
1 29  PHE n 
1 30  ASN n 
1 31  PRO n 
1 32  MET n 
1 33  ILE n 
1 34  VAL n 
1 35  GLU n 
1 36  LEU n 
1 37  ALA n 
1 38  GLU n 
1 39  LYS n 
1 40  ALA n 
1 41  MET n 
1 42  LYS n 
1 43  GLU n 
1 44  TYR n 
1 45  GLY n 
1 46  GLU n 
1 47  ASP n 
1 48  PRO n 
1 49  LYS n 
1 50  ILE n 
1 51  GLU n 
1 52  THR n 
1 53  ASN n 
1 54  LYS n 
1 55  PHE n 
1 56  ALA n 
1 57  ALA n 
1 58  ILE n 
1 59  CYS n 
1 60  THR n 
1 61  HIS n 
1 62  LEU n 
1 63  GLU n 
1 64  VAL n 
1 65  CYS n 
1 66  PHE n 
1 67  MET n 
1 68  TYR n 
1 69  SER n 
1 70  ASP n 
1 71  GLY n 
1 72  GLY n 
1 73  SER n 
1 74  LYS n 
1 75  HIS n 
1 76  ARG n 
1 77  PHE n 
1 78  GLU n 
1 79  ILE n 
1 80  ILE n 
1 81  GLU n 
1 82  GLY n 
1 83  ARG n 
1 84  ASP n 
1 85  ARG n 
1 86  ILE n 
1 87  MET n 
1 88  ALA n 
1 89  TRP n 
1 90  THR n 
1 91  VAL n 
1 92  VAL n 
1 93  ASN n 
1 94  SER n 
1 95  ILE n 
1 96  CYS n 
1 97  ASN n 
1 98  THR n 
1 99  THR n 
1 100 GLY n 
1 101 VAL n 
1 102 GLU n 
1 103 LYS n 
1 104 PRO n 
1 105 LYS n 
1 106 PHE n 
1 107 LEU n 
1 108 PRO n 
1 109 ASP n 
1 110 LEU n 
1 111 TYR n 
1 112 ASP n 
1 113 TYR n 
1 114 LYS n 
1 115 GLU n 
1 116 ASN n 
1 117 ARG n 
1 118 PHE n 
1 119 ILE n 
1 120 GLU n 
1 121 ILE n 
1 122 GLY n 
1 123 VAL n 
1 124 THR n 
1 125 ARG n 
1 126 ARG n 
1 127 GLU n 
1 128 VAL n 
1 129 HIS n 
1 130 ILE n 
1 131 TYR n 
1 132 TYR n 
1 133 LEU n 
1 134 GLU n 
1 135 LYS n 
1 136 ALA n 
1 137 ASN n 
1 138 LYS n 
1 139 ILE n 
1 140 LYS n 
1 141 SER n 
1 142 GLU n 
1 143 LYS n 
1 144 THR n 
1 145 HIS n 
1 146 ILE n 
1 147 HIS n 
1 148 ILE n 
1 149 PHE n 
1 150 SER n 
1 151 PHE n 
1 152 THR n 
1 153 GLY n 
1 154 GLU n 
1 155 GLU n 
1 156 MET n 
1 157 ALA n 
1 158 THR n 
1 159 LYS n 
1 160 ALA n 
1 161 ASP n 
1 162 TYR n 
1 163 THR n 
1 164 LEU n 
1 165 ASP n 
1 166 GLU n 
1 167 GLU n 
1 168 SER n 
1 169 ARG n 
1 170 ALA n 
1 171 ARG n 
1 172 ILE n 
1 173 LYS n 
1 174 THR n 
1 175 ARG n 
1 176 LEU n 
1 177 PHE n 
1 178 THR n 
1 179 ILE n 
1 180 ARG n 
1 181 GLN n 
1 182 GLU n 
1 183 MET n 
1 184 ALA n 
1 185 SER n 
1 186 ARG n 
1 187 SER n 
1 188 LEU n 
1 189 TRP n 
1 190 ASP n 
1 191 SER n 
1 192 PHE n 
1 193 ARG n 
1 194 GLN n 
1 195 SER n 
1 196 GLU n 
1 197 ARG n 
# 
_entity_src_gen.entity_id                          1 
_entity_src_gen.pdbx_src_id                        1 
_entity_src_gen.pdbx_alt_source_flag               sample 
_entity_src_gen.pdbx_seq_type                      'Biological sequence' 
_entity_src_gen.pdbx_beg_seq_num                   1 
_entity_src_gen.pdbx_end_seq_num                   197 
_entity_src_gen.gene_src_common_name               ? 
_entity_src_gen.gene_src_genus                     ? 
_entity_src_gen.pdbx_gene_src_gene                 PA 
_entity_src_gen.gene_src_species                   ? 
_entity_src_gen.gene_src_strain                    'swl A/California/04/2009 H1N1' 
_entity_src_gen.gene_src_tissue                    ? 
_entity_src_gen.gene_src_tissue_fraction           ? 
_entity_src_gen.gene_src_details                   ? 
_entity_src_gen.pdbx_gene_src_fragment             ? 
_entity_src_gen.pdbx_gene_src_scientific_name      'Influenza A virus (strain swl A/California/04/2009 H1N1)' 
_entity_src_gen.pdbx_gene_src_ncbi_taxonomy_id     641501 
_entity_src_gen.pdbx_gene_src_variant              ? 
_entity_src_gen.pdbx_gene_src_cell_line            ? 
_entity_src_gen.pdbx_gene_src_atcc                 ? 
_entity_src_gen.pdbx_gene_src_organ                ? 
_entity_src_gen.pdbx_gene_src_organelle            ? 
_entity_src_gen.pdbx_gene_src_cell                 ? 
_entity_src_gen.pdbx_gene_src_cellular_location    ? 
_entity_src_gen.host_org_common_name               ? 
_entity_src_gen.pdbx_host_org_scientific_name      'Escherichia coli BL21(DE3)' 
_entity_src_gen.pdbx_host_org_ncbi_taxonomy_id     469008 
_entity_src_gen.host_org_genus                     ? 
_entity_src_gen.pdbx_host_org_gene                 ? 
_entity_src_gen.pdbx_host_org_organ                ? 
_entity_src_gen.host_org_species                   ? 
_entity_src_gen.pdbx_host_org_tissue               ? 
_entity_src_gen.pdbx_host_org_tissue_fraction      ? 
_entity_src_gen.pdbx_host_org_strain               ? 
_entity_src_gen.pdbx_host_org_variant              ? 
_entity_src_gen.pdbx_host_org_cell_line            ? 
_entity_src_gen.pdbx_host_org_atcc                 ? 
_entity_src_gen.pdbx_host_org_culture_collection   ? 
_entity_src_gen.pdbx_host_org_cell                 ? 
_entity_src_gen.pdbx_host_org_organelle            ? 
_entity_src_gen.pdbx_host_org_cellular_location    ? 
_entity_src_gen.pdbx_host_org_vector_type          Plasmid 
_entity_src_gen.pdbx_host_org_vector               ? 
_entity_src_gen.host_org_details                   ? 
_entity_src_gen.expression_system_id               ? 
_entity_src_gen.plasmid_name                       pET52b 
_entity_src_gen.plasmid_details                    ? 
_entity_src_gen.pdbx_description                   ? 
# 
_struct_ref.id                         1 
_struct_ref.db_name                    UNP 
_struct_ref.db_code                    C3W5S0_I09A0 
_struct_ref.pdbx_db_accession          C3W5S0 
_struct_ref.pdbx_db_isoform            ? 
_struct_ref.entity_id                  1 
_struct_ref.pdbx_seq_one_letter_code   
;MEDFVRQCFNPMIVELAEKAMKEYGEDPKIETNKFAAICTHLEVCFMYSDFHFIDERGESIIVESGDPNALLKHRFEIIE
GRDRIMAWTVVNSICNTTGVEKPKFLPDLYDYKENRFIEIGVTRREVHIYYLEKANKIKSEKTHIHIFSFTGEEMATKAD
YTLDEESRARIKTRLFTIRQEMASRSLWDSFRQSER
;
_struct_ref.pdbx_align_begin           1 
# 
_struct_ref_seq.align_id                      1 
_struct_ref_seq.ref_id                        1 
_struct_ref_seq.pdbx_PDB_id_code              7K0W 
_struct_ref_seq.pdbx_strand_id                A 
_struct_ref_seq.seq_align_beg                 21 
_struct_ref_seq.pdbx_seq_align_beg_ins_code   ? 
_struct_ref_seq.seq_align_end                 197 
_struct_ref_seq.pdbx_seq_align_end_ins_code   ? 
_struct_ref_seq.pdbx_db_accession             C3W5S0 
_struct_ref_seq.db_align_beg                  1 
_struct_ref_seq.pdbx_db_align_beg_ins_code    ? 
_struct_ref_seq.db_align_end                  196 
_struct_ref_seq.pdbx_db_align_end_ins_code    ? 
_struct_ref_seq.pdbx_auth_seq_align_beg       1 
_struct_ref_seq.pdbx_auth_seq_align_end       196 
# 
loop_
_struct_ref_seq_dif.align_id 
_struct_ref_seq_dif.pdbx_pdb_id_code 
_struct_ref_seq_dif.mon_id 
_struct_ref_seq_dif.pdbx_pdb_strand_id 
_struct_ref_seq_dif.seq_num 
_struct_ref_seq_dif.pdbx_pdb_ins_code 
_struct_ref_seq_dif.pdbx_seq_db_name 
_struct_ref_seq_dif.pdbx_seq_db_accession_code 
_struct_ref_seq_dif.db_mon_id 
_struct_ref_seq_dif.pdbx_seq_db_seq_num 
_struct_ref_seq_dif.details 
_struct_ref_seq_dif.pdbx_auth_seq_num 
_struct_ref_seq_dif.pdbx_ordinal 
1 7K0W MET A 1  ? UNP C3W5S0 ?   ?  'initiating methionine' -19 1  
1 7K0W GLY A 2  ? UNP C3W5S0 ?   ?  'expression tag'        -18 2  
1 7K0W SER A 3  ? UNP C3W5S0 ?   ?  'expression tag'        -17 3  
1 7K0W SER A 4  ? UNP C3W5S0 ?   ?  'expression tag'        -16 4  
1 7K0W HIS A 5  ? UNP C3W5S0 ?   ?  'expression tag'        -15 5  
1 7K0W HIS A 6  ? UNP C3W5S0 ?   ?  'expression tag'        -14 6  
1 7K0W HIS A 7  ? UNP C3W5S0 ?   ?  'expression tag'        -13 7  
1 7K0W HIS A 8  ? UNP C3W5S0 ?   ?  'expression tag'        -12 8  
1 7K0W HIS A 9  ? UNP C3W5S0 ?   ?  'expression tag'        -11 9  
1 7K0W HIS A 10 ? UNP C3W5S0 ?   ?  'expression tag'        -10 10 
1 7K0W SER A 11 ? UNP C3W5S0 ?   ?  'expression tag'        -9  11 
1 7K0W SER A 12 ? UNP C3W5S0 ?   ?  'expression tag'        -8  12 
1 7K0W GLY A 13 ? UNP C3W5S0 ?   ?  'expression tag'        -7  13 
1 7K0W LEU A 14 ? UNP C3W5S0 ?   ?  'expression tag'        -6  14 
1 7K0W VAL A 15 ? UNP C3W5S0 ?   ?  'expression tag'        -5  15 
1 7K0W PRO A 16 ? UNP C3W5S0 ?   ?  'expression tag'        -4  16 
1 7K0W ARG A 17 ? UNP C3W5S0 ?   ?  'expression tag'        -3  17 
1 7K0W GLY A 18 ? UNP C3W5S0 ?   ?  'expression tag'        -2  18 
1 7K0W SER A 19 ? UNP C3W5S0 ?   ?  'expression tag'        -1  19 
1 7K0W HIS A 20 ? UNP C3W5S0 ?   ?  'expression tag'        0   20 
1 7K0W ?   A ?  ? UNP C3W5S0 PHE 51 deletion                ?   21 
1 7K0W ?   A ?  ? UNP C3W5S0 HIS 52 deletion                ?   22 
1 7K0W ?   A ?  ? UNP C3W5S0 PHE 53 deletion                ?   23 
1 7K0W ?   A ?  ? UNP C3W5S0 ILE 54 deletion                ?   24 
1 7K0W ?   A ?  ? UNP C3W5S0 ASP 55 deletion                ?   25 
1 7K0W ?   A ?  ? UNP C3W5S0 GLU 56 deletion                ?   26 
1 7K0W ?   A ?  ? UNP C3W5S0 ARG 57 deletion                ?   27 
1 7K0W ?   A ?  ? UNP C3W5S0 GLY 58 deletion                ?   28 
1 7K0W ?   A ?  ? UNP C3W5S0 GLU 59 deletion                ?   29 
1 7K0W ?   A ?  ? UNP C3W5S0 SER 60 deletion                ?   30 
1 7K0W ?   A ?  ? UNP C3W5S0 ILE 61 deletion                ?   31 
1 7K0W ?   A ?  ? UNP C3W5S0 ILE 62 deletion                ?   32 
1 7K0W ?   A ?  ? UNP C3W5S0 VAL 63 deletion                ?   33 
1 7K0W ?   A ?  ? UNP C3W5S0 GLU 64 deletion                ?   34 
1 7K0W ?   A ?  ? UNP C3W5S0 SER 65 deletion                ?   35 
1 7K0W ?   A ?  ? UNP C3W5S0 GLY 66 deletion                ?   36 
1 7K0W ?   A ?  ? UNP C3W5S0 ASP 67 deletion                ?   37 
1 7K0W ?   A ?  ? UNP C3W5S0 PRO 68 deletion                ?   38 
1 7K0W ?   A ?  ? UNP C3W5S0 ASN 69 deletion                ?   39 
1 7K0W GLY A 71 ? UNP C3W5S0 ALA 70 linker                  51  40 
1 7K0W GLY A 72 ? UNP C3W5S0 LEU 71 linker                  52  41 
1 7K0W SER A 73 ? UNP C3W5S0 LEU 72 linker                  53  42 
# 
loop_
_chem_comp.id 
_chem_comp.type 
_chem_comp.mon_nstd_flag 
_chem_comp.name 
_chem_comp.pdbx_synonyms 
_chem_comp.formula 
_chem_comp.formula_weight 
ALA 'L-peptide linking' y ALANINE              ? 'C3 H7 N O2'         89.093  
ARG 'L-peptide linking' y ARGININE             ? 'C6 H15 N4 O2 1'     175.209 
ASN 'L-peptide linking' y ASPARAGINE           ? 'C4 H8 N2 O3'        132.118 
ASP 'L-peptide linking' y 'ASPARTIC ACID'      ? 'C4 H7 N O4'         133.103 
CYS 'L-peptide linking' y CYSTEINE             ? 'C3 H7 N O2 S'       121.158 
E4Z non-polymer         . 'Baloxavir acid'     ? 'C24 H19 F2 N3 O4 S' 483.487 
GLN 'L-peptide linking' y GLUTAMINE            ? 'C5 H10 N2 O3'       146.144 
GLU 'L-peptide linking' y 'GLUTAMIC ACID'      ? 'C5 H9 N O4'         147.129 
GLY 'peptide linking'   y GLYCINE              ? 'C2 H5 N O2'         75.067  
HIS 'L-peptide linking' y HISTIDINE            ? 'C6 H10 N3 O2 1'     156.162 
HOH non-polymer         . WATER                ? 'H2 O'               18.015  
ILE 'L-peptide linking' y ISOLEUCINE           ? 'C6 H13 N O2'        131.173 
LEU 'L-peptide linking' y LEUCINE              ? 'C6 H13 N O2'        131.173 
LYS 'L-peptide linking' y LYSINE               ? 'C6 H15 N2 O2 1'     147.195 
MET 'L-peptide linking' y METHIONINE           ? 'C5 H11 N O2 S'      149.211 
MN  non-polymer         . 'MANGANESE (II) ION' ? 'Mn 2'               54.938  
PHE 'L-peptide linking' y PHENYLALANINE        ? 'C9 H11 N O2'        165.189 
PRO 'L-peptide linking' y PROLINE              ? 'C5 H9 N O2'         115.130 
SER 'L-peptide linking' y SERINE               ? 'C3 H7 N O3'         105.093 
SO4 non-polymer         . 'SULFATE ION'        ? 'O4 S -2'            96.063  
THR 'L-peptide linking' y THREONINE            ? 'C4 H9 N O3'         119.119 
TRP 'L-peptide linking' y TRYPTOPHAN           ? 'C11 H12 N2 O2'      204.225 
TYR 'L-peptide linking' y TYROSINE             ? 'C9 H11 N O3'        181.189 
VAL 'L-peptide linking' y VALINE               ? 'C5 H11 N O2'        117.146 
# 
_exptl.absorpt_coefficient_mu     ? 
_exptl.absorpt_correction_T_max   ? 
_exptl.absorpt_correction_T_min   ? 
_exptl.absorpt_correction_type    ? 
_exptl.absorpt_process_details    ? 
_exptl.entry_id                   7K0W 
_exptl.crystals_number            1 
_exptl.details                    ? 
_exptl.method                     'X-RAY DIFFRACTION' 
_exptl.method_details             ? 
# 
_exptl_crystal.colour                      ? 
_exptl_crystal.density_diffrn              ? 
_exptl_crystal.density_Matthews            2.91 
_exptl_crystal.density_method              ? 
_exptl_crystal.density_percent_sol         57.69 
_exptl_crystal.description                 ? 
_exptl_crystal.F_000                       ? 
_exptl_crystal.id                          1 
_exptl_crystal.preparation                 ? 
_exptl_crystal.size_max                    ? 
_exptl_crystal.size_mid                    ? 
_exptl_crystal.size_min                    ? 
_exptl_crystal.size_rad                    ? 
_exptl_crystal.colour_lustre               ? 
_exptl_crystal.colour_modifier             ? 
_exptl_crystal.colour_primary              ? 
_exptl_crystal.density_meas                ? 
_exptl_crystal.density_meas_esd            ? 
_exptl_crystal.density_meas_gt             ? 
_exptl_crystal.density_meas_lt             ? 
_exptl_crystal.density_meas_temp           ? 
_exptl_crystal.density_meas_temp_esd       ? 
_exptl_crystal.density_meas_temp_gt        ? 
_exptl_crystal.density_meas_temp_lt        ? 
_exptl_crystal.pdbx_crystal_image_url      ? 
_exptl_crystal.pdbx_crystal_image_format   ? 
_exptl_crystal.pdbx_mosaicity              ? 
_exptl_crystal.pdbx_mosaicity_esd          ? 
# 
_exptl_crystal_grow.apparatus       ? 
_exptl_crystal_grow.atmosphere      ? 
_exptl_crystal_grow.crystal_id      1 
_exptl_crystal_grow.details         ? 
_exptl_crystal_grow.method          'VAPOR DIFFUSION, HANGING DROP' 
_exptl_crystal_grow.method_ref      ? 
_exptl_crystal_grow.pH              7.8 
_exptl_crystal_grow.pressure        ? 
_exptl_crystal_grow.pressure_esd    ? 
_exptl_crystal_grow.seeding         ? 
_exptl_crystal_grow.seeding_ref     ? 
_exptl_crystal_grow.temp            291 
_exptl_crystal_grow.temp_details    ? 
_exptl_crystal_grow.temp_esd        ? 
_exptl_crystal_grow.time            ? 
_exptl_crystal_grow.pdbx_details    '0.1M HEPES pH 7.8, 1.0M Ammonium Sulfate, 10mM MnCl2, 10mM MgCl2, 0.5% PVP K15' 
_exptl_crystal_grow.pdbx_pH_range   ? 
# 
_diffrn.ambient_environment              ? 
_diffrn.ambient_temp                     100 
_diffrn.ambient_temp_details             ? 
_diffrn.ambient_temp_esd                 ? 
_diffrn.crystal_id                       1 
_diffrn.crystal_support                  ? 
_diffrn.crystal_treatment                ? 
_diffrn.details                          ? 
_diffrn.id                               1 
_diffrn.ambient_pressure                 ? 
_diffrn.ambient_pressure_esd             ? 
_diffrn.ambient_pressure_gt              ? 
_diffrn.ambient_pressure_lt              ? 
_diffrn.ambient_temp_gt                  ? 
_diffrn.ambient_temp_lt                  ? 
_diffrn.pdbx_serial_crystal_experiment   N 
# 
_diffrn_detector.details                      ? 
_diffrn_detector.detector                     CCD 
_diffrn_detector.diffrn_id                    1 
_diffrn_detector.type                         'MARMOSAIC 225 mm CCD' 
_diffrn_detector.area_resol_mean              ? 
_diffrn_detector.dtime                        ? 
_diffrn_detector.pdbx_frames_total            ? 
_diffrn_detector.pdbx_collection_time_total   ? 
_diffrn_detector.pdbx_collection_date         2018-06-27 
_diffrn_detector.pdbx_frequency               ? 
# 
_diffrn_radiation.collimation                      ? 
_diffrn_radiation.diffrn_id                        1 
_diffrn_radiation.filter_edge                      ? 
_diffrn_radiation.inhomogeneity                    ? 
_diffrn_radiation.monochromator                    ? 
_diffrn_radiation.polarisn_norm                    ? 
_diffrn_radiation.polarisn_ratio                   ? 
_diffrn_radiation.probe                            ? 
_diffrn_radiation.type                             ? 
_diffrn_radiation.xray_symbol                      ? 
_diffrn_radiation.wavelength_id                    1 
_diffrn_radiation.pdbx_monochromatic_or_laue_m_l   M 
_diffrn_radiation.pdbx_wavelength_list             ? 
_diffrn_radiation.pdbx_wavelength                  ? 
_diffrn_radiation.pdbx_diffrn_protocol             'SINGLE WAVELENGTH' 
_diffrn_radiation.pdbx_analyzer                    ? 
_diffrn_radiation.pdbx_scattering_type             x-ray 
# 
_diffrn_radiation_wavelength.id           1 
_diffrn_radiation_wavelength.wavelength   1.000 
_diffrn_radiation_wavelength.wt           1.0 
# 
_diffrn_source.current                     ? 
_diffrn_source.details                     ? 
_diffrn_source.diffrn_id                   1 
_diffrn_source.power                       ? 
_diffrn_source.size                        ? 
_diffrn_source.source                      SYNCHROTRON 
_diffrn_source.target                      ? 
_diffrn_source.type                        'APS BEAMLINE 22-BM' 
_diffrn_source.voltage                     ? 
_diffrn_source.take-off_angle              ? 
_diffrn_source.pdbx_wavelength_list        1.000 
_diffrn_source.pdbx_wavelength             ? 
_diffrn_source.pdbx_synchrotron_beamline   22-BM 
_diffrn_source.pdbx_synchrotron_site       APS 
# 
_reflns.B_iso_Wilson_estimate            ? 
_reflns.entry_id                         7K0W 
_reflns.data_reduction_details           ? 
_reflns.data_reduction_method            ? 
_reflns.d_resolution_high                2.090 
_reflns.d_resolution_low                 50.000 
_reflns.details                          ? 
_reflns.limit_h_max                      ? 
_reflns.limit_h_min                      ? 
_reflns.limit_k_max                      ? 
_reflns.limit_k_min                      ? 
_reflns.limit_l_max                      ? 
_reflns.limit_l_min                      ? 
_reflns.number_all                       ? 
_reflns.number_obs                       15263 
_reflns.observed_criterion               ? 
_reflns.observed_criterion_F_max         ? 
_reflns.observed_criterion_F_min         ? 
_reflns.observed_criterion_I_max         ? 
_reflns.observed_criterion_I_min         ? 
_reflns.observed_criterion_sigma_F       ? 
_reflns.observed_criterion_sigma_I       ? 
_reflns.percent_possible_obs             92.500 
_reflns.R_free_details                   ? 
_reflns.Rmerge_F_all                     ? 
_reflns.Rmerge_F_obs                     ? 
_reflns.Friedel_coverage                 ? 
_reflns.number_gt                        ? 
_reflns.threshold_expression             ? 
_reflns.pdbx_redundancy                  8.700 
_reflns.pdbx_Rmerge_I_obs                0.090 
_reflns.pdbx_Rmerge_I_all                ? 
_reflns.pdbx_Rsym_value                  ? 
_reflns.pdbx_netI_over_av_sigmaI         ? 
_reflns.pdbx_netI_over_sigmaI            8.600 
_reflns.pdbx_res_netI_over_av_sigmaI_2   ? 
_reflns.pdbx_res_netI_over_sigmaI_2      ? 
_reflns.pdbx_chi_squared                 0.903 
_reflns.pdbx_scaling_rejects             ? 
_reflns.pdbx_d_res_high_opt              ? 
_reflns.pdbx_d_res_low_opt               ? 
_reflns.pdbx_d_res_opt_method            ? 
_reflns.phase_calculation_details        ? 
_reflns.pdbx_Rrim_I_all                  0.096 
_reflns.pdbx_Rpim_I_all                  0.031 
_reflns.pdbx_d_opt                       ? 
_reflns.pdbx_number_measured_all         132352 
_reflns.pdbx_diffrn_id                   1 
_reflns.pdbx_ordinal                     1 
_reflns.pdbx_CC_half                     ? 
_reflns.pdbx_CC_star                     ? 
_reflns.pdbx_R_split                     ? 
# 
loop_
_reflns_shell.d_res_high 
_reflns_shell.d_res_low 
_reflns_shell.meanI_over_sigI_all 
_reflns_shell.meanI_over_sigI_obs 
_reflns_shell.number_measured_all 
_reflns_shell.number_measured_obs 
_reflns_shell.number_possible 
_reflns_shell.number_unique_all 
_reflns_shell.number_unique_obs 
_reflns_shell.percent_possible_all 
_reflns_shell.percent_possible_obs 
_reflns_shell.Rmerge_F_all 
_reflns_shell.Rmerge_F_obs 
_reflns_shell.Rmerge_I_all 
_reflns_shell.Rmerge_I_obs 
_reflns_shell.meanI_over_sigI_gt 
_reflns_shell.meanI_over_uI_all 
_reflns_shell.meanI_over_uI_gt 
_reflns_shell.number_measured_gt 
_reflns_shell.number_unique_gt 
_reflns_shell.percent_possible_gt 
_reflns_shell.Rmerge_F_gt 
_reflns_shell.Rmerge_I_gt 
_reflns_shell.pdbx_redundancy 
_reflns_shell.pdbx_Rsym_value 
_reflns_shell.pdbx_chi_squared 
_reflns_shell.pdbx_netI_over_sigmaI_all 
_reflns_shell.pdbx_netI_over_sigmaI_obs 
_reflns_shell.pdbx_Rrim_I_all 
_reflns_shell.pdbx_Rpim_I_all 
_reflns_shell.pdbx_rejects 
_reflns_shell.pdbx_ordinal 
_reflns_shell.pdbx_diffrn_id 
_reflns_shell.pdbx_CC_half 
_reflns_shell.pdbx_CC_star 
_reflns_shell.pdbx_R_split 
2.090 2.160  ? ? ? ? ? ? 920  57.700  ? ? ? ? 0.562 ? ? ? ? ? ? ? ? 4.600  ? 0.650 ? ? 0.619 0.251 ? 1  1 0.835 ? ? 
2.160 2.250  ? ? ? ? ? ? 1232 75.500  ? ? ? ? 0.566 ? ? ? ? ? ? ? ? 5.500  ? 0.671 ? ? 0.616 0.234 ? 2  1 0.871 ? ? 
2.250 2.350  ? ? ? ? ? ? 1471 91.100  ? ? ? ? 0.593 ? ? ? ? ? ? ? ? 6.800  ? 0.701 ? ? 0.638 0.229 ? 3  1 0.865 ? ? 
2.350 2.480  ? ? ? ? ? ? 1609 98.900  ? ? ? ? 0.498 ? ? ? ? ? ? ? ? 8.700  ? 0.703 ? ? 0.530 0.176 ? 4  1 0.946 ? ? 
2.480 2.630  ? ? ? ? ? ? 1640 99.900  ? ? ? ? 0.388 ? ? ? ? ? ? ? ? 9.800  ? 0.760 ? ? 0.409 0.129 ? 5  1 0.968 ? ? 
2.630 2.840  ? ? ? ? ? ? 1625 99.900  ? ? ? ? 0.285 ? ? ? ? ? ? ? ? 10.000 ? 0.836 ? ? 0.301 0.094 ? 6  1 0.980 ? ? 
2.840 3.120  ? ? ? ? ? ? 1633 99.900  ? ? ? ? 0.158 ? ? ? ? ? ? ? ? 9.900  ? 0.932 ? ? 0.167 0.053 ? 7  1 0.993 ? ? 
3.120 3.570  ? ? ? ? ? ? 1669 100.000 ? ? ? ? 0.085 ? ? ? ? ? ? ? ? 9.900  ? 1.033 ? ? 0.090 0.028 ? 8  1 0.997 ? ? 
3.570 4.500  ? ? ? ? ? ? 1677 100.000 ? ? ? ? 0.059 ? ? ? ? ? ? ? ? 9.700  ? 1.077 ? ? 0.062 0.020 ? 9  1 0.998 ? ? 
4.500 50.000 ? ? ? ? ? ? 1787 99.900  ? ? ? ? 0.055 ? ? ? ? ? ? ? ? 8.900  ? 1.219 ? ? 0.059 0.020 ? 10 1 0.998 ? ? 
# 
_refine.aniso_B[1][1]                            ? 
_refine.aniso_B[1][2]                            ? 
_refine.aniso_B[1][3]                            ? 
_refine.aniso_B[2][2]                            ? 
_refine.aniso_B[2][3]                            ? 
_refine.aniso_B[3][3]                            ? 
_refine.B_iso_max                                120.160 
_refine.B_iso_mean                               50.5359 
_refine.B_iso_min                                26.600 
_refine.correlation_coeff_Fo_to_Fc               ? 
_refine.correlation_coeff_Fo_to_Fc_free          ? 
_refine.details                                  ? 
_refine.diff_density_max                         ? 
_refine.diff_density_max_esd                     ? 
_refine.diff_density_min                         ? 
_refine.diff_density_min_esd                     ? 
_refine.diff_density_rms                         ? 
_refine.diff_density_rms_esd                     ? 
_refine.entry_id                                 7K0W 
_refine.pdbx_refine_id                           'X-RAY DIFFRACTION' 
_refine.ls_abs_structure_details                 ? 
_refine.ls_abs_structure_Flack                   ? 
_refine.ls_abs_structure_Flack_esd               ? 
_refine.ls_abs_structure_Rogers                  ? 
_refine.ls_abs_structure_Rogers_esd              ? 
_refine.ls_d_res_high                            2.0900 
_refine.ls_d_res_low                             44.8600 
_refine.ls_extinction_coef                       ? 
_refine.ls_extinction_coef_esd                   ? 
_refine.ls_extinction_expression                 ? 
_refine.ls_extinction_method                     ? 
_refine.ls_goodness_of_fit_all                   ? 
_refine.ls_goodness_of_fit_all_esd               ? 
_refine.ls_goodness_of_fit_obs                   ? 
_refine.ls_goodness_of_fit_obs_esd               ? 
_refine.ls_hydrogen_treatment                    ? 
_refine.ls_matrix_type                           ? 
_refine.ls_number_constraints                    ? 
_refine.ls_number_parameters                     ? 
_refine.ls_number_reflns_all                     ? 
_refine.ls_number_reflns_obs                     15255 
_refine.ls_number_reflns_R_free                  806 
_refine.ls_number_reflns_R_work                  14449 
_refine.ls_number_restraints                     ? 
_refine.ls_percent_reflns_obs                    92.4500 
_refine.ls_percent_reflns_R_free                 5.2800 
_refine.ls_R_factor_all                          ? 
_refine.ls_R_factor_obs                          0.2180 
_refine.ls_R_factor_R_free                       0.2485 
_refine.ls_R_factor_R_free_error                 ? 
_refine.ls_R_factor_R_free_error_details         ? 
_refine.ls_R_factor_R_work                       0.2163 
_refine.ls_R_Fsqd_factor_obs                     ? 
_refine.ls_R_I_factor_obs                        ? 
_refine.ls_redundancy_reflns_all                 ? 
_refine.ls_redundancy_reflns_obs                 ? 
_refine.ls_restrained_S_all                      ? 
_refine.ls_restrained_S_obs                      ? 
_refine.ls_shift_over_esd_max                    ? 
_refine.ls_shift_over_esd_mean                   ? 
_refine.ls_structure_factor_coef                 ? 
_refine.ls_weighting_details                     ? 
_refine.ls_weighting_scheme                      ? 
_refine.ls_wR_factor_all                         ? 
_refine.ls_wR_factor_obs                         ? 
_refine.ls_wR_factor_R_free                      ? 
_refine.ls_wR_factor_R_work                      ? 
_refine.occupancy_max                            ? 
_refine.occupancy_min                            ? 
_refine.solvent_model_details                    'FLAT BULK SOLVENT MODEL' 
_refine.solvent_model_param_bsol                 ? 
_refine.solvent_model_param_ksol                 ? 
_refine.pdbx_R_complete                          ? 
_refine.ls_R_factor_gt                           ? 
_refine.ls_goodness_of_fit_gt                    ? 
_refine.ls_goodness_of_fit_ref                   ? 
_refine.ls_shift_over_su_max                     ? 
_refine.ls_shift_over_su_max_lt                  ? 
_refine.ls_shift_over_su_mean                    ? 
_refine.ls_shift_over_su_mean_lt                 ? 
_refine.pdbx_ls_sigma_I                          ? 
_refine.pdbx_ls_sigma_F                          1.350 
_refine.pdbx_ls_sigma_Fsqd                       ? 
_refine.pdbx_data_cutoff_high_absF               ? 
_refine.pdbx_data_cutoff_high_rms_absF           ? 
_refine.pdbx_data_cutoff_low_absF                ? 
_refine.pdbx_isotropic_thermal_model             ? 
_refine.pdbx_ls_cross_valid_method               THROUGHOUT 
_refine.pdbx_method_to_determine_struct          'MOLECULAR REPLACEMENT' 
_refine.pdbx_starting_model                      5DES 
_refine.pdbx_stereochemistry_target_values       ML 
_refine.pdbx_R_Free_selection_details            ? 
_refine.pdbx_stereochem_target_val_spec_case     ? 
_refine.pdbx_overall_ESU_R                       ? 
_refine.pdbx_overall_ESU_R_Free                  ? 
_refine.pdbx_solvent_vdw_probe_radii             1.1100 
_refine.pdbx_solvent_ion_probe_radii             ? 
_refine.pdbx_solvent_shrinkage_radii             0.9000 
_refine.pdbx_real_space_R                        ? 
_refine.pdbx_density_correlation                 ? 
_refine.pdbx_pd_number_of_powder_patterns        ? 
_refine.pdbx_pd_number_of_points                 ? 
_refine.pdbx_pd_meas_number_of_points            ? 
_refine.pdbx_pd_proc_ls_prof_R_factor            ? 
_refine.pdbx_pd_proc_ls_prof_wR_factor           ? 
_refine.pdbx_pd_Marquardt_correlation_coeff      ? 
_refine.pdbx_pd_Fsqrd_R_factor                   ? 
_refine.pdbx_pd_ls_matrix_band_width             ? 
_refine.pdbx_overall_phase_error                 33.6200 
_refine.pdbx_overall_SU_R_free_Cruickshank_DPI   ? 
_refine.pdbx_overall_SU_R_free_Blow_DPI          ? 
_refine.pdbx_overall_SU_R_Blow_DPI               ? 
_refine.pdbx_TLS_residual_ADP_flag               ? 
_refine.pdbx_diffrn_id                           1 
_refine.overall_SU_B                             ? 
_refine.overall_SU_ML                            0.3100 
_refine.overall_SU_R_Cruickshank_DPI             ? 
_refine.overall_SU_R_free                        ? 
_refine.overall_FOM_free_R_set                   ? 
_refine.overall_FOM_work_R_set                   ? 
_refine.pdbx_average_fsc_overall                 ? 
_refine.pdbx_average_fsc_work                    ? 
_refine.pdbx_average_fsc_free                    ? 
# 
_refine_hist.pdbx_refine_id                   'X-RAY DIFFRACTION' 
_refine_hist.cycle_id                         final 
_refine_hist.details                          ? 
_refine_hist.d_res_high                       2.0900 
_refine_hist.d_res_low                        44.8600 
_refine_hist.number_atoms_solvent             22 
_refine_hist.number_atoms_total               1530 
_refine_hist.number_reflns_all                ? 
_refine_hist.number_reflns_obs                ? 
_refine_hist.number_reflns_R_free             ? 
_refine_hist.number_reflns_R_work             ? 
_refine_hist.R_factor_all                     ? 
_refine_hist.R_factor_obs                     ? 
_refine_hist.R_factor_R_free                  ? 
_refine_hist.R_factor_R_work                  ? 
_refine_hist.pdbx_number_residues_total       179 
_refine_hist.pdbx_B_iso_mean_ligand           51.37 
_refine_hist.pdbx_B_iso_mean_solvent          45.04 
_refine_hist.pdbx_number_atoms_protein        1462 
_refine_hist.pdbx_number_atoms_nucleic_acid   0 
_refine_hist.pdbx_number_atoms_ligand         46 
_refine_hist.pdbx_number_atoms_lipid          ? 
_refine_hist.pdbx_number_atoms_carb           ? 
_refine_hist.pdbx_pseudo_atom_details         ? 
# 
loop_
_refine_ls_shell.pdbx_refine_id 
_refine_ls_shell.d_res_high 
_refine_ls_shell.d_res_low 
_refine_ls_shell.number_reflns_all 
_refine_ls_shell.number_reflns_obs 
_refine_ls_shell.number_reflns_R_free 
_refine_ls_shell.number_reflns_R_work 
_refine_ls_shell.percent_reflns_obs 
_refine_ls_shell.percent_reflns_R_free 
_refine_ls_shell.R_factor_all 
_refine_ls_shell.R_factor_obs 
_refine_ls_shell.R_factor_R_free 
_refine_ls_shell.R_factor_R_free_error 
_refine_ls_shell.R_factor_R_work 
_refine_ls_shell.redundancy_reflns_all 
_refine_ls_shell.redundancy_reflns_obs 
_refine_ls_shell.wR_factor_all 
_refine_ls_shell.wR_factor_obs 
_refine_ls_shell.wR_factor_R_free 
_refine_ls_shell.wR_factor_R_work 
_refine_ls_shell.pdbx_R_complete 
_refine_ls_shell.pdbx_total_number_of_bins_used 
_refine_ls_shell.pdbx_phase_error 
_refine_ls_shell.pdbx_fsc_work 
_refine_ls_shell.pdbx_fsc_free 
'X-RAY DIFFRACTION' 2.0900 2.2200  1709 . 89  1620 64.0000  . . . 0.3780 0.0000 0.2976 . . . . . . . 6 . . . 
'X-RAY DIFFRACTION' 2.2200 2.3900  2439 . 124 2315 90.0000  . . . 0.3618 0.0000 0.2862 . . . . . . . 6 . . . 
'X-RAY DIFFRACTION' 2.4000 2.6400  2723 . 126 2597 100.0000 . . . 0.3463 0.0000 0.2753 . . . . . . . 6 . . . 
'X-RAY DIFFRACTION' 2.6400 3.0200  2713 . 148 2565 100.0000 . . . 0.3406 0.0000 0.2596 . . . . . . . 6 . . . 
'X-RAY DIFFRACTION' 3.0200 3.8000  2759 . 146 2613 100.0000 . . . 0.2310 0.0000 0.2100 . . . . . . . 6 . . . 
'X-RAY DIFFRACTION' 3.8000 44.8600 2912 . 173 2739 100.0000 . . . 0.1980 0.0000 0.1806 . . . . . . . 6 . . . 
# 
_struct.entry_id                     7K0W 
_struct.title                        
;The crystal structure of the 2009/H1N1/California PA endonuclease (construct with truncated loop 51-72) in complex with Baloxavir acid
;
_struct.pdbx_model_details           ? 
_struct.pdbx_formula_weight          ? 
_struct.pdbx_formula_weight_method   ? 
_struct.pdbx_model_type_details      ? 
_struct.pdbx_CASP_flag               N 
# 
_struct_keywords.entry_id        7K0W 
_struct_keywords.text            'hydrolase, virus, nuclease, cap-snatching, VIRAL PROTEIN' 
_struct_keywords.pdbx_keywords   'VIRAL PROTEIN, HYDROLASE' 
# 
loop_
_struct_asym.id 
_struct_asym.pdbx_blank_PDB_chainid_flag 
_struct_asym.pdbx_modified 
_struct_asym.entity_id 
_struct_asym.details 
A N N 1 ? 
B N N 2 ? 
C N N 3 ? 
D N N 3 ? 
E N N 4 ? 
F N N 4 ? 
G N N 5 ? 
# 
loop_
_struct_conf.conf_type_id 
_struct_conf.id 
_struct_conf.pdbx_PDB_helix_id 
_struct_conf.beg_label_comp_id 
_struct_conf.beg_label_asym_id 
_struct_conf.beg_label_seq_id 
_struct_conf.pdbx_beg_PDB_ins_code 
_struct_conf.end_label_comp_id 
_struct_conf.end_label_asym_id 
_struct_conf.end_label_seq_id 
_struct_conf.pdbx_end_PDB_ins_code 
_struct_conf.beg_auth_comp_id 
_struct_conf.beg_auth_asym_id 
_struct_conf.beg_auth_seq_id 
_struct_conf.end_auth_comp_id 
_struct_conf.end_auth_asym_id 
_struct_conf.end_auth_seq_id 
_struct_conf.pdbx_PDB_helix_class 
_struct_conf.details 
_struct_conf.pdbx_PDB_helix_length 
HELX_P HELX_P1 AA1 SER A 19  ? PHE A 29  ? SER A -1  PHE A 9   1 ? 11 
HELX_P HELX_P2 AA2 ASN A 30  ? TYR A 44  ? ASN A 10  TYR A 24  1 ? 15 
HELX_P HELX_P3 AA3 GLU A 51  ? ASP A 70  ? GLU A 31  ASP A 50  1 ? 20 
HELX_P HELX_P4 AA4 ASP A 84  ? GLY A 100 ? ASP A 83  GLY A 99  1 ? 17 
HELX_P HELX_P5 AA5 GLU A 127 ? LYS A 140 ? GLU A 126 LYS A 139 1 ? 14 
HELX_P HELX_P6 AA6 LYS A 159 ? ASP A 161 ? LYS A 158 ASP A 160 5 ? 3  
HELX_P HELX_P7 AA7 ASP A 165 ? ARG A 186 ? ASP A 164 ARG A 185 1 ? 22 
HELX_P HELX_P8 AA8 LEU A 188 ? GLN A 194 ? LEU A 187 GLN A 193 1 ? 7  
# 
_struct_conf_type.id          HELX_P 
_struct_conf_type.criteria    ? 
_struct_conf_type.reference   ? 
# 
loop_
_struct_conn.id 
_struct_conn.conn_type_id 
_struct_conn.pdbx_leaving_atom_flag 
_struct_conn.pdbx_PDB_id 
_struct_conn.ptnr1_label_asym_id 
_struct_conn.ptnr1_label_comp_id 
_struct_conn.ptnr1_label_seq_id 
_struct_conn.ptnr1_label_atom_id 
_struct_conn.pdbx_ptnr1_label_alt_id 
_struct_conn.pdbx_ptnr1_PDB_ins_code 
_struct_conn.pdbx_ptnr1_standard_comp_id 
_struct_conn.ptnr1_symmetry 
_struct_conn.ptnr2_label_asym_id 
_struct_conn.ptnr2_label_comp_id 
_struct_conn.ptnr2_label_seq_id 
_struct_conn.ptnr2_label_atom_id 
_struct_conn.pdbx_ptnr2_label_alt_id 
_struct_conn.pdbx_ptnr2_PDB_ins_code 
_struct_conn.ptnr1_auth_asym_id 
_struct_conn.ptnr1_auth_comp_id 
_struct_conn.ptnr1_auth_seq_id 
_struct_conn.ptnr2_auth_asym_id 
_struct_conn.ptnr2_auth_comp_id 
_struct_conn.ptnr2_auth_seq_id 
_struct_conn.ptnr2_symmetry 
_struct_conn.pdbx_ptnr3_label_atom_id 
_struct_conn.pdbx_ptnr3_label_seq_id 
_struct_conn.pdbx_ptnr3_label_comp_id 
_struct_conn.pdbx_ptnr3_label_asym_id 
_struct_conn.pdbx_ptnr3_label_alt_id 
_struct_conn.pdbx_ptnr3_PDB_ins_code 
_struct_conn.details 
_struct_conn.pdbx_dist_value 
_struct_conn.pdbx_value_order 
_struct_conn.pdbx_role 
metalc1  metalc ? ? A HIS 61  NE2 ? ? ? 1_555 C MN  . MN ? ? A HIS 41  A MN  202 1_555 ? ? ? ? ? ? ? 2.195 ? ? 
metalc2  metalc ? ? A GLU 81  OE1 ? ? ? 1_555 D MN  . MN ? ? A GLU 80  A MN  203 1_555 ? ? ? ? ? ? ? 2.304 ? ? 
metalc3  metalc ? ? A ASP 109 OD2 ? ? ? 1_555 C MN  . MN ? ? A ASP 108 A MN  202 1_555 ? ? ? ? ? ? ? 2.055 ? ? 
metalc4  metalc ? ? A ASP 109 OD1 ? ? ? 1_555 D MN  . MN ? ? A ASP 108 A MN  203 1_555 ? ? ? ? ? ? ? 2.181 ? ? 
metalc5  metalc ? ? A GLU 120 OE1 ? ? ? 1_555 C MN  . MN ? ? A GLU 119 A MN  202 1_555 ? ? ? ? ? ? ? 2.125 ? ? 
metalc6  metalc ? ? A ILE 121 O   ? ? ? 1_555 C MN  . MN ? ? A ILE 120 A MN  202 1_555 ? ? ? ? ? ? ? 2.192 ? ? 
metalc7  metalc ? ? B E4Z .   O1  ? ? ? 1_555 C MN  . MN ? ? A E4Z 201 A MN  202 1_555 ? ? ? ? ? ? ? 2.022 ? ? 
metalc8  metalc ? ? B E4Z .   O2  ? ? ? 1_555 C MN  . MN ? ? A E4Z 201 A MN  202 1_555 ? ? ? ? ? ? ? 2.348 ? ? 
metalc9  metalc ? ? B E4Z .   O2  ? ? ? 1_555 D MN  . MN ? ? A E4Z 201 A MN  203 1_555 ? ? ? ? ? ? ? 2.081 ? ? 
metalc10 metalc ? ? B E4Z .   O3  ? ? ? 1_555 D MN  . MN ? ? A E4Z 201 A MN  203 1_555 ? ? ? ? ? ? ? 1.910 ? ? 
metalc11 metalc ? ? D MN  .   MN  ? ? ? 1_555 G HOH . O  ? ? A MN  203 A HOH 301 1_555 ? ? ? ? ? ? ? 2.412 ? ? 
metalc12 metalc ? ? D MN  .   MN  ? ? ? 1_555 G HOH . O  ? ? A MN  203 A HOH 302 1_555 ? ? ? ? ? ? ? 2.264 ? ? 
# 
_struct_conn_type.id          metalc 
_struct_conn_type.criteria    ? 
_struct_conn_type.reference   ? 
# 
_struct_sheet.id               AA1 
_struct_sheet.type             ? 
_struct_sheet.number_strands   5 
_struct_sheet.details          ? 
# 
loop_
_struct_sheet_order.sheet_id 
_struct_sheet_order.range_id_1 
_struct_sheet_order.range_id_2 
_struct_sheet_order.offset 
_struct_sheet_order.sense 
AA1 1 2 ? anti-parallel 
AA1 2 3 ? anti-parallel 
AA1 3 4 ? parallel      
AA1 4 5 ? anti-parallel 
# 
loop_
_struct_sheet_range.sheet_id 
_struct_sheet_range.id 
_struct_sheet_range.beg_label_comp_id 
_struct_sheet_range.beg_label_asym_id 
_struct_sheet_range.beg_label_seq_id 
_struct_sheet_range.pdbx_beg_PDB_ins_code 
_struct_sheet_range.end_label_comp_id 
_struct_sheet_range.end_label_asym_id 
_struct_sheet_range.end_label_seq_id 
_struct_sheet_range.pdbx_end_PDB_ins_code 
_struct_sheet_range.beg_auth_comp_id 
_struct_sheet_range.beg_auth_asym_id 
_struct_sheet_range.beg_auth_seq_id 
_struct_sheet_range.end_auth_comp_id 
_struct_sheet_range.end_auth_asym_id 
_struct_sheet_range.end_auth_seq_id 
AA1 1 PHE A 77  ? ILE A 79  ? PHE A 76  ILE A 78  
AA1 2 LEU A 110 ? ASP A 112 ? LEU A 109 ASP A 111 
AA1 3 ARG A 117 ? THR A 124 ? ARG A 116 THR A 123 
AA1 4 HIS A 145 ? SER A 150 ? HIS A 144 SER A 149 
AA1 5 GLU A 155 ? ALA A 157 ? GLU A 154 ALA A 156 
# 
loop_
_pdbx_struct_sheet_hbond.sheet_id 
_pdbx_struct_sheet_hbond.range_id_1 
_pdbx_struct_sheet_hbond.range_id_2 
_pdbx_struct_sheet_hbond.range_1_label_atom_id 
_pdbx_struct_sheet_hbond.range_1_label_comp_id 
_pdbx_struct_sheet_hbond.range_1_label_asym_id 
_pdbx_struct_sheet_hbond.range_1_label_seq_id 
_pdbx_struct_sheet_hbond.range_1_PDB_ins_code 
_pdbx_struct_sheet_hbond.range_1_auth_atom_id 
_pdbx_struct_sheet_hbond.range_1_auth_comp_id 
_pdbx_struct_sheet_hbond.range_1_auth_asym_id 
_pdbx_struct_sheet_hbond.range_1_auth_seq_id 
_pdbx_struct_sheet_hbond.range_2_label_atom_id 
_pdbx_struct_sheet_hbond.range_2_label_comp_id 
_pdbx_struct_sheet_hbond.range_2_label_asym_id 
_pdbx_struct_sheet_hbond.range_2_label_seq_id 
_pdbx_struct_sheet_hbond.range_2_PDB_ins_code 
_pdbx_struct_sheet_hbond.range_2_auth_atom_id 
_pdbx_struct_sheet_hbond.range_2_auth_comp_id 
_pdbx_struct_sheet_hbond.range_2_auth_asym_id 
_pdbx_struct_sheet_hbond.range_2_auth_seq_id 
AA1 1 2 N GLU A 78  ? N GLU A 77  O TYR A 111 ? O TYR A 110 
AA1 2 3 N ASP A 112 ? N ASP A 111 O ARG A 117 ? O ARG A 116 
AA1 3 4 N GLY A 122 ? N GLY A 121 O PHE A 149 ? O PHE A 148 
AA1 4 5 N ILE A 148 ? N ILE A 147 O MET A 156 ? O MET A 155 
# 
_atom_sites.entry_id                    7K0W 
_atom_sites.Cartn_transf_matrix[1][1]   ? 
_atom_sites.Cartn_transf_matrix[1][2]   ? 
_atom_sites.Cartn_transf_matrix[1][3]   ? 
_atom_sites.Cartn_transf_matrix[2][1]   ? 
_atom_sites.Cartn_transf_matrix[2][2]   ? 
_atom_sites.Cartn_transf_matrix[2][3]   ? 
_atom_sites.Cartn_transf_matrix[3][1]   ? 
_atom_sites.Cartn_transf_matrix[3][2]   ? 
_atom_sites.Cartn_transf_matrix[3][3]   ? 
_atom_sites.Cartn_transf_vector[1]      ? 
_atom_sites.Cartn_transf_vector[2]      ? 
_atom_sites.Cartn_transf_vector[3]      ? 
_atom_sites.fract_transf_matrix[1][1]   -0.00815281 
_atom_sites.fract_transf_matrix[1][2]   -0.00758349 
_atom_sites.fract_transf_matrix[1][3]   -0.00050574 
_atom_sites.fract_transf_matrix[2][1]   0.00593603 
_atom_sites.fract_transf_matrix[2][2]   -0.00681659 
_atom_sites.fract_transf_matrix[2][3]   0.00652158 
_atom_sites.fract_transf_matrix[3][1]   -0.00318359 
_atom_sites.fract_transf_matrix[3][2]   0.00301891 
_atom_sites.fract_transf_matrix[3][3]   0.00605322 
_atom_sites.fract_transf_vector[1]      0.268073 
_atom_sites.fract_transf_vector[2]      -0.075502 
_atom_sites.fract_transf_vector[3]      0.138165 
_atom_sites.solution_primary            ? 
_atom_sites.solution_secondary          ? 
_atom_sites.solution_hydrogens          ? 
_atom_sites.special_details             ? 
# 
loop_
_atom_type.symbol 
C  
F  
MN 
N  
O  
S  
# 
loop_
_atom_site.group_PDB 
_atom_site.id 
_atom_site.type_symbol 
_atom_site.label_atom_id 
_atom_site.label_alt_id 
_atom_site.label_comp_id 
_atom_site.label_asym_id 
_atom_site.label_entity_id 
_atom_site.label_seq_id 
_atom_site.pdbx_PDB_ins_code 
_atom_site.Cartn_x 
_atom_site.Cartn_y 
_atom_site.Cartn_z 
_atom_site.occupancy 
_atom_site.B_iso_or_equiv 
_atom_site.pdbx_formal_charge 
_atom_site.auth_seq_id 
_atom_site.auth_comp_id 
_atom_site.auth_asym_id 
_atom_site.auth_atom_id 
_atom_site.pdbx_PDB_model_num 
ATOM   1    N  N   . GLY A 1 18  ? 0.775   -6.213  -25.576 1.00 63.81  ? -2  GLY A N   1 
ATOM   2    C  CA  . GLY A 1 18  ? 1.237   -5.164  -24.683 1.00 53.74  ? -2  GLY A CA  1 
ATOM   3    C  C   . GLY A 1 18  ? 0.208   -4.055  -24.534 1.00 72.20  ? -2  GLY A C   1 
ATOM   4    O  O   . GLY A 1 18  ? -0.298  -3.540  -25.533 1.00 60.70  ? -2  GLY A O   1 
ATOM   5    N  N   . SER A 1 19  ? -0.110  -3.686  -23.290 1.00 69.90  ? -1  SER A N   1 
ATOM   6    C  CA  . SER A 1 19  ? -1.123  -2.674  -23.018 1.00 63.87  ? -1  SER A CA  1 
ATOM   7    C  C   . SER A 1 19  ? -0.548  -1.267  -23.024 1.00 48.92  ? -1  SER A C   1 
ATOM   8    O  O   . SER A 1 19  ? 0.654   -1.055  -22.839 1.00 54.20  ? -1  SER A O   1 
ATOM   9    C  CB  . SER A 1 19  ? -1.807  -2.913  -21.673 1.00 52.30  ? -1  SER A CB  1 
ATOM   10   O  OG  . SER A 1 19  ? -2.681  -4.021  -21.747 1.00 72.19  ? -1  SER A OG  1 
ATOM   11   N  N   . HIS A 1 20  ? -1.440  -0.298  -23.241 1.00 60.33  ? 0   HIS A N   1 
ATOM   12   C  CA  . HIS A 1 20  ? -1.125  1.088   -22.926 1.00 60.08  ? 0   HIS A CA  1 
ATOM   13   C  C   . HIS A 1 20  ? -0.764  1.165   -21.447 1.00 57.04  ? 0   HIS A C   1 
ATOM   14   O  O   . HIS A 1 20  ? 0.117   1.931   -21.034 1.00 51.93  ? 0   HIS A O   1 
ATOM   15   C  CB  . HIS A 1 20  ? -2.344  1.983   -23.172 1.00 67.54  ? 0   HIS A CB  1 
ATOM   16   C  CG  . HIS A 1 20  ? -2.016  3.423   -23.462 1.00 68.97  ? 0   HIS A CG  1 
ATOM   17   N  ND1 . HIS A 1 20  ? -1.493  4.286   -22.523 1.00 80.08  ? 0   HIS A ND1 1 
ATOM   18   C  CD2 . HIS A 1 20  ? -2.377  4.204   -24.512 1.00 72.70  ? 0   HIS A CD2 1 
ATOM   19   C  CE1 . HIS A 1 20  ? -1.382  5.492   -23.051 1.00 66.92  ? 0   HIS A CE1 1 
ATOM   20   N  NE2 . HIS A 1 20  ? -1.937  5.477   -24.249 1.00 66.94  ? 0   HIS A NE2 1 
ATOM   21   N  N   . MET A 1 21  ? -1.447  0.349   -20.636 1.00 54.31  ? 1   MET A N   1 
ATOM   22   C  CA  . MET A 1 21  ? -1.311  0.424   -19.189 1.00 53.01  ? 1   MET A CA  1 
ATOM   23   C  C   . MET A 1 21  ? 0.043   -0.084  -18.748 1.00 52.63  ? 1   MET A C   1 
ATOM   24   O  O   . MET A 1 21  ? 0.675   0.510   -17.868 1.00 48.90  ? 1   MET A O   1 
ATOM   25   C  CB  . MET A 1 21  ? -2.424  -0.374  -18.518 1.00 60.69  ? 1   MET A CB  1 
ATOM   26   C  CG  . MET A 1 21  ? -2.397  -0.346  -16.987 1.00 53.72  ? 1   MET A CG  1 
ATOM   27   S  SD  . MET A 1 21  ? -2.435  1.317   -16.286 1.00 52.32  ? 1   MET A SD  1 
ATOM   28   C  CE  . MET A 1 21  ? -4.196  1.556   -16.086 1.00 49.81  ? 1   MET A CE  1 
ATOM   29   N  N   . GLU A 1 22  ? 0.510   -1.179  -19.350 1.00 50.42  ? 2   GLU A N   1 
ATOM   30   C  CA  . GLU A 1 22  ? 1.817   -1.694  -18.971 1.00 49.91  ? 2   GLU A CA  1 
ATOM   31   C  C   . GLU A 1 22  ? 2.902   -0.675  -19.286 1.00 45.77  ? 2   GLU A C   1 
ATOM   32   O  O   . GLU A 1 22  ? 3.812   -0.454  -18.476 1.00 46.52  ? 2   GLU A O   1 
ATOM   33   C  CB  . GLU A 1 22  ? 2.095   -3.018  -19.683 1.00 54.36  ? 2   GLU A CB  1 
ATOM   34   C  CG  . GLU A 1 22  ? 2.971   -3.953  -18.866 1.00 57.95  ? 2   GLU A CG  1 
ATOM   35   C  CD  . GLU A 1 22  ? 3.654   -5.028  -19.697 1.00 67.18  ? 2   GLU A CD  1 
ATOM   36   O  OE1 . GLU A 1 22  ? 2.978   -5.667  -20.540 1.00 61.27  ? 2   GLU A OE1 1 
ATOM   37   O  OE2 . GLU A 1 22  ? 4.879   -5.210  -19.508 1.00 63.80  ? 2   GLU A OE2 1 
ATOM   38   N  N   . ASP A 1 23  ? 2.804   -0.015  -20.447 1.00 42.13  ? 3   ASP A N   1 
ATOM   39   C  CA  . ASP A 1 23  ? 3.795   0.996   -20.811 1.00 43.51  ? 3   ASP A CA  1 
ATOM   40   C  C   . ASP A 1 23  ? 3.717   2.206   -19.884 1.00 48.21  ? 3   ASP A C   1 
ATOM   41   O  O   . ASP A 1 23  ? 4.748   2.754   -19.481 1.00 40.40  ? 3   ASP A O   1 
ATOM   42   C  CB  . ASP A 1 23  ? 3.606   1.432   -22.262 1.00 44.90  ? 3   ASP A CB  1 
ATOM   43   C  CG  . ASP A 1 23  ? 4.037   0.351   -23.280 1.00 54.34  ? 3   ASP A CG  1 
ATOM   44   O  OD1 . ASP A 1 23  ? 4.976   -0.429  -23.014 1.00 43.70  ? 3   ASP A OD1 1 
ATOM   45   O  OD2 . ASP A 1 23  ? 3.439   0.303   -24.371 1.00 48.25  ? 3   ASP A OD2 1 
ATOM   46   N  N   . PHE A 1 24  ? 2.501   2.643   -19.551 1.00 50.01  ? 4   PHE A N   1 
ATOM   47   C  CA  . PHE A 1 24  ? 2.336   3.770   -18.639 1.00 43.17  ? 4   PHE A CA  1 
ATOM   48   C  C   . PHE A 1 24  ? 2.941   3.462   -17.274 1.00 35.01  ? 4   PHE A C   1 
ATOM   49   O  O   . PHE A 1 24  ? 3.662   4.285   -16.703 1.00 43.48  ? 4   PHE A O   1 
ATOM   50   C  CB  . PHE A 1 24  ? 0.853   4.121   -18.497 1.00 48.12  ? 4   PHE A CB  1 
ATOM   51   C  CG  . PHE A 1 24  ? 0.559   4.987   -17.308 1.00 46.35  ? 4   PHE A CG  1 
ATOM   52   C  CD1 . PHE A 1 24  ? 0.846   6.344   -17.341 1.00 42.25  ? 4   PHE A CD1 1 
ATOM   53   C  CD2 . PHE A 1 24  ? 0.050   4.436   -16.146 1.00 36.93  ? 4   PHE A CD2 1 
ATOM   54   C  CE1 . PHE A 1 24  ? 0.604   7.136   -16.258 1.00 39.41  ? 4   PHE A CE1 1 
ATOM   55   C  CE2 . PHE A 1 24  ? -0.189  5.227   -15.043 1.00 42.47  ? 4   PHE A CE2 1 
ATOM   56   C  CZ  . PHE A 1 24  ? 0.084   6.578   -15.100 1.00 35.48  ? 4   PHE A CZ  1 
ATOM   57   N  N   . VAL A 1 25  ? 2.655   2.278   -16.735 1.00 38.20  ? 5   VAL A N   1 
ATOM   58   C  CA  . VAL A 1 25  ? 3.202   1.897   -15.434 1.00 40.25  ? 5   VAL A CA  1 
ATOM   59   C  C   . VAL A 1 25  ? 4.721   2.009   -15.443 1.00 49.06  ? 5   VAL A C   1 
ATOM   60   O  O   . VAL A 1 25  ? 5.330   2.531   -14.497 1.00 38.40  ? 5   VAL A O   1 
ATOM   61   C  CB  . VAL A 1 25  ? 2.739   0.478   -15.050 1.00 44.29  ? 5   VAL A CB  1 
ATOM   62   C  CG1 . VAL A 1 25  ? 3.489   -0.020  -13.832 1.00 39.67  ? 5   VAL A CG1 1 
ATOM   63   C  CG2 . VAL A 1 25  ? 1.243   0.460   -14.777 1.00 50.75  ? 5   VAL A CG2 1 
ATOM   64   N  N   . ARG A 1 26  ? 5.351   1.554   -16.533 1.00 47.47  ? 6   ARG A N   1 
ATOM   65   C  CA  . ARG A 1 26  ? 6.804   1.545   -16.617 1.00 43.01  ? 6   ARG A CA  1 
ATOM   66   C  C   . ARG A 1 26  ? 7.393   2.940   -16.766 1.00 38.23  ? 6   ARG A C   1 
ATOM   67   O  O   . ARG A 1 26  ? 8.542   3.147   -16.367 1.00 45.20  ? 6   ARG A O   1 
ATOM   68   C  CB  . ARG A 1 26  ? 7.253   0.648   -17.779 1.00 51.84  ? 6   ARG A CB  1 
ATOM   69   C  CG  . ARG A 1 26  ? 6.947   -0.832  -17.548 1.00 46.48  ? 6   ARG A CG  1 
ATOM   70   C  CD  . ARG A 1 26  ? 7.484   -1.754  -18.661 1.00 58.73  ? 6   ARG A CD  1 
ATOM   71   N  NE  . ARG A 1 26  ? 6.894   -3.087  -18.536 1.00 48.88  ? 6   ARG A NE  1 
ATOM   72   C  CZ  . ARG A 1 26  ? 7.246   -3.961  -17.598 1.00 52.79  ? 6   ARG A CZ  1 
ATOM   73   N  NH1 . ARG A 1 26  ? 8.202   -3.645  -16.731 1.00 51.51  ? 6   ARG A NH1 1 
ATOM   74   N  NH2 . ARG A 1 26  ? 6.650   -5.142  -17.523 1.00 46.46  ? 6   ARG A NH2 1 
ATOM   75   N  N   . GLN A 1 27  ? 6.651   3.906   -17.310 1.00 39.48  ? 7   GLN A N   1 
ATOM   76   C  CA  . GLN A 1 27  ? 7.202   5.251   -17.404 1.00 41.43  ? 7   GLN A CA  1 
ATOM   77   C  C   . GLN A 1 27  ? 6.755   6.131   -16.231 1.00 53.70  ? 7   GLN A C   1 
ATOM   78   O  O   . GLN A 1 27  ? 7.360   7.181   -15.996 1.00 60.82  ? 7   GLN A O   1 
ATOM   79   C  CB  . GLN A 1 27  ? 6.809   5.893   -18.753 1.00 58.16  ? 7   GLN A CB  1 
ATOM   80   C  CG  . GLN A 1 27  ? 5.409   6.481   -18.844 1.00 60.78  ? 7   GLN A CG  1 
ATOM   81   C  CD  . GLN A 1 27  ? 5.444   7.997   -18.608 1.00 73.36  ? 7   GLN A CD  1 
ATOM   82   O  OE1 . GLN A 1 27  ? 6.393   8.671   -19.038 1.00 75.16  ? 7   GLN A OE1 1 
ATOM   83   N  NE2 . GLN A 1 27  ? 4.466   8.525   -17.863 1.00 74.60  ? 7   GLN A NE2 1 
ATOM   84   N  N   . CYS A 1 28  ? 5.747   5.705   -15.460 1.00 44.50  ? 8   CYS A N   1 
ATOM   85   C  CA  . CYS A 1 28  ? 5.209   6.459   -14.328 1.00 40.58  ? 8   CYS A CA  1 
ATOM   86   C  C   . CYS A 1 28  ? 5.918   6.152   -13.011 1.00 41.12  ? 8   CYS A C   1 
ATOM   87   O  O   . CYS A 1 28  ? 6.062   7.041   -12.160 1.00 40.61  ? 8   CYS A O   1 
ATOM   88   C  CB  . CYS A 1 28  ? 3.709   6.167   -14.186 1.00 38.29  ? 8   CYS A CB  1 
ATOM   89   S  SG  . CYS A 1 28  ? 2.817   6.905   -12.741 1.00 50.10  ? 8   CYS A SG  1 
ATOM   90   N  N   . PHE A 1 29  ? 6.337   4.908   -12.807 1.00 34.46  ? 9   PHE A N   1 
ATOM   91   C  CA  . PHE A 1 29  ? 6.909   4.451   -11.547 1.00 33.30  ? 9   PHE A CA  1 
ATOM   92   C  C   . PHE A 1 29  ? 8.401   4.222   -11.699 1.00 46.04  ? 9   PHE A C   1 
ATOM   93   O  O   . PHE A 1 29  ? 8.894   3.982   -12.801 1.00 40.29  ? 9   PHE A O   1 
ATOM   94   C  CB  . PHE A 1 29  ? 6.225   3.166   -11.077 1.00 35.24  ? 9   PHE A CB  1 
ATOM   95   C  CG  . PHE A 1 29  ? 4.794   3.378   -10.683 1.00 38.67  ? 9   PHE A CG  1 
ATOM   96   C  CD1 . PHE A 1 29  ? 4.485   3.911   -9.449  1.00 38.81  ? 9   PHE A CD1 1 
ATOM   97   C  CD2 . PHE A 1 29  ? 3.766   3.122   -11.576 1.00 38.24  ? 9   PHE A CD2 1 
ATOM   98   C  CE1 . PHE A 1 29  ? 3.164   4.133   -9.087  1.00 40.00  ? 9   PHE A CE1 1 
ATOM   99   C  CE2 . PHE A 1 29  ? 2.453   3.348   -11.222 1.00 35.34  ? 9   PHE A CE2 1 
ATOM   100  C  CZ  . PHE A 1 29  ? 2.158   3.845   -9.978  1.00 32.92  ? 9   PHE A CZ  1 
ATOM   101  N  N   . ASN A 1 30  ? 9.131   4.285   -10.596 1.00 46.32  ? 10  ASN A N   1 
ATOM   102  C  CA  . ASN A 1 30  ? 10.558  4.162   -10.814 1.00 48.07  ? 10  ASN A CA  1 
ATOM   103  C  C   . ASN A 1 30  ? 10.878  2.679   -10.952 1.00 53.40  ? 10  ASN A C   1 
ATOM   104  O  O   . ASN A 1 30  ? 10.095  1.822   -10.511 1.00 39.57  ? 10  ASN A O   1 
ATOM   105  C  CB  . ASN A 1 30  ? 11.345  4.844   -9.684  1.00 55.96  ? 10  ASN A CB  1 
ATOM   106  C  CG  . ASN A 1 30  ? 11.410  4.044   -8.381  1.00 61.68  ? 10  ASN A CG  1 
ATOM   107  O  OD1 . ASN A 1 30  ? 11.199  2.824   -8.335  1.00 71.22  ? 10  ASN A OD1 1 
ATOM   108  N  ND2 . ASN A 1 30  ? 11.622  4.773   -7.282  1.00 80.83  ? 10  ASN A ND2 1 
ATOM   109  N  N   . PRO A 1 31  ? 12.006  2.339   -11.580 1.00 54.67  ? 11  PRO A N   1 
ATOM   110  C  CA  . PRO A 1 31  ? 12.262  0.923   -11.883 1.00 34.05  ? 11  PRO A CA  1 
ATOM   111  C  C   . PRO A 1 31  ? 12.300  0.014   -10.665 1.00 36.11  ? 11  PRO A C   1 
ATOM   112  O  O   . PRO A 1 31  ? 11.869  -1.141  -10.764 1.00 46.17  ? 11  PRO A O   1 
ATOM   113  C  CB  . PRO A 1 31  ? 13.618  0.972   -12.596 1.00 45.69  ? 11  PRO A CB  1 
ATOM   114  C  CG  . PRO A 1 31  ? 13.669  2.338   -13.184 1.00 41.42  ? 11  PRO A CG  1 
ATOM   115  C  CD  . PRO A 1 31  ? 13.037  3.214   -12.164 1.00 42.32  ? 11  PRO A CD  1 
ATOM   116  N  N   . MET A 1 32  ? 12.791  0.486   -9.516  1.00 37.85  ? 12  MET A N   1 
ATOM   117  C  CA  . MET A 1 32  ? 12.781  -0.364  -8.331  1.00 43.84  ? 12  MET A CA  1 
ATOM   118  C  C   . MET A 1 32  ? 11.364  -0.807  -7.993  1.00 49.56  ? 12  MET A C   1 
ATOM   119  O  O   . MET A 1 32  ? 11.119  -1.980  -7.684  1.00 43.45  ? 12  MET A O   1 
ATOM   120  C  CB  . MET A 1 32  ? 13.394  0.362   -7.136  1.00 52.22  ? 12  MET A CB  1 
ATOM   121  C  CG  . MET A 1 32  ? 13.223  -0.434  -5.833  1.00 60.08  ? 12  MET A CG  1 
ATOM   122  S  SD  . MET A 1 32  ? 13.516  0.466   -4.286  1.00 99.75  ? 12  MET A SD  1 
ATOM   123  C  CE  . MET A 1 32  ? 12.095  1.560   -4.229  1.00 66.20  ? 12  MET A CE  1 
ATOM   124  N  N   . ILE A 1 33  ? 10.410  0.120   -8.061  1.00 46.55  ? 13  ILE A N   1 
ATOM   125  C  CA  . ILE A 1 33  ? 9.047   -0.218  -7.669  1.00 40.94  ? 13  ILE A CA  1 
ATOM   126  C  C   . ILE A 1 33  ? 8.417   -1.162  -8.685  1.00 40.48  ? 13  ILE A C   1 
ATOM   127  O  O   . ILE A 1 33  ? 7.804   -2.169  -8.309  1.00 37.85  ? 13  ILE A O   1 
ATOM   128  C  CB  . ILE A 1 33  ? 8.225   1.065   -7.468  1.00 38.65  ? 13  ILE A CB  1 
ATOM   129  C  CG1 . ILE A 1 33  ? 8.549   1.631   -6.082  1.00 47.40  ? 13  ILE A CG1 1 
ATOM   130  C  CG2 . ILE A 1 33  ? 6.728   0.772   -7.638  1.00 37.81  ? 13  ILE A CG2 1 
ATOM   131  C  CD1 . ILE A 1 33  ? 8.263   3.088   -5.914  1.00 59.52  ? 13  ILE A CD1 1 
ATOM   132  N  N   . VAL A 1 34  ? 8.579   -0.874  -9.984  1.00 38.24  ? 14  VAL A N   1 
ATOM   133  C  CA  . VAL A 1 34  ? 8.046   -1.772  -11.006 1.00 43.10  ? 14  VAL A CA  1 
ATOM   134  C  C   . VAL A 1 34  ? 8.592   -3.178  -10.810 1.00 47.80  ? 14  VAL A C   1 
ATOM   135  O  O   . VAL A 1 34  ? 7.855   -4.172  -10.866 1.00 43.24  ? 14  VAL A O   1 
ATOM   136  C  CB  . VAL A 1 34  ? 8.377   -1.253  -12.415 1.00 43.99  ? 14  VAL A CB  1 
ATOM   137  C  CG1 . VAL A 1 34  ? 7.880   -2.243  -13.448 1.00 41.82  ? 14  VAL A CG1 1 
ATOM   138  C  CG2 . VAL A 1 34  ? 7.786   0.135   -12.639 1.00 38.40  ? 14  VAL A CG2 1 
ATOM   139  N  N   . GLU A 1 35  ? 9.895   -3.276  -10.568 1.00 45.06  ? 15  GLU A N   1 
ATOM   140  C  CA  . GLU A 1 35  ? 10.521  -4.572  -10.379 1.00 44.30  ? 15  GLU A CA  1 
ATOM   141  C  C   . GLU A 1 35  ? 9.916   -5.307  -9.191  1.00 46.55  ? 15  GLU A C   1 
ATOM   142  O  O   . GLU A 1 35  ? 9.585   -6.497  -9.282  1.00 39.79  ? 15  GLU A O   1 
ATOM   143  C  CB  . GLU A 1 35  ? 12.016  -4.365  -10.200 1.00 48.86  ? 15  GLU A CB  1 
ATOM   144  C  CG  . GLU A 1 35  ? 12.815  -5.627  -10.032 1.00 70.13  ? 15  GLU A CG  1 
ATOM   145  C  CD  . GLU A 1 35  ? 14.302  -5.331  -9.932  1.00 86.89  ? 15  GLU A CD  1 
ATOM   146  O  OE1 . GLU A 1 35  ? 14.731  -4.259  -10.424 1.00 87.15  ? 15  GLU A OE1 1 
ATOM   147  O  OE2 . GLU A 1 35  ? 15.037  -6.164  -9.363  1.00 97.18  ? 15  GLU A OE2 1 
ATOM   148  N  N   . LEU A 1 36  ? 9.752   -4.609  -8.064  1.00 39.23  ? 16  LEU A N   1 
ATOM   149  C  CA  . LEU A 1 36  ? 9.194   -5.255  -6.882  1.00 40.48  ? 16  LEU A CA  1 
ATOM   150  C  C   . LEU A 1 36  ? 7.754   -5.680  -7.116  1.00 36.61  ? 16  LEU A C   1 
ATOM   151  O  O   . LEU A 1 36  ? 7.326   -6.731  -6.632  1.00 40.11  ? 16  LEU A O   1 
ATOM   152  C  CB  . LEU A 1 36  ? 9.277   -4.323  -5.679  1.00 37.24  ? 16  LEU A CB  1 
ATOM   153  C  CG  . LEU A 1 36  ? 10.635  -4.302  -4.999  1.00 41.75  ? 16  LEU A CG  1 
ATOM   154  C  CD1 . LEU A 1 36  ? 10.596  -3.323  -3.860  1.00 39.34  ? 16  LEU A CD1 1 
ATOM   155  C  CD2 . LEU A 1 36  ? 10.989  -5.701  -4.517  1.00 38.40  ? 16  LEU A CD2 1 
ATOM   156  N  N   . ALA A 1 37  ? 6.984   -4.870  -7.836  1.00 37.17  ? 17  ALA A N   1 
ATOM   157  C  CA  . ALA A 1 37  ? 5.609   -5.252  -8.122  1.00 36.57  ? 17  ALA A CA  1 
ATOM   158  C  C   . ALA A 1 37  ? 5.567   -6.544  -8.923  1.00 38.70  ? 17  ALA A C   1 
ATOM   159  O  O   . ALA A 1 37  ? 4.744   -7.429  -8.648  1.00 40.24  ? 17  ALA A O   1 
ATOM   160  C  CB  . ALA A 1 37  ? 4.904   -4.121  -8.866  1.00 30.59  ? 17  ALA A CB  1 
ATOM   161  N  N   . GLU A 1 38  ? 6.456   -6.672  -9.916  1.00 39.03  ? 18  GLU A N   1 
ATOM   162  C  CA  . GLU A 1 38  ? 6.524   -7.902  -10.708 1.00 40.11  ? 18  GLU A CA  1 
ATOM   163  C  C   . GLU A 1 38  ? 6.842   -9.103  -9.835  1.00 34.00  ? 18  GLU A C   1 
ATOM   164  O  O   . GLU A 1 38  ? 6.201   -10.146 -9.952  1.00 42.57  ? 18  GLU A O   1 
ATOM   165  C  CB  . GLU A 1 38  ? 7.559   -7.759  -11.827 1.00 49.37  ? 18  GLU A CB  1 
ATOM   166  C  CG  . GLU A 1 38  ? 7.162   -6.707  -12.815 1.00 48.58  ? 18  GLU A CG  1 
ATOM   167  C  CD  . GLU A 1 38  ? 8.233   -6.433  -13.860 1.00 66.51  ? 18  GLU A CD  1 
ATOM   168  O  OE1 . GLU A 1 38  ? 7.856   -5.993  -14.968 1.00 62.58  ? 18  GLU A OE1 1 
ATOM   169  O  OE2 . GLU A 1 38  ? 9.450   -6.613  -13.575 1.00 77.98  ? 18  GLU A OE2 1 
ATOM   170  N  N   . LYS A 1 39  ? 7.867   -8.988  -8.986  1.00 42.57  ? 19  LYS A N   1 
ATOM   171  C  CA  . LYS A 1 39  ? 8.185   -10.015 -7.985  1.00 44.86  ? 19  LYS A CA  1 
ATOM   172  C  C   . LYS A 1 39  ? 6.940   -10.432 -7.213  1.00 58.00  ? 19  LYS A C   1 
ATOM   173  O  O   . LYS A 1 39  ? 6.666   -11.628 -7.035  1.00 54.70  ? 19  LYS A O   1 
ATOM   174  C  CB  . LYS A 1 39  ? 9.224   -9.549  -6.955  1.00 54.59  ? 19  LYS A CB  1 
ATOM   175  C  CG  . LYS A 1 39  ? 10.647  -9.209  -7.429  1.00 66.92  ? 19  LYS A CG  1 
ATOM   176  C  CD  . LYS A 1 39  ? 11.441  -10.457 -7.849  1.00 58.66  ? 19  LYS A CD  1 
ATOM   177  C  CE  . LYS A 1 39  ? 12.939  -10.166 -8.082  1.00 73.56  ? 19  LYS A CE  1 
ATOM   178  N  NZ  . LYS A 1 39  ? 13.578  -9.748  -6.717  1.00 85.92  ? 19  LYS A NZ  1 
ATOM   179  N  N   . ALA A 1 40  ? 6.159   -9.436  -6.763  1.00 49.12  ? 20  ALA A N   1 
ATOM   180  C  CA  . ALA A 1 40  ? 4.968   -9.707  -5.955  1.00 43.72  ? 20  ALA A CA  1 
ATOM   181  C  C   . ALA A 1 40  ? 3.912   -10.467 -6.754  1.00 51.86  ? 20  ALA A C   1 
ATOM   182  O  O   . ALA A 1 40  ? 3.314   -11.429 -6.253  1.00 54.99  ? 20  ALA A O   1 
ATOM   183  C  CB  . ALA A 1 40  ? 4.386   -8.393  -5.399  1.00 38.37  ? 20  ALA A CB  1 
ATOM   184  N  N   . MET A 1 41  ? 3.659   -10.038 -7.994  1.00 48.67  ? 21  MET A N   1 
ATOM   185  C  CA  . MET A 1 41  ? 2.643   -10.700 -8.792  1.00 46.07  ? 21  MET A CA  1 
ATOM   186  C  C   . MET A 1 41  ? 3.060   -12.119 -9.131  1.00 52.54  ? 21  MET A C   1 
ATOM   187  O  O   . MET A 1 41  ? 2.231   -13.033 -9.104  1.00 54.27  ? 21  MET A O   1 
ATOM   188  C  CB  . MET A 1 41  ? 2.348   -9.902  -10.057 1.00 42.99  ? 21  MET A CB  1 
ATOM   189  C  CG  . MET A 1 41  ? 1.685   -8.595  -9.742  1.00 36.68  ? 21  MET A CG  1 
ATOM   190  S  SD  . MET A 1 41  ? 1.258   -7.624  -11.169 1.00 45.68  ? 21  MET A SD  1 
ATOM   191  C  CE  . MET A 1 41  ? -0.130  -8.578  -11.758 1.00 52.96  ? 21  MET A CE  1 
ATOM   192  N  N   . LYS A 1 42  ? 4.346   -12.339 -9.391  1.00 42.74  ? 22  LYS A N   1 
ATOM   193  C  CA  . LYS A 1 42  ? 4.785   -13.692 -9.694  1.00 55.09  ? 22  LYS A CA  1 
ATOM   194  C  C   . LYS A 1 42  ? 4.816   -14.570 -8.442  1.00 55.43  ? 22  LYS A C   1 
ATOM   195  O  O   . LYS A 1 42  ? 4.622   -15.783 -8.547  1.00 52.17  ? 22  LYS A O   1 
ATOM   196  C  CB  . LYS A 1 42  ? 6.130   -13.627 -10.421 1.00 44.77  ? 22  LYS A CB  1 
ATOM   197  C  CG  . LYS A 1 42  ? 5.973   -12.987 -11.834 1.00 55.14  ? 22  LYS A CG  1 
ATOM   198  C  CD  . LYS A 1 42  ? 7.302   -12.885 -12.592 1.00 73.78  ? 22  LYS A CD  1 
ATOM   199  C  CE  . LYS A 1 42  ? 7.136   -12.415 -14.051 1.00 78.06  ? 22  LYS A CE  1 
ATOM   200  N  NZ  . LYS A 1 42  ? 6.679   -10.997 -14.201 1.00 68.78  ? 22  LYS A NZ  1 
ATOM   201  N  N   . GLU A 1 43  ? 4.988   -13.976 -7.250  1.00 50.97  ? 23  GLU A N   1 
ATOM   202  C  CA  . GLU A 1 43  ? 4.834   -14.730 -6.004  1.00 49.51  ? 23  GLU A CA  1 
ATOM   203  C  C   . GLU A 1 43  ? 3.441   -15.335 -5.877  1.00 53.54  ? 23  GLU A C   1 
ATOM   204  O  O   . GLU A 1 43  ? 3.260   -16.325 -5.160  1.00 58.63  ? 23  GLU A O   1 
ATOM   205  C  CB  . GLU A 1 43  ? 5.098   -13.826 -4.797  1.00 57.79  ? 23  GLU A CB  1 
ATOM   206  C  CG  . GLU A 1 43  ? 6.547   -13.493 -4.543  1.00 59.76  ? 23  GLU A CG  1 
ATOM   207  C  CD  . GLU A 1 43  ? 7.244   -14.495 -3.655  1.00 64.21  ? 23  GLU A CD  1 
ATOM   208  O  OE1 . GLU A 1 43  ? 6.686   -14.844 -2.597  1.00 59.14  ? 23  GLU A OE1 1 
ATOM   209  O  OE2 . GLU A 1 43  ? 8.351   -14.943 -4.022  1.00 81.32  ? 23  GLU A OE2 1 
ATOM   210  N  N   . TYR A 1 44  ? 2.443   -14.730 -6.522  1.00 55.98  ? 24  TYR A N   1 
ATOM   211  C  CA  . TYR A 1 44  ? 1.070   -15.221 -6.508  1.00 57.19  ? 24  TYR A CA  1 
ATOM   212  C  C   . TYR A 1 44  ? 0.624   -15.674 -7.892  1.00 65.67  ? 24  TYR A C   1 
ATOM   213  O  O   . TYR A 1 44  ? -0.580  -15.795 -8.147  1.00 64.19  ? 24  TYR A O   1 
ATOM   214  C  CB  . TYR A 1 44  ? 0.111   -14.154 -5.966  1.00 51.20  ? 24  TYR A CB  1 
ATOM   215  C  CG  . TYR A 1 44  ? 0.353   -13.810 -4.519  1.00 50.40  ? 24  TYR A CG  1 
ATOM   216  C  CD1 . TYR A 1 44  ? 1.330   -12.890 -4.158  1.00 48.94  ? 24  TYR A CD1 1 
ATOM   217  C  CD2 . TYR A 1 44  ? -0.371  -14.428 -3.510  1.00 52.03  ? 24  TYR A CD2 1 
ATOM   218  C  CE1 . TYR A 1 44  ? 1.567   -12.582 -2.835  1.00 49.02  ? 24  TYR A CE1 1 
ATOM   219  C  CE2 . TYR A 1 44  ? -0.140  -14.130 -2.183  1.00 51.35  ? 24  TYR A CE2 1 
ATOM   220  C  CZ  . TYR A 1 44  ? 0.828   -13.202 -1.849  1.00 60.47  ? 24  TYR A CZ  1 
ATOM   221  O  OH  . TYR A 1 44  ? 1.065   -12.899 -0.522  1.00 49.93  ? 24  TYR A OH  1 
ATOM   222  N  N   . GLY A 1 45  ? 1.575   -15.899 -8.799  1.00 52.39  ? 25  GLY A N   1 
ATOM   223  C  CA  . GLY A 1 45  ? 1.242   -16.486 -10.077 1.00 53.11  ? 25  GLY A CA  1 
ATOM   224  C  C   . GLY A 1 45  ? 0.429   -15.618 -11.005 1.00 59.65  ? 25  GLY A C   1 
ATOM   225  O  O   . GLY A 1 45  ? -0.089  -16.125 -12.003 1.00 73.34  ? 25  GLY A O   1 
ATOM   226  N  N   . GLU A 1 46  ? 0.291   -14.329 -10.717 1.00 57.47  ? 26  GLU A N   1 
ATOM   227  C  CA  . GLU A 1 46  ? -0.361  -13.412 -11.643 1.00 60.85  ? 26  GLU A CA  1 
ATOM   228  C  C   . GLU A 1 46  ? 0.661   -12.854 -12.628 1.00 54.83  ? 26  GLU A C   1 
ATOM   229  O  O   . GLU A 1 46  ? 1.864   -12.812 -12.348 1.00 58.25  ? 26  GLU A O   1 
ATOM   230  C  CB  . GLU A 1 46  ? -1.039  -12.273 -10.891 1.00 53.94  ? 26  GLU A CB  1 
ATOM   231  C  CG  . GLU A 1 46  ? -1.981  -12.721 -9.795  1.00 66.90  ? 26  GLU A CG  1 
ATOM   232  C  CD  . GLU A 1 46  ? -3.430  -12.686 -10.229 1.00 69.35  ? 26  GLU A CD  1 
ATOM   233  O  OE1 . GLU A 1 46  ? -3.705  -12.259 -11.372 1.00 70.83  ? 26  GLU A OE1 1 
ATOM   234  O  OE2 . GLU A 1 46  ? -4.293  -13.073 -9.418  1.00 83.15  ? 26  GLU A OE2 1 
ATOM   235  N  N   . ASP A 1 47  ? 0.174   -12.422 -13.794 1.00 54.75  ? 27  ASP A N   1 
ATOM   236  C  CA  . ASP A 1 47  ? 1.063   -11.939 -14.852 1.00 57.66  ? 27  ASP A CA  1 
ATOM   237  C  C   . ASP A 1 47  ? 0.873   -10.447 -15.063 1.00 52.95  ? 27  ASP A C   1 
ATOM   238  O  O   . ASP A 1 47  ? -0.207  -10.014 -15.493 1.00 53.66  ? 27  ASP A O   1 
ATOM   239  C  CB  . ASP A 1 47  ? 0.826   -12.691 -16.167 1.00 57.65  ? 27  ASP A CB  1 
ATOM   240  C  CG  . ASP A 1 47  ? 1.904   -12.398 -17.234 1.00 65.42  ? 27  ASP A CG  1 
ATOM   241  O  OD1 . ASP A 1 47  ? 2.799   -11.554 -17.007 1.00 65.31  ? 27  ASP A OD1 1 
ATOM   242  O  OD2 . ASP A 1 47  ? 1.841   -13.006 -18.326 1.00 78.01  ? 27  ASP A OD2 1 
ATOM   243  N  N   . PRO A 1 48  ? 1.907   -9.642  -14.807 1.00 60.66  ? 28  PRO A N   1 
ATOM   244  C  CA  . PRO A 1 48  ? 1.797   -8.187  -15.016 1.00 53.25  ? 28  PRO A CA  1 
ATOM   245  C  C   . PRO A 1 48  ? 1.350   -7.782  -16.406 1.00 55.48  ? 28  PRO A C   1 
ATOM   246  O  O   . PRO A 1 48  ? 0.797   -6.686  -16.571 1.00 50.47  ? 28  PRO A O   1 
ATOM   247  C  CB  . PRO A 1 48  ? 3.223   -7.694  -14.730 1.00 54.47  ? 28  PRO A CB  1 
ATOM   248  C  CG  . PRO A 1 48  ? 3.794   -8.721  -13.787 1.00 51.51  ? 28  PRO A CG  1 
ATOM   249  C  CD  . PRO A 1 48  ? 3.190   -10.032 -14.191 1.00 53.60  ? 28  PRO A CD  1 
ATOM   250  N  N   . LYS A 1 49  ? 1.577   -8.629  -17.416 1.00 60.53  ? 29  LYS A N   1 
ATOM   251  C  CA  . LYS A 1 49  ? 1.235   -8.273  -18.791 1.00 54.07  ? 29  LYS A CA  1 
ATOM   252  C  C   . LYS A 1 49  ? -0.250  -8.437  -19.086 1.00 45.25  ? 29  LYS A C   1 
ATOM   253  O  O   . LYS A 1 49  ? -0.760  -7.782  -20.003 1.00 55.37  ? 29  LYS A O   1 
ATOM   254  C  CB  . LYS A 1 49  ? 2.059   -9.112  -19.776 1.00 53.42  ? 29  LYS A CB  1 
ATOM   255  C  CG  . LYS A 1 49  ? 3.569   -9.092  -19.518 1.00 60.66  ? 29  LYS A CG  1 
ATOM   256  C  CD  . LYS A 1 49  ? 4.368   -9.016  -20.820 1.00 76.67  ? 29  LYS A CD  1 
ATOM   257  C  CE  . LYS A 1 49  ? 5.802   -9.502  -20.629 1.00 73.59  ? 29  LYS A CE  1 
ATOM   258  N  NZ  . LYS A 1 49  ? 6.704   -8.396  -20.191 1.00 77.59  ? 29  LYS A NZ  1 
ATOM   259  N  N   . ILE A 1 50  ? -0.957  -9.295  -18.342 1.00 51.03  ? 30  ILE A N   1 
ATOM   260  C  CA  . ILE A 1 50  ? -2.407  -9.427  -18.493 1.00 51.19  ? 30  ILE A CA  1 
ATOM   261  C  C   . ILE A 1 50  ? -3.150  -8.651  -17.409 1.00 50.43  ? 30  ILE A C   1 
ATOM   262  O  O   . ILE A 1 50  ? -3.995  -7.803  -17.717 1.00 51.30  ? 30  ILE A O   1 
ATOM   263  C  CB  . ILE A 1 50  ? -2.865  -10.899 -18.491 1.00 61.02  ? 30  ILE A CB  1 
ATOM   264  C  CG1 . ILE A 1 50  ? -2.157  -11.712 -19.590 1.00 62.07  ? 30  ILE A CG1 1 
ATOM   265  C  CG2 . ILE A 1 50  ? -4.382  -10.977 -18.631 1.00 59.83  ? 30  ILE A CG2 1 
ATOM   266  C  CD1 . ILE A 1 50  ? -1.158  -12.735 -19.071 1.00 45.71  ? 30  ILE A CD1 1 
ATOM   267  N  N   . GLU A 1 51  ? -2.867  -8.933  -16.133 1.00 46.90  ? 31  GLU A N   1 
ATOM   268  C  CA  . GLU A 1 51  ? -3.554  -8.248  -15.029 1.00 57.24  ? 31  GLU A CA  1 
ATOM   269  C  C   . GLU A 1 51  ? -2.962  -6.851  -14.833 1.00 50.52  ? 31  GLU A C   1 
ATOM   270  O  O   . GLU A 1 51  ? -2.297  -6.556  -13.837 1.00 45.72  ? 31  GLU A O   1 
ATOM   271  C  CB  . GLU A 1 51  ? -3.455  -9.063  -13.748 1.00 53.63  ? 31  GLU A CB  1 
ATOM   272  C  CG  . GLU A 1 51  ? -4.164  -10.396 -13.803 1.00 57.10  ? 31  GLU A CG  1 
ATOM   273  C  CD  . GLU A 1 51  ? -5.644  -10.286 -13.521 1.00 67.44  ? 31  GLU A CD  1 
ATOM   274  O  OE1 . GLU A 1 51  ? -6.220  -9.191  -13.705 1.00 76.10  ? 31  GLU A OE1 1 
ATOM   275  O  OE2 . GLU A 1 51  ? -6.233  -11.301 -13.099 1.00 81.78  ? 31  GLU A OE2 1 
ATOM   276  N  N   . THR A 1 52  ? -3.237  -5.972  -15.809 1.00 50.15  ? 32  THR A N   1 
ATOM   277  C  CA  . THR A 1 52  ? -2.498  -4.714  -15.903 1.00 45.00  ? 32  THR A CA  1 
ATOM   278  C  C   . THR A 1 52  ? -3.032  -3.634  -14.964 1.00 51.74  ? 32  THR A C   1 
ATOM   279  O  O   . THR A 1 52  ? -2.256  -2.783  -14.518 1.00 45.62  ? 32  THR A O   1 
ATOM   280  C  CB  . THR A 1 52  ? -2.490  -4.182  -17.340 1.00 52.35  ? 32  THR A CB  1 
ATOM   281  O  OG1 . THR A 1 52  ? -3.820  -3.835  -17.741 1.00 57.86  ? 32  THR A OG1 1 
ATOM   282  C  CG2 . THR A 1 52  ? -1.893  -5.208  -18.314 1.00 58.66  ? 32  THR A CG2 1 
ATOM   283  N  N   . ASN A 1 53  ? -4.333  -3.622  -14.663 1.00 51.08  ? 33  ASN A N   1 
ATOM   284  C  CA  . ASN A 1 53  ? -4.825  -2.710  -13.632 1.00 49.20  ? 33  ASN A CA  1 
ATOM   285  C  C   . ASN A 1 53  ? -4.284  -3.102  -12.264 1.00 44.00  ? 33  ASN A C   1 
ATOM   286  O  O   . ASN A 1 53  ? -3.875  -2.242  -11.480 1.00 49.16  ? 33  ASN A O   1 
ATOM   287  C  CB  . ASN A 1 53  ? -6.353  -2.688  -13.621 1.00 45.09  ? 33  ASN A CB  1 
ATOM   288  C  CG  . ASN A 1 53  ? -6.936  -2.002  -14.839 1.00 48.14  ? 33  ASN A CG  1 
ATOM   289  O  OD1 . ASN A 1 53  ? -6.456  -0.955  -15.279 1.00 49.79  ? 33  ASN A OD1 1 
ATOM   290  N  ND2 . ASN A 1 53  ? -7.976  -2.600  -15.402 1.00 63.30  ? 33  ASN A ND2 1 
ATOM   291  N  N   . LYS A 1 54  ? -4.259  -4.403  -11.975 1.00 46.94  ? 34  LYS A N   1 
ATOM   292  C  CA  . LYS A 1 54  ? -3.648  -4.899  -10.747 1.00 44.73  ? 34  LYS A CA  1 
ATOM   293  C  C   . LYS A 1 54  ? -2.177  -4.502  -10.655 1.00 47.43  ? 34  LYS A C   1 
ATOM   294  O  O   . LYS A 1 54  ? -1.675  -4.175  -9.571  1.00 42.34  ? 34  LYS A O   1 
ATOM   295  C  CB  . LYS A 1 54  ? -3.807  -6.415  -10.708 1.00 47.53  ? 34  LYS A CB  1 
ATOM   296  C  CG  . LYS A 1 54  ? -3.608  -7.049  -9.360  1.00 56.91  ? 34  LYS A CG  1 
ATOM   297  C  CD  . LYS A 1 54  ? -4.111  -8.493  -9.378  1.00 68.89  ? 34  LYS A CD  1 
ATOM   298  C  CE  . LYS A 1 54  ? -5.629  -8.557  -9.463  1.00 60.59  ? 34  LYS A CE  1 
ATOM   299  N  NZ  . LYS A 1 54  ? -6.108  -9.961  -9.403  1.00 66.46  ? 34  LYS A NZ  1 
ATOM   300  N  N   . PHE A 1 55  ? -1.470  -4.550  -11.788 1.00 41.89  ? 35  PHE A N   1 
ATOM   301  C  CA  . PHE A 1 55  ? -0.079  -4.109  -11.862 1.00 38.85  ? 35  PHE A CA  1 
ATOM   302  C  C   . PHE A 1 55  ? 0.058   -2.644  -11.442 1.00 35.60  ? 35  PHE A C   1 
ATOM   303  O  O   . PHE A 1 55  ? 0.906   -2.303  -10.611 1.00 34.16  ? 35  PHE A O   1 
ATOM   304  C  CB  . PHE A 1 55  ? 0.424   -4.329  -13.299 1.00 48.66  ? 35  PHE A CB  1 
ATOM   305  C  CG  . PHE A 1 55  ? 1.902   -4.124  -13.501 1.00 39.88  ? 35  PHE A CG  1 
ATOM   306  C  CD1 . PHE A 1 55  ? 2.804   -4.289  -12.464 1.00 37.67  ? 35  PHE A CD1 1 
ATOM   307  C  CD2 . PHE A 1 55  ? 2.394   -3.829  -14.771 1.00 42.48  ? 35  PHE A CD2 1 
ATOM   308  C  CE1 . PHE A 1 55  ? 4.163   -4.122  -12.676 1.00 36.65  ? 35  PHE A CE1 1 
ATOM   309  C  CE2 . PHE A 1 55  ? 3.753   -3.662  -14.991 1.00 40.37  ? 35  PHE A CE2 1 
ATOM   310  C  CZ  . PHE A 1 55  ? 4.640   -3.813  -13.943 1.00 38.43  ? 35  PHE A CZ  1 
ATOM   311  N  N   . ALA A 1 56  ? -0.765  -1.760  -12.024 1.00 34.06  ? 36  ALA A N   1 
ATOM   312  C  CA  . ALA A 1 56  ? -0.731  -0.344  -11.655 1.00 40.62  ? 36  ALA A CA  1 
ATOM   313  C  C   . ALA A 1 56  ? -1.045  -0.137  -10.178 1.00 39.07  ? 36  ALA A C   1 
ATOM   314  O  O   . ALA A 1 56  ? -0.464  0.743   -9.527  1.00 41.18  ? 36  ALA A O   1 
ATOM   315  C  CB  . ALA A 1 56  ? -1.716  0.447   -12.515 1.00 36.94  ? 36  ALA A CB  1 
ATOM   316  N  N   . ALA A 1 57  ? -1.956  -0.937  -9.628  1.00 38.46  ? 37  ALA A N   1 
ATOM   317  C  CA  . ALA A 1 57  ? -2.370  -0.743  -8.240  1.00 36.77  ? 37  ALA A CA  1 
ATOM   318  C  C   . ALA A 1 57  ? -1.301  -1.226  -7.275  1.00 40.69  ? 37  ALA A C   1 
ATOM   319  O  O   . ALA A 1 57  ? -1.082  -0.623  -6.215  1.00 34.43  ? 37  ALA A O   1 
ATOM   320  C  CB  . ALA A 1 57  ? -3.675  -1.493  -7.981  1.00 34.14  ? 37  ALA A CB  1 
ATOM   321  N  N   . ILE A 1 58  ? -0.654  -2.338  -7.608  1.00 37.18  ? 38  ILE A N   1 
ATOM   322  C  CA  . ILE A 1 58  ? 0.403   -2.849  -6.752  1.00 37.44  ? 38  ILE A CA  1 
ATOM   323  C  C   . ILE A 1 58  ? 1.568   -1.874  -6.724  1.00 42.09  ? 38  ILE A C   1 
ATOM   324  O  O   . ILE A 1 58  ? 2.153   -1.615  -5.662  1.00 42.32  ? 38  ILE A O   1 
ATOM   325  C  CB  . ILE A 1 58  ? 0.833   -4.246  -7.230  1.00 40.20  ? 38  ILE A CB  1 
ATOM   326  C  CG1 . ILE A 1 58  ? -0.260  -5.257  -6.882  1.00 45.90  ? 38  ILE A CG1 1 
ATOM   327  C  CG2 . ILE A 1 58  ? 2.139   -4.647  -6.572  1.00 32.20  ? 38  ILE A CG2 1 
ATOM   328  C  CD1 . ILE A 1 58  ? -0.112  -6.589  -7.596  1.00 46.89  ? 38  ILE A CD1 1 
ATOM   329  N  N   . CYS A 1 59  ? 1.905   -1.303  -7.889  1.00 40.01  ? 39  CYS A N   1 
ATOM   330  C  CA  . CYS A 1 59  ? 2.928   -0.260  -7.965  1.00 34.85  ? 39  CYS A CA  1 
ATOM   331  C  C   . CYS A 1 59  ? 2.546   0.946   -7.118  1.00 35.72  ? 39  CYS A C   1 
ATOM   332  O  O   . CYS A 1 59  ? 3.346   1.430   -6.307  1.00 35.50  ? 39  CYS A O   1 
ATOM   333  C  CB  . CYS A 1 59  ? 3.131   0.164   -9.417  1.00 30.98  ? 39  CYS A CB  1 
ATOM   334  S  SG  . CYS A 1 59  ? 4.145   -0.988  -10.442 1.00 38.91  ? 39  CYS A SG  1 
ATOM   335  N  N   . THR A 1 60  ? 1.333   1.461   -7.316  1.00 32.53  ? 40  THR A N   1 
ATOM   336  C  CA  . THR A 1 60  ? 0.854   2.585   -6.514  1.00 30.27  ? 40  THR A CA  1 
ATOM   337  C  C   . THR A 1 60  ? 0.949   2.284   -5.024  1.00 30.73  ? 40  THR A C   1 
ATOM   338  O  O   . THR A 1 60  ? 1.489   3.085   -4.254  1.00 37.54  ? 40  THR A O   1 
ATOM   339  C  CB  . THR A 1 60  ? -0.578  2.914   -6.917  1.00 32.66  ? 40  THR A CB  1 
ATOM   340  O  OG1 . THR A 1 60  ? -0.599  3.300   -8.299  1.00 32.68  ? 40  THR A OG1 1 
ATOM   341  C  CG2 . THR A 1 60  ? -1.118  4.072   -6.077  1.00 33.37  ? 40  THR A CG2 1 
ATOM   342  N  N   . HIS A 1 61  ? 0.467   1.111   -4.602  1.00 38.50  ? 41  HIS A N   1 
ATOM   343  C  CA  . HIS A 1 61  ? 0.480   0.765   -3.181  1.00 34.65  ? 41  HIS A CA  1 
ATOM   344  C  C   . HIS A 1 61  ? 1.905   0.699   -2.639  1.00 39.89  ? 41  HIS A C   1 
ATOM   345  O  O   . HIS A 1 61  ? 2.176   1.222   -1.548  1.00 35.61  ? 41  HIS A O   1 
ATOM   346  C  CB  . HIS A 1 61  ? -0.283  -0.553  -2.978  1.00 35.73  ? 41  HIS A CB  1 
ATOM   347  C  CG  . HIS A 1 61  ? -0.333  -1.050  -1.562  1.00 38.84  ? 41  HIS A CG  1 
ATOM   348  N  ND1 . HIS A 1 61  ? 0.531   -2.009  -1.076  1.00 36.40  ? 41  HIS A ND1 1 
ATOM   349  C  CD2 . HIS A 1 61  ? -1.173  -0.754  -0.543  1.00 30.29  ? 41  HIS A CD2 1 
ATOM   350  C  CE1 . HIS A 1 61  ? 0.231   -2.275  0.185   1.00 35.65  ? 41  HIS A CE1 1 
ATOM   351  N  NE2 . HIS A 1 61  ? -0.799  -1.524  0.535   1.00 35.79  ? 41  HIS A NE2 1 
ATOM   352  N  N   . LEU A 1 62  ? 2.835   0.093   -3.394  1.00 33.85  ? 42  LEU A N   1 
ATOM   353  C  CA  . LEU A 1 62  ? 4.244   0.082   -2.986  1.00 37.73  ? 42  LEU A CA  1 
ATOM   354  C  C   . LEU A 1 62  ? 4.801   1.480   -2.794  1.00 26.60  ? 42  LEU A C   1 
ATOM   355  O  O   . LEU A 1 62  ? 5.456   1.757   -1.787  1.00 33.94  ? 42  LEU A O   1 
ATOM   356  C  CB  . LEU A 1 62  ? 5.118   -0.655  -4.004  1.00 37.91  ? 42  LEU A CB  1 
ATOM   357  C  CG  . LEU A 1 62  ? 5.319   -2.142  -3.830  1.00 47.30  ? 42  LEU A CG  1 
ATOM   358  C  CD1 . LEU A 1 62  ? 6.044   -2.682  -5.041  1.00 40.87  ? 42  LEU A CD1 1 
ATOM   359  C  CD2 . LEU A 1 62  ? 6.166   -2.288  -2.578  1.00 34.37  ? 42  LEU A CD2 1 
ATOM   360  N  N   . GLU A 1 63  ? 4.617   2.358   -3.783  1.00 29.57  ? 43  GLU A N   1 
ATOM   361  C  CA  . GLU A 1 63  ? 5.119   3.716   -3.626  1.00 34.80  ? 43  GLU A CA  1 
ATOM   362  C  C   . GLU A 1 63  ? 4.541   4.374   -2.371  1.00 35.59  ? 43  GLU A C   1 
ATOM   363  O  O   . GLU A 1 63  ? 5.289   4.949   -1.565  1.00 35.35  ? 43  GLU A O   1 
ATOM   364  C  CB  . GLU A 1 63  ? 4.816   4.545   -4.877  1.00 32.73  ? 43  GLU A CB  1 
ATOM   365  C  CG  . GLU A 1 63  ? 5.409   5.946   -4.807  1.00 44.77  ? 43  GLU A CG  1 
ATOM   366  C  CD  . GLU A 1 63  ? 5.465   6.647   -6.142  1.00 49.19  ? 43  GLU A CD  1 
ATOM   367  O  OE1 . GLU A 1 63  ? 4.932   6.103   -7.124  1.00 51.86  ? 43  GLU A OE1 1 
ATOM   368  O  OE2 . GLU A 1 63  ? 6.048   7.751   -6.209  1.00 58.62  ? 43  GLU A OE2 1 
ATOM   369  N  N   . VAL A 1 64  ? 3.223   4.257   -2.159  1.00 35.69  ? 44  VAL A N   1 
ATOM   370  C  CA  . VAL A 1 64  ? 2.611   4.859   -0.973  1.00 35.37  ? 44  VAL A CA  1 
ATOM   371  C  C   . VAL A 1 64  ? 3.254   4.299   0.289   1.00 32.35  ? 44  VAL A C   1 
ATOM   372  O  O   . VAL A 1 64  ? 3.608   5.044   1.208   1.00 32.09  ? 44  VAL A O   1 
ATOM   373  C  CB  . VAL A 1 64  ? 1.084   4.648   -0.969  1.00 29.43  ? 44  VAL A CB  1 
ATOM   374  C  CG1 . VAL A 1 64  ? 0.495   5.045   0.405   1.00 33.03  ? 44  VAL A CG1 1 
ATOM   375  C  CG2 . VAL A 1 64  ? 0.434   5.456   -2.074  1.00 30.32  ? 44  VAL A CG2 1 
ATOM   376  N  N   . CYS A 1 65  ? 3.450   2.976   0.333   1.00 38.88  ? 45  CYS A N   1 
ATOM   377  C  CA  . CYS A 1 65  ? 4.072   2.348   1.498   1.00 35.35  ? 45  CYS A CA  1 
ATOM   378  C  C   . CYS A 1 65  ? 5.481   2.885   1.742   1.00 33.83  ? 45  CYS A C   1 
ATOM   379  O  O   . CYS A 1 65  ? 5.850   3.197   2.885   1.00 35.32  ? 45  CYS A O   1 
ATOM   380  C  CB  . CYS A 1 65  ? 4.105   0.833   1.302   1.00 39.30  ? 45  CYS A CB  1 
ATOM   381  S  SG  . CYS A 1 65  ? 2.570   -0.022  1.666   1.00 35.33  ? 45  CYS A SG  1 
ATOM   382  N  N   . PHE A 1 66  ? 6.281   3.009   0.679   1.00 35.99  ? 46  PHE A N   1 
ATOM   383  C  CA  . PHE A 1 66  ? 7.632   3.547   0.832   1.00 38.27  ? 46  PHE A CA  1 
ATOM   384  C  C   . PHE A 1 66  ? 7.606   5.026   1.230   1.00 37.27  ? 46  PHE A C   1 
ATOM   385  O  O   . PHE A 1 66  ? 8.410   5.464   2.064   1.00 34.81  ? 46  PHE A O   1 
ATOM   386  C  CB  . PHE A 1 66  ? 8.422   3.349   -0.466  1.00 36.91  ? 46  PHE A CB  1 
ATOM   387  C  CG  . PHE A 1 66  ? 8.753   1.900   -0.772  1.00 36.50  ? 46  PHE A CG  1 
ATOM   388  C  CD1 . PHE A 1 66  ? 8.768   0.947   0.228   1.00 43.42  ? 46  PHE A CD1 1 
ATOM   389  C  CD2 . PHE A 1 66  ? 9.041   1.504   -2.060  1.00 47.53  ? 46  PHE A CD2 1 
ATOM   390  C  CE1 . PHE A 1 66  ? 9.075   -0.369  -0.059  1.00 48.18  ? 46  PHE A CE1 1 
ATOM   391  C  CE2 . PHE A 1 66  ? 9.343   0.189   -2.347  1.00 43.50  ? 46  PHE A CE2 1 
ATOM   392  C  CZ  . PHE A 1 66  ? 9.360   -0.744  -1.351  1.00 41.81  ? 46  PHE A CZ  1 
ATOM   393  N  N   . MET A 1 67  ? 6.705   5.813   0.634   1.00 33.53  ? 47  MET A N   1 
ATOM   394  C  CA  . MET A 1 67  ? 6.540   7.204   1.058   1.00 35.55  ? 47  MET A CA  1 
ATOM   395  C  C   . MET A 1 67  ? 6.118   7.288   2.514   1.00 27.98  ? 47  MET A C   1 
ATOM   396  O  O   . MET A 1 67  ? 6.564   8.173   3.248   1.00 39.81  ? 47  MET A O   1 
ATOM   397  C  CB  . MET A 1 67  ? 5.504   7.902   0.186   1.00 38.05  ? 47  MET A CB  1 
ATOM   398  C  CG  . MET A 1 67  ? 6.012   8.216   -1.183  1.00 37.36  ? 47  MET A CG  1 
ATOM   399  S  SD  . MET A 1 67  ? 4.701   8.841   -2.236  1.00 42.13  ? 47  MET A SD  1 
ATOM   400  C  CE  . MET A 1 67  ? 4.765   10.573  -1.790  1.00 42.68  ? 47  MET A CE  1 
ATOM   401  N  N   . TYR A 1 68  ? 5.269   6.360   2.950   1.00 36.99  ? 48  TYR A N   1 
ATOM   402  C  CA  . TYR A 1 68  ? 4.822   6.338   4.337   1.00 33.61  ? 48  TYR A CA  1 
ATOM   403  C  C   . TYR A 1 68  ? 5.983   6.078   5.284   1.00 40.45  ? 48  TYR A C   1 
ATOM   404  O  O   . TYR A 1 68  ? 6.172   6.813   6.259   1.00 39.86  ? 48  TYR A O   1 
ATOM   405  C  CB  . TYR A 1 68  ? 3.746   5.274   4.499   1.00 35.08  ? 48  TYR A CB  1 
ATOM   406  C  CG  . TYR A 1 68  ? 2.805   5.451   5.665   1.00 40.56  ? 48  TYR A CG  1 
ATOM   407  C  CD1 . TYR A 1 68  ? 3.139   4.981   6.929   1.00 42.32  ? 48  TYR A CD1 1 
ATOM   408  C  CD2 . TYR A 1 68  ? 1.569   6.066   5.499   1.00 40.40  ? 48  TYR A CD2 1 
ATOM   409  C  CE1 . TYR A 1 68  ? 2.279   5.115   7.996   1.00 41.05  ? 48  TYR A CE1 1 
ATOM   410  C  CE2 . TYR A 1 68  ? 0.684   6.198   6.573   1.00 42.16  ? 48  TYR A CE2 1 
ATOM   411  C  CZ  . TYR A 1 68  ? 1.053   5.718   7.813   1.00 37.43  ? 48  TYR A CZ  1 
ATOM   412  O  OH  . TYR A 1 68  ? 0.211   5.843   8.884   1.00 41.59  ? 48  TYR A OH  1 
ATOM   413  N  N   . SER A 1 69  ? 6.784   5.036   5.013   1.00 39.88  ? 49  SER A N   1 
ATOM   414  C  CA  . SER A 1 69  ? 7.872   4.723   5.935   1.00 36.91  ? 49  SER A CA  1 
ATOM   415  C  C   . SER A 1 69  ? 8.921   5.825   5.943   1.00 32.53  ? 49  SER A C   1 
ATOM   416  O  O   . SER A 1 69  ? 9.622   6.005   6.941   1.00 42.53  ? 49  SER A O   1 
ATOM   417  C  CB  . SER A 1 69  ? 8.520   3.379   5.597   1.00 41.20  ? 49  SER A CB  1 
ATOM   418  O  OG  . SER A 1 69  ? 9.110   3.415   4.310   1.00 42.34  ? 49  SER A OG  1 
ATOM   419  N  N   . ASP A 1 70  ? 9.034   6.575   4.850   1.00 33.01  ? 50  ASP A N   1 
ATOM   420  C  CA  . ASP A 1 70  ? 9.914   7.736   4.811   1.00 35.97  ? 50  ASP A CA  1 
ATOM   421  C  C   . ASP A 1 70  ? 9.438   8.867   5.720   1.00 43.83  ? 50  ASP A C   1 
ATOM   422  O  O   . ASP A 1 70  ? 10.208  9.798   5.979   1.00 43.41  ? 50  ASP A O   1 
ATOM   423  C  CB  . ASP A 1 70  ? 10.029  8.233   3.372   1.00 36.63  ? 50  ASP A CB  1 
ATOM   424  C  CG  . ASP A 1 70  ? 11.225  9.148   3.160   1.00 54.92  ? 50  ASP A CG  1 
ATOM   425  O  OD1 . ASP A 1 70  ? 12.249  8.948   3.849   1.00 54.98  ? 50  ASP A OD1 1 
ATOM   426  O  OD2 . ASP A 1 70  ? 11.156  10.044  2.286   1.00 55.88  ? 50  ASP A OD2 1 
ATOM   427  N  N   . GLY A 1 71  ? 8.201   8.816   6.216   1.00 44.26  ? 51  GLY A N   1 
ATOM   428  C  CA  . GLY A 1 71  ? 7.678   9.934   6.986   1.00 42.26  ? 51  GLY A CA  1 
ATOM   429  C  C   . GLY A 1 71  ? 8.078   9.954   8.440   1.00 41.70  ? 51  GLY A C   1 
ATOM   430  O  O   . GLY A 1 71  ? 8.014   11.012  9.074   1.00 57.25  ? 51  GLY A O   1 
ATOM   431  N  N   . GLY A 1 72  ? 8.485   8.818   8.994   1.00 48.62  ? 52  GLY A N   1 
ATOM   432  C  CA  . GLY A 1 72  ? 8.829   8.774   10.396  1.00 56.82  ? 52  GLY A CA  1 
ATOM   433  C  C   . GLY A 1 72  ? 10.220  9.316   10.672  1.00 58.66  ? 52  GLY A C   1 
ATOM   434  O  O   . GLY A 1 72  ? 10.936  9.783   9.786   1.00 58.94  ? 52  GLY A O   1 
ATOM   435  N  N   . SER A 1 73  ? 10.596  9.272   11.949  1.00 58.11  ? 53  SER A N   1 
ATOM   436  C  CA  . SER A 1 73  ? 12.001  9.391   12.300  1.00 61.76  ? 53  SER A CA  1 
ATOM   437  C  C   . SER A 1 73  ? 12.744  8.159   11.794  1.00 58.38  ? 53  SER A C   1 
ATOM   438  O  O   . SER A 1 73  ? 12.131  7.128   11.485  1.00 52.24  ? 53  SER A O   1 
ATOM   439  C  CB  . SER A 1 73  ? 12.167  9.522   13.809  1.00 58.39  ? 53  SER A CB  1 
ATOM   440  O  OG  . SER A 1 73  ? 11.830  8.296   14.433  1.00 70.41  ? 53  SER A OG  1 
ATOM   441  N  N   . LYS A 1 74  ? 14.071  8.274   11.673  1.00 66.66  ? 73  LYS A N   1 
ATOM   442  C  CA  . LYS A 1 74  ? 14.836  7.113   11.232  1.00 63.99  ? 73  LYS A CA  1 
ATOM   443  C  C   . LYS A 1 74  ? 14.585  5.987   12.221  1.00 63.78  ? 73  LYS A C   1 
ATOM   444  O  O   . LYS A 1 74  ? 14.354  6.227   13.414  1.00 68.64  ? 73  LYS A O   1 
ATOM   445  C  CB  . LYS A 1 74  ? 16.338  7.414   11.143  1.00 63.04  ? 73  LYS A CB  1 
ATOM   446  C  CG  . LYS A 1 74  ? 17.011  7.518   12.497  1.00 63.72  ? 73  LYS A CG  1 
ATOM   447  C  CD  . LYS A 1 74  ? 18.515  7.737   12.454  1.00 59.97  ? 73  LYS A CD  1 
ATOM   448  C  CE  . LYS A 1 74  ? 19.037  7.773   13.902  1.00 61.19  ? 73  LYS A CE  1 
ATOM   449  N  NZ  . LYS A 1 74  ? 20.508  7.909   14.067  1.00 56.29  ? 73  LYS A NZ  1 
ATOM   450  N  N   . HIS A 1 75  ? 14.552  4.760   11.714  1.00 54.42  ? 74  HIS A N   1 
ATOM   451  C  CA  . HIS A 1 75  ? 14.343  3.569   12.533  1.00 52.64  ? 74  HIS A CA  1 
ATOM   452  C  C   . HIS A 1 75  ? 12.921  3.425   13.047  1.00 53.74  ? 74  HIS A C   1 
ATOM   453  O  O   . HIS A 1 75  ? 12.670  2.525   13.872  1.00 46.39  ? 74  HIS A O   1 
ATOM   454  C  CB  . HIS A 1 75  ? 15.276  3.514   13.755  1.00 49.20  ? 74  HIS A CB  1 
ATOM   455  C  CG  . HIS A 1 75  ? 16.735  3.473   13.414  1.00 65.11  ? 74  HIS A CG  1 
ATOM   456  N  ND1 . HIS A 1 75  ? 17.722  3.488   14.378  1.00 54.09  ? 74  HIS A ND1 1 
ATOM   457  C  CD2 . HIS A 1 75  ? 17.373  3.402   12.218  1.00 53.12  ? 74  HIS A CD2 1 
ATOM   458  C  CE1 . HIS A 1 75  ? 18.905  3.435   13.790  1.00 60.52  ? 74  HIS A CE1 1 
ATOM   459  N  NE2 . HIS A 1 75  ? 18.721  3.384   12.482  1.00 58.07  ? 74  HIS A NE2 1 
ATOM   460  N  N   . ARG A 1 76  ? 11.978  4.280   12.625  1.00 49.51  ? 75  ARG A N   1 
ATOM   461  C  CA  . ARG A 1 76  ? 10.640  4.173   13.205  1.00 44.92  ? 75  ARG A CA  1 
ATOM   462  C  C   . ARG A 1 76  ? 9.908   2.942   12.700  1.00 42.05  ? 75  ARG A C   1 
ATOM   463  O  O   . ARG A 1 76  ? 9.230   2.261   13.476  1.00 38.72  ? 75  ARG A O   1 
ATOM   464  C  CB  . ARG A 1 76  ? 9.794   5.407   12.919  1.00 46.40  ? 75  ARG A CB  1 
ATOM   465  C  CG  . ARG A 1 76  ? 8.395   5.231   13.496  1.00 42.14  ? 75  ARG A CG  1 
ATOM   466  C  CD  . ARG A 1 76  ? 7.609   6.514   13.600  1.00 42.83  ? 75  ARG A CD  1 
ATOM   467  N  NE  . ARG A 1 76  ? 6.279   6.228   14.110  1.00 49.58  ? 75  ARG A NE  1 
ATOM   468  C  CZ  . ARG A 1 76  ? 5.355   7.151   14.347  1.00 48.86  ? 75  ARG A CZ  1 
ATOM   469  N  NH1 . ARG A 1 76  ? 5.613   8.425   14.110  1.00 43.46  ? 75  ARG A NH1 1 
ATOM   470  N  NH2 . ARG A 1 76  ? 4.166   6.796   14.807  1.00 39.26  ? 75  ARG A NH2 1 
ATOM   471  N  N   . PHE A 1 77  ? 10.041  2.634   11.411  1.00 42.09  ? 76  PHE A N   1 
ATOM   472  C  CA  . PHE A 1 77  ? 9.218   1.638   10.742  1.00 42.28  ? 76  PHE A CA  1 
ATOM   473  C  C   . PHE A 1 77  ? 10.045  0.447   10.273  1.00 46.80  ? 76  PHE A C   1 
ATOM   474  O  O   . PHE A 1 77  ? 11.149  0.611   9.746   1.00 42.75  ? 76  PHE A O   1 
ATOM   475  C  CB  . PHE A 1 77  ? 8.500   2.247   9.532   1.00 39.63  ? 76  PHE A CB  1 
ATOM   476  C  CG  . PHE A 1 77  ? 7.494   3.308   9.888   1.00 41.65  ? 76  PHE A CG  1 
ATOM   477  C  CD1 . PHE A 1 77  ? 6.332   2.978   10.570  1.00 36.56  ? 76  PHE A CD1 1 
ATOM   478  C  CD2 . PHE A 1 77  ? 7.701   4.633   9.521   1.00 39.96  ? 76  PHE A CD2 1 
ATOM   479  C  CE1 . PHE A 1 77  ? 5.396   3.953   10.900  1.00 40.45  ? 76  PHE A CE1 1 
ATOM   480  C  CE2 . PHE A 1 77  ? 6.771   5.608   9.833   1.00 45.37  ? 76  PHE A CE2 1 
ATOM   481  C  CZ  . PHE A 1 77  ? 5.611   5.268   10.530  1.00 41.91  ? 76  PHE A CZ  1 
ATOM   482  N  N   . GLU A 1 78  ? 9.495   -0.748  10.467  1.00 45.14  ? 77  GLU A N   1 
ATOM   483  C  CA  . GLU A 1 78  ? 9.903   -1.943  9.738   1.00 40.16  ? 77  GLU A CA  1 
ATOM   484  C  C   . GLU A 1 78  ? 9.006   -2.043  8.515   1.00 46.66  ? 77  GLU A C   1 
ATOM   485  O  O   . GLU A 1 78  ? 7.779   -1.998  8.645   1.00 43.40  ? 77  GLU A O   1 
ATOM   486  C  CB  . GLU A 1 78  ? 9.762   -3.181  10.622  1.00 43.21  ? 77  GLU A CB  1 
ATOM   487  C  CG  . GLU A 1 78  ? 10.609  -4.378  10.244  1.00 53.88  ? 77  GLU A CG  1 
ATOM   488  C  CD  . GLU A 1 78  ? 12.105  -4.117  10.309  1.00 50.56  ? 77  GLU A CD  1 
ATOM   489  O  OE1 . GLU A 1 78  ? 12.660  -4.003  11.435  1.00 47.94  ? 77  GLU A OE1 1 
ATOM   490  O  OE2 . GLU A 1 78  ? 12.719  -4.043  9.222   1.00 51.51  ? 77  GLU A OE2 1 
ATOM   491  N  N   . ILE A 1 79  ? 9.606   -2.125  7.331   1.00 38.16  ? 78  ILE A N   1 
ATOM   492  C  CA  . ILE A 1 79  ? 8.862   -2.252  6.083   1.00 39.43  ? 78  ILE A CA  1 
ATOM   493  C  C   . ILE A 1 79  ? 8.689   -3.732  5.791   1.00 41.46  ? 78  ILE A C   1 
ATOM   494  O  O   . ILE A 1 79  ? 9.676   -4.457  5.654   1.00 45.81  ? 78  ILE A O   1 
ATOM   495  C  CB  . ILE A 1 79  ? 9.592   -1.546  4.931   1.00 42.09  ? 78  ILE A CB  1 
ATOM   496  C  CG1 . ILE A 1 79  ? 9.923   -0.110  5.312   1.00 47.18  ? 78  ILE A CG1 1 
ATOM   497  C  CG2 . ILE A 1 79  ? 8.785   -1.564  3.643   1.00 38.17  ? 78  ILE A CG2 1 
ATOM   498  C  CD1 . ILE A 1 79  ? 10.674  0.615   4.204   1.00 43.61  ? 78  ILE A CD1 1 
ATOM   499  N  N   . ILE A 1 80  ? 7.444   -4.188  5.708   1.00 40.18  ? 79  ILE A N   1 
ATOM   500  C  CA  . ILE A 1 80  ? 7.158   -5.598  5.461   1.00 40.57  ? 79  ILE A CA  1 
ATOM   501  C  C   . ILE A 1 80  ? 6.731   -5.779  4.013   1.00 42.64  ? 79  ILE A C   1 
ATOM   502  O  O   . ILE A 1 80  ? 7.005   -6.815  3.395   1.00 38.04  ? 79  ILE A O   1 
ATOM   503  C  CB  . ILE A 1 80  ? 6.098   -6.133  6.442   1.00 44.70  ? 79  ILE A CB  1 
ATOM   504  C  CG1 . ILE A 1 80  ? 6.674   -6.164  7.853   1.00 36.38  ? 79  ILE A CG1 1 
ATOM   505  C  CG2 . ILE A 1 80  ? 5.587   -7.513  6.029   1.00 38.41  ? 79  ILE A CG2 1 
ATOM   506  C  CD1 . ILE A 1 80  ? 5.664   -5.843  8.893   1.00 52.32  ? 79  ILE A CD1 1 
ATOM   507  N  N   . GLU A 1 81  ? 6.083   -4.768  3.448   1.00 31.44  ? 80  GLU A N   1 
ATOM   508  C  CA  . GLU A 1 81  ? 5.733   -4.836  2.040   1.00 40.89  ? 80  GLU A CA  1 
ATOM   509  C  C   . GLU A 1 81  ? 7.015   -4.773  1.194   1.00 46.94  ? 80  GLU A C   1 
ATOM   510  O  O   . GLU A 1 81  ? 8.091   -4.390  1.670   1.00 41.81  ? 80  GLU A O   1 
ATOM   511  C  CB  . GLU A 1 81  ? 4.732   -3.715  1.712   1.00 39.24  ? 80  GLU A CB  1 
ATOM   512  C  CG  . GLU A 1 81  ? 4.317   -3.605  0.258   1.00 51.28  ? 80  GLU A CG  1 
ATOM   513  C  CD  . GLU A 1 81  ? 3.433   -4.731  -0.237  1.00 52.15  ? 80  GLU A CD  1 
ATOM   514  O  OE1 . GLU A 1 81  ? 2.554   -5.222  0.505   1.00 44.37  ? 80  GLU A OE1 1 
ATOM   515  O  OE2 . GLU A 1 81  ? 3.654   -5.156  -1.391  1.00 71.02  ? 80  GLU A OE2 1 
ATOM   516  N  N   . GLY A 1 82  ? 6.916   -5.221  -0.055  1.00 43.45  ? 81  GLY A N   1 
ATOM   517  C  CA  . GLY A 1 82  ? 8.072   -5.271  -0.926  1.00 45.76  ? 81  GLY A CA  1 
ATOM   518  C  C   . GLY A 1 82  ? 9.023   -6.423  -0.682  1.00 46.34  ? 81  GLY A C   1 
ATOM   519  O  O   . GLY A 1 82  ? 10.127  -6.414  -1.229  1.00 49.97  ? 81  GLY A O   1 
ATOM   520  N  N   . ARG A 1 83  ? 8.643   -7.405  0.128   1.00 48.94  ? 82  ARG A N   1 
ATOM   521  C  CA  . ARG A 1 83  ? 9.429   -8.602  0.373   1.00 42.39  ? 82  ARG A CA  1 
ATOM   522  C  C   . ARG A 1 83  ? 8.688   -9.797  -0.210  1.00 46.79  ? 82  ARG A C   1 
ATOM   523  O  O   . ARG A 1 83  ? 7.474   -9.745  -0.411  1.00 56.24  ? 82  ARG A O   1 
ATOM   524  C  CB  . ARG A 1 83  ? 9.644   -8.814  1.866   1.00 37.08  ? 82  ARG A CB  1 
ATOM   525  C  CG  . ARG A 1 83  ? 10.257  -7.627  2.601   1.00 34.61  ? 82  ARG A CG  1 
ATOM   526  C  CD  . ARG A 1 83  ? 10.467  -8.017  4.031   1.00 38.04  ? 82  ARG A CD  1 
ATOM   527  N  NE  . ARG A 1 83  ? 10.990  -6.956  4.891   1.00 38.97  ? 82  ARG A NE  1 
ATOM   528  C  CZ  . ARG A 1 83  ? 12.281  -6.798  5.167   1.00 45.79  ? 82  ARG A CZ  1 
ATOM   529  N  NH1 . ARG A 1 83  ? 13.179  -7.618  4.632   1.00 43.61  ? 82  ARG A NH1 1 
ATOM   530  N  NH2 . ARG A 1 83  ? 12.671  -5.824  5.971   1.00 42.62  ? 82  ARG A NH2 1 
ATOM   531  N  N   . ASP A 1 84  ? 9.399   -10.896 -0.470  1.00 46.04  ? 83  ASP A N   1 
ATOM   532  C  CA  . ASP A 1 84  ? 8.663   -12.082 -0.892  1.00 51.01  ? 83  ASP A CA  1 
ATOM   533  C  C   . ASP A 1 84  ? 7.943   -12.691 0.305   1.00 42.01  ? 83  ASP A C   1 
ATOM   534  O  O   . ASP A 1 84  ? 8.298   -12.447 1.461   1.00 45.16  ? 83  ASP A O   1 
ATOM   535  C  CB  . ASP A 1 84  ? 9.565   -13.118 -1.593  1.00 59.75  ? 83  ASP A CB  1 
ATOM   536  C  CG  . ASP A 1 84  ? 10.761  -13.558 -0.763  1.00 67.01  ? 83  ASP A CG  1 
ATOM   537  O  OD1 . ASP A 1 84  ? 10.577  -14.201 0.296   1.00 69.98  ? 83  ASP A OD1 1 
ATOM   538  O  OD2 . ASP A 1 84  ? 11.903  -13.302 -1.209  1.00 84.28  ? 83  ASP A OD2 1 
ATOM   539  N  N   . ARG A 1 85  ? 6.903   -13.473 0.003   1.00 48.12  ? 84  ARG A N   1 
ATOM   540  C  CA  . ARG A 1 85  ? 5.973   -13.963 1.015   1.00 54.01  ? 84  ARG A CA  1 
ATOM   541  C  C   . ARG A 1 85  ? 6.695   -14.531 2.229   1.00 50.34  ? 84  ARG A C   1 
ATOM   542  O  O   . ARG A 1 85  ? 6.383   -14.190 3.374   1.00 46.25  ? 84  ARG A O   1 
ATOM   543  C  CB  . ARG A 1 85  ? 5.062   -15.013 0.379   1.00 51.84  ? 84  ARG A CB  1 
ATOM   544  C  CG  . ARG A 1 85  ? 3.992   -14.402 -0.502  1.00 57.07  ? 84  ARG A CG  1 
ATOM   545  C  CD  . ARG A 1 85  ? 3.294   -15.408 -1.419  1.00 59.81  ? 84  ARG A CD  1 
ATOM   546  N  NE  . ARG A 1 85  ? 2.365   -16.305 -0.734  1.00 66.97  ? 84  ARG A NE  1 
ATOM   547  C  CZ  . ARG A 1 85  ? 1.781   -17.347 -1.321  1.00 75.36  ? 84  ARG A CZ  1 
ATOM   548  N  NH1 . ARG A 1 85  ? 2.014   -17.599 -2.603  1.00 74.33  ? 84  ARG A NH1 1 
ATOM   549  N  NH2 . ARG A 1 85  ? 0.948   -18.125 -0.640  1.00 85.98  ? 84  ARG A NH2 1 
ATOM   550  N  N   . ILE A 1 86  ? 7.714   -15.354 1.987   1.00 53.33  ? 85  ILE A N   1 
ATOM   551  C  CA  . ILE A 1 86  ? 8.369   -16.083 3.069   1.00 44.90  ? 85  ILE A CA  1 
ATOM   552  C  C   . ILE A 1 86  ? 9.183   -15.137 3.936   1.00 41.99  ? 85  ILE A C   1 
ATOM   553  O  O   . ILE A 1 86  ? 9.209   -15.263 5.167   1.00 44.61  ? 85  ILE A O   1 
ATOM   554  C  CB  . ILE A 1 86  ? 9.242   -17.213 2.493   1.00 54.84  ? 85  ILE A CB  1 
ATOM   555  C  CG1 . ILE A 1 86  ? 8.411   -18.115 1.577   1.00 47.58  ? 85  ILE A CG1 1 
ATOM   556  C  CG2 . ILE A 1 86  ? 9.894   -18.000 3.629   1.00 46.11  ? 85  ILE A CG2 1 
ATOM   557  C  CD1 . ILE A 1 86  ? 8.386   -17.664 0.092   1.00 63.63  ? 85  ILE A CD1 1 
ATOM   558  N  N   . MET A 1 87  ? 9.867   -14.178 3.319   1.00 40.49  ? 86  MET A N   1 
ATOM   559  C  CA  . MET A 1 87  ? 10.667  -13.276 4.134   1.00 39.47  ? 86  MET A CA  1 
ATOM   560  C  C   . MET A 1 87  ? 9.795   -12.264 4.858   1.00 39.72  ? 86  MET A C   1 
ATOM   561  O  O   . MET A 1 87  ? 10.118  -11.868 5.985   1.00 41.37  ? 86  MET A O   1 
ATOM   562  C  CB  . MET A 1 87  ? 11.720  -12.572 3.284   1.00 45.29  ? 86  MET A CB  1 
ATOM   563  C  CG  . MET A 1 87  ? 12.703  -11.769 4.130   1.00 60.59  ? 86  MET A CG  1 
ATOM   564  S  SD  . MET A 1 87  ? 13.766  -12.767 5.209   1.00 65.23  ? 86  MET A SD  1 
ATOM   565  C  CE  . MET A 1 87  ? 13.970  -14.241 4.213   1.00 38.97  ? 86  MET A CE  1 
ATOM   566  N  N   . ALA A 1 88  ? 8.694   -11.840 4.233   1.00 40.45  ? 87  ALA A N   1 
ATOM   567  C  CA  . ALA A 1 88  ? 7.737   -10.969 4.913   1.00 45.86  ? 87  ALA A CA  1 
ATOM   568  C  C   . ALA A 1 88  ? 7.245   -11.601 6.215   1.00 39.71  ? 87  ALA A C   1 
ATOM   569  O  O   . ALA A 1 88  ? 7.273   -10.971 7.277   1.00 43.17  ? 87  ALA A O   1 
ATOM   570  C  CB  . ALA A 1 88  ? 6.572   -10.661 3.975   1.00 35.10  ? 87  ALA A CB  1 
ATOM   571  N  N   . TRP A 1 89  ? 6.805   -12.862 6.155   1.00 43.47  ? 88  TRP A N   1 
ATOM   572  C  CA  . TRP A 1 89  ? 6.368   -13.540 7.371   1.00 42.21  ? 88  TRP A CA  1 
ATOM   573  C  C   . TRP A 1 89  ? 7.524   -13.779 8.335   1.00 43.99  ? 88  TRP A C   1 
ATOM   574  O  O   . TRP A 1 89  ? 7.308   -13.897 9.545   1.00 46.47  ? 88  TRP A O   1 
ATOM   575  C  CB  . TRP A 1 89  ? 5.677   -14.857 7.016   1.00 38.92  ? 88  TRP A CB  1 
ATOM   576  C  CG  . TRP A 1 89  ? 4.256   -14.675 6.593   1.00 41.45  ? 88  TRP A CG  1 
ATOM   577  C  CD1 . TRP A 1 89  ? 3.740   -14.865 5.344   1.00 44.33  ? 88  TRP A CD1 1 
ATOM   578  C  CD2 . TRP A 1 89  ? 3.164   -14.245 7.421   1.00 39.68  ? 88  TRP A CD2 1 
ATOM   579  N  NE1 . TRP A 1 89  ? 2.389   -14.586 5.343   1.00 42.55  ? 88  TRP A NE1 1 
ATOM   580  C  CE2 . TRP A 1 89  ? 2.015   -14.196 6.604   1.00 45.56  ? 88  TRP A CE2 1 
ATOM   581  C  CE3 . TRP A 1 89  ? 3.050   -13.881 8.770   1.00 49.47  ? 88  TRP A CE3 1 
ATOM   582  C  CZ2 . TRP A 1 89  ? 0.766   -13.805 7.095   1.00 44.21  ? 88  TRP A CZ2 1 
ATOM   583  C  CZ3 . TRP A 1 89  ? 1.805   -13.491 9.256   1.00 43.99  ? 88  TRP A CZ3 1 
ATOM   584  C  CH2 . TRP A 1 89  ? 0.682   -13.457 8.419   1.00 45.18  ? 88  TRP A CH2 1 
ATOM   585  N  N   . THR A 1 90  ? 8.755   -13.850 7.828   1.00 41.22  ? 89  THR A N   1 
ATOM   586  C  CA  . THR A 1 90  ? 9.899   -14.048 8.708   1.00 39.52  ? 89  THR A CA  1 
ATOM   587  C  C   . THR A 1 90  ? 10.125  -12.818 9.568   1.00 40.89  ? 89  THR A C   1 
ATOM   588  O  O   . THR A 1 90  ? 10.373  -12.922 10.779  1.00 46.46  ? 89  THR A O   1 
ATOM   589  C  CB  . THR A 1 90  ? 11.137  -14.367 7.865   1.00 36.79  ? 89  THR A CB  1 
ATOM   590  O  OG1 . THR A 1 90  ? 10.867  -15.522 7.072   1.00 42.65  ? 89  THR A OG1 1 
ATOM   591  C  CG2 . THR A 1 90  ? 12.351  -14.633 8.735   1.00 40.60  ? 89  THR A CG2 1 
ATOM   592  N  N   . VAL A 1 91  ? 10.009  -11.640 8.953   1.00 42.82  ? 90  VAL A N   1 
ATOM   593  C  CA  . VAL A 1 91  ? 10.191  -10.381 9.658   1.00 38.86  ? 90  VAL A CA  1 
ATOM   594  C  C   . VAL A 1 91  ? 9.047   -10.148 10.639  1.00 35.62  ? 90  VAL A C   1 
ATOM   595  O  O   . VAL A 1 91  ? 9.260   -9.667  11.757  1.00 40.08  ? 90  VAL A O   1 
ATOM   596  C  CB  . VAL A 1 91  ? 10.317  -9.246  8.627   1.00 37.29  ? 90  VAL A CB  1 
ATOM   597  C  CG1 . VAL A 1 91  ? 10.369  -7.889  9.307   1.00 33.29  ? 90  VAL A CG1 1 
ATOM   598  C  CG2 . VAL A 1 91  ? 11.552  -9.478  7.753   1.00 40.53  ? 90  VAL A CG2 1 
ATOM   599  N  N   . VAL A 1 92  ? 7.815   -10.467 10.232  1.00 35.47  ? 91  VAL A N   1 
ATOM   600  C  CA  . VAL A 1 92  ? 6.687   -10.398 11.163  1.00 38.04  ? 91  VAL A CA  1 
ATOM   601  C  C   . VAL A 1 92  ? 6.963   -11.259 12.386  1.00 42.84  ? 91  VAL A C   1 
ATOM   602  O  O   . VAL A 1 92  ? 6.739   -10.837 13.527  1.00 44.02  ? 91  VAL A O   1 
ATOM   603  C  CB  . VAL A 1 92  ? 5.384   -10.821 10.461  1.00 34.50  ? 91  VAL A CB  1 
ATOM   604  C  CG1 . VAL A 1 92  ? 4.301   -11.164 11.476  1.00 46.92  ? 91  VAL A CG1 1 
ATOM   605  C  CG2 . VAL A 1 92  ? 4.920   -9.736  9.514   1.00 36.16  ? 91  VAL A CG2 1 
ATOM   606  N  N   . ASN A 1 93  ? 7.485   -12.462 12.169  1.00 41.18  ? 92  ASN A N   1 
ATOM   607  C  CA  . ASN A 1 93  ? 7.769   -13.359 13.285  1.00 42.21  ? 92  ASN A CA  1 
ATOM   608  C  C   . ASN A 1 93  ? 8.810   -12.785 14.225  1.00 45.47  ? 92  ASN A C   1 
ATOM   609  O  O   . ASN A 1 93  ? 8.666   -12.883 15.450  1.00 49.77  ? 92  ASN A O   1 
ATOM   610  C  CB  . ASN A 1 93  ? 8.239   -14.706 12.762  1.00 48.13  ? 92  ASN A CB  1 
ATOM   611  C  CG  . ASN A 1 93  ? 7.106   -15.590 12.401  1.00 58.62  ? 92  ASN A CG  1 
ATOM   612  O  OD1 . ASN A 1 93  ? 5.942   -15.186 12.487  1.00 65.97  ? 92  ASN A OD1 1 
ATOM   613  N  ND2 . ASN A 1 93  ? 7.417   -16.815 11.995  1.00 70.99  ? 92  ASN A ND2 1 
ATOM   614  N  N   . SER A 1 94  ? 9.882   -12.215 13.681  1.00 45.95  ? 93  SER A N   1 
ATOM   615  C  CA  . SER A 1 94  ? 10.886  -11.604 14.541  1.00 38.33  ? 93  SER A CA  1 
ATOM   616  C  C   . SER A 1 94  ? 10.297  -10.429 15.298  1.00 36.73  ? 93  SER A C   1 
ATOM   617  O  O   . SER A 1 94  ? 10.639  -10.196 16.461  1.00 37.05  ? 93  SER A O   1 
ATOM   618  C  CB  . SER A 1 94  ? 12.087  -11.172 13.711  1.00 40.57  ? 93  SER A CB  1 
ATOM   619  O  OG  . SER A 1 94  ? 12.560  -12.277 12.957  1.00 37.28  ? 93  SER A OG  1 
ATOM   620  N  N   . ILE A 1 95  ? 9.414   -9.670  14.656  1.00 41.06  ? 94  ILE A N   1 
ATOM   621  C  CA  . ILE A 1 95  ? 8.781   -8.550  15.346  1.00 47.49  ? 94  ILE A CA  1 
ATOM   622  C  C   . ILE A 1 95  ? 7.936   -9.070  16.502  1.00 43.67  ? 94  ILE A C   1 
ATOM   623  O  O   . ILE A 1 95  ? 8.028   -8.584  17.636  1.00 47.72  ? 94  ILE A O   1 
ATOM   624  C  CB  . ILE A 1 95  ? 7.956   -7.700  14.360  1.00 38.82  ? 94  ILE A CB  1 
ATOM   625  C  CG1 . ILE A 1 95  ? 8.881   -6.821  13.509  1.00 34.83  ? 94  ILE A CG1 1 
ATOM   626  C  CG2 . ILE A 1 95  ? 6.981   -6.806  15.113  1.00 47.88  ? 94  ILE A CG2 1 
ATOM   627  C  CD1 . ILE A 1 95  ? 8.266   -6.323  12.190  1.00 36.89  ? 94  ILE A CD1 1 
ATOM   628  N  N   . CYS A 1 96  ? 7.140   -10.105 16.242  1.00 47.48  ? 95  CYS A N   1 
ATOM   629  C  CA  . CYS A 1 96  ? 6.244   -10.618 17.275  1.00 52.55  ? 95  CYS A CA  1 
ATOM   630  C  C   . CYS A 1 96  ? 7.027   -11.250 18.418  1.00 55.03  ? 95  CYS A C   1 
ATOM   631  O  O   . CYS A 1 96  ? 6.787   -10.941 19.597  1.00 45.77  ? 95  CYS A O   1 
ATOM   632  C  CB  . CYS A 1 96  ? 5.272   -11.621 16.663  1.00 43.82  ? 95  CYS A CB  1 
ATOM   633  S  SG  . CYS A 1 96  ? 4.141   -10.868 15.484  1.00 50.32  ? 95  CYS A SG  1 
ATOM   634  N  N   . ASN A 1 97  ? 7.984   -12.130 18.085  1.00 43.52  ? 96  ASN A N   1 
ATOM   635  C  CA  . ASN A 1 97  ? 8.772   -12.826 19.093  1.00 43.00  ? 96  ASN A CA  1 
ATOM   636  C  C   . ASN A 1 97  ? 9.718   -11.923 19.861  1.00 51.51  ? 96  ASN A C   1 
ATOM   637  O  O   . ASN A 1 97  ? 10.356  -12.401 20.804  1.00 63.26  ? 96  ASN A O   1 
ATOM   638  C  CB  . ASN A 1 97  ? 9.532   -13.984 18.451  1.00 54.61  ? 96  ASN A CB  1 
ATOM   639  C  CG  . ASN A 1 97  ? 8.631   -15.172 18.128  1.00 57.76  ? 96  ASN A CG  1 
ATOM   640  O  OD1 . ASN A 1 97  ? 8.325   -15.453 16.969  1.00 63.56  ? 96  ASN A OD1 1 
ATOM   641  N  ND2 . ASN A 1 97  ? 8.306   -15.950 19.162  1.00 63.15  ? 96  ASN A ND2 1 
ATOM   642  N  N   . THR A 1 98  ? 9.808   -10.645 19.516  1.00 47.02  ? 97  THR A N   1 
ATOM   643  C  CA  . THR A 1 98  ? 10.690  -9.744  20.239  1.00 45.31  ? 97  THR A CA  1 
ATOM   644  C  C   . THR A 1 98  ? 9.960   -8.583  20.896  1.00 47.87  ? 97  THR A C   1 
ATOM   645  O  O   . THR A 1 98  ? 10.449  -8.063  21.903  1.00 51.40  ? 97  THR A O   1 
ATOM   646  C  CB  . THR A 1 98  ? 11.807  -9.217  19.309  1.00 52.68  ? 97  THR A CB  1 
ATOM   647  O  OG1 . THR A 1 98  ? 11.243  -8.635  18.123  1.00 47.46  ? 97  THR A OG1 1 
ATOM   648  C  CG2 . THR A 1 98  ? 12.763  -10.373 18.907  1.00 43.66  ? 97  THR A CG2 1 
ATOM   649  N  N   . THR A 1 99  ? 8.789   -8.191  20.381  1.00 57.62  ? 98  THR A N   1 
ATOM   650  C  CA  . THR A 1 99  ? 7.944   -7.191  21.031  1.00 51.43  ? 98  THR A CA  1 
ATOM   651  C  C   . THR A 1 99  ? 6.814   -7.803  21.857  1.00 55.80  ? 98  THR A C   1 
ATOM   652  O  O   . THR A 1 99  ? 6.235   -7.109  22.698  1.00 59.25  ? 98  THR A O   1 
ATOM   653  C  CB  . THR A 1 99  ? 7.330   -6.237  19.987  1.00 44.58  ? 98  THR A CB  1 
ATOM   654  O  OG1 . THR A 1 99  ? 6.373   -6.940  19.184  1.00 47.37  ? 98  THR A OG1 1 
ATOM   655  C  CG2 . THR A 1 99  ? 8.407   -5.699  19.053  1.00 49.03  ? 98  THR A CG2 1 
ATOM   656  N  N   . GLY A 1 100 ? 6.473   -9.066  21.634  1.00 56.96  ? 99  GLY A N   1 
ATOM   657  C  CA  . GLY A 1 100 ? 5.334   -9.658  22.298  1.00 57.40  ? 99  GLY A CA  1 
ATOM   658  C  C   . GLY A 1 100 ? 3.985   -9.343  21.684  1.00 63.38  ? 99  GLY A C   1 
ATOM   659  O  O   . GLY A 1 100 ? 2.966   -9.826  22.196  1.00 72.38  ? 99  GLY A O   1 
ATOM   660  N  N   . VAL A 1 101 ? 3.939   -8.543  20.615  1.00 64.77  ? 100 VAL A N   1 
ATOM   661  C  CA  . VAL A 1 101 ? 2.688   -8.276  19.912  1.00 52.46  ? 100 VAL A CA  1 
ATOM   662  C  C   . VAL A 1 101 ? 2.144   -9.564  19.297  1.00 63.43  ? 100 VAL A C   1 
ATOM   663  O  O   . VAL A 1 101 ? 2.903   -10.437 18.849  1.00 63.78  ? 100 VAL A O   1 
ATOM   664  C  CB  . VAL A 1 101 ? 2.932   -7.195  18.845  1.00 55.12  ? 100 VAL A CB  1 
ATOM   665  C  CG1 . VAL A 1 101 ? 1.736   -7.054  17.896  1.00 65.65  ? 100 VAL A CG1 1 
ATOM   666  C  CG2 . VAL A 1 101 ? 3.272   -5.877  19.503  1.00 50.65  ? 100 VAL A CG2 1 
ATOM   667  N  N   . GLU A 1 102 ? 0.816   -9.691  19.278  1.00 64.92  ? 101 GLU A N   1 
ATOM   668  C  CA  . GLU A 1 102 ? 0.183   -10.875 18.705  1.00 66.70  ? 101 GLU A CA  1 
ATOM   669  C  C   . GLU A 1 102 ? 0.463   -10.960 17.213  1.00 59.98  ? 101 GLU A C   1 
ATOM   670  O  O   . GLU A 1 102 ? 0.524   -9.943  16.515  1.00 61.63  ? 101 GLU A O   1 
ATOM   671  C  CB  . GLU A 1 102 ? -1.331  -10.851 18.954  1.00 66.32  ? 101 GLU A CB  1 
ATOM   672  N  N   . LYS A 1 103 ? 0.622   -12.184 16.726  1.00 55.35  ? 102 LYS A N   1 
ATOM   673  C  CA  . LYS A 1 103 ? 0.977   -12.415 15.330  1.00 62.44  ? 102 LYS A CA  1 
ATOM   674  C  C   . LYS A 1 103 ? -0.269  -12.309 14.456  1.00 60.39  ? 102 LYS A C   1 
ATOM   675  O  O   . LYS A 1 103 ? -1.197  -13.114 14.624  1.00 63.85  ? 102 LYS A O   1 
ATOM   676  C  CB  . LYS A 1 103 ? 1.650   -13.783 15.198  1.00 52.78  ? 102 LYS A CB  1 
ATOM   677  C  CG  . LYS A 1 103 ? 1.847   -14.382 13.825  1.00 59.36  ? 102 LYS A CG  1 
ATOM   678  C  CD  . LYS A 1 103 ? 2.881   -15.521 13.959  1.00 63.68  ? 102 LYS A CD  1 
ATOM   679  C  CE  . LYS A 1 103 ? 3.038   -16.335 12.693  1.00 67.73  ? 102 LYS A CE  1 
ATOM   680  N  NZ  . LYS A 1 103 ? 1.784   -17.088 12.391  1.00 86.37  ? 102 LYS A NZ  1 
ATOM   681  N  N   . PRO A 1 104 ? -0.344  -11.348 13.541  1.00 60.35  ? 103 PRO A N   1 
ATOM   682  C  CA  . PRO A 1 104 ? -1.560  -11.178 12.748  1.00 47.14  ? 103 PRO A CA  1 
ATOM   683  C  C   . PRO A 1 104 ? -1.804  -12.395 11.877  1.00 52.35  ? 103 PRO A C   1 
ATOM   684  O  O   . PRO A 1 104 ? -0.893  -13.176 11.592  1.00 66.27  ? 103 PRO A O   1 
ATOM   685  C  CB  . PRO A 1 104 ? -1.263  -9.940  11.897  1.00 58.71  ? 103 PRO A CB  1 
ATOM   686  C  CG  . PRO A 1 104 ? 0.217   -9.957  11.743  1.00 52.87  ? 103 PRO A CG  1 
ATOM   687  C  CD  . PRO A 1 104 ? 0.752   -10.491 13.049  1.00 59.87  ? 103 PRO A CD  1 
ATOM   688  N  N   . LYS A 1 105 ? -3.060  -12.553 11.454  1.00 54.42  ? 104 LYS A N   1 
ATOM   689  C  CA  . LYS A 1 105 ? -3.401  -13.642 10.549  1.00 59.01  ? 104 LYS A CA  1 
ATOM   690  C  C   . LYS A 1 105 ? -3.135  -13.295 9.090   1.00 57.59  ? 104 LYS A C   1 
ATOM   691  O  O   . LYS A 1 105 ? -2.958  -14.201 8.269   1.00 54.23  ? 104 LYS A O   1 
ATOM   692  C  CB  . LYS A 1 105 ? -4.869  -14.034 10.728  1.00 68.70  ? 104 LYS A CB  1 
ATOM   693  C  CG  . LYS A 1 105 ? -5.232  -14.462 12.155  1.00 81.01  ? 104 LYS A CG  1 
ATOM   694  C  CD  . LYS A 1 105 ? -4.575  -15.786 12.582  1.00 86.71  ? 104 LYS A CD  1 
ATOM   695  C  CE  . LYS A 1 105 ? -5.302  -17.010 12.017  1.00 94.88  ? 104 LYS A CE  1 
ATOM   696  N  NZ  . LYS A 1 105 ? -4.718  -18.290 12.516  1.00 91.78  ? 104 LYS A NZ  1 
ATOM   697  N  N   . PHE A 1 106 ? -3.114  -12.015 8.742   1.00 54.35  ? 105 PHE A N   1 
ATOM   698  C  CA  . PHE A 1 106 ? -2.819  -11.586 7.386   1.00 61.15  ? 105 PHE A CA  1 
ATOM   699  C  C   . PHE A 1 106 ? -1.648  -10.614 7.406   1.00 54.35  ? 105 PHE A C   1 
ATOM   700  O  O   . PHE A 1 106 ? -1.482  -9.833  8.356   1.00 42.61  ? 105 PHE A O   1 
ATOM   701  C  CB  . PHE A 1 106 ? -4.038  -10.932 6.721   1.00 63.62  ? 105 PHE A CB  1 
ATOM   702  C  CG  . PHE A 1 106 ? -5.287  -11.770 6.775   1.00 73.80  ? 105 PHE A CG  1 
ATOM   703  C  CD1 . PHE A 1 106 ? -5.514  -12.766 5.830   1.00 67.27  ? 105 PHE A CD1 1 
ATOM   704  C  CD2 . PHE A 1 106 ? -6.240  -11.555 7.765   1.00 65.89  ? 105 PHE A CD2 1 
ATOM   705  C  CE1 . PHE A 1 106 ? -6.663  -13.533 5.873   1.00 63.71  ? 105 PHE A CE1 1 
ATOM   706  C  CE2 . PHE A 1 106 ? -7.389  -12.318 7.817   1.00 66.14  ? 105 PHE A CE2 1 
ATOM   707  C  CZ  . PHE A 1 106 ? -7.601  -13.310 6.870   1.00 78.38  ? 105 PHE A CZ  1 
ATOM   708  N  N   . LEU A 1 107 ? -0.837  -10.690 6.349   1.00 51.65  ? 106 LEU A N   1 
ATOM   709  C  CA  . LEU A 1 107 ? 0.370   -9.885  6.201   1.00 39.84  ? 106 LEU A CA  1 
ATOM   710  C  C   . LEU A 1 107 ? 0.047   -8.400  6.267   1.00 43.23  ? 106 LEU A C   1 
ATOM   711  O  O   . LEU A 1 107 ? -0.710  -7.903  5.419   1.00 42.68  ? 106 LEU A O   1 
ATOM   712  C  CB  . LEU A 1 107 ? 1.058   -10.193 4.867   1.00 49.22  ? 106 LEU A CB  1 
ATOM   713  C  CG  . LEU A 1 107 ? 2.209   -11.201 4.859   1.00 49.43  ? 106 LEU A CG  1 
ATOM   714  C  CD1 . LEU A 1 107 ? 2.913   -11.245 3.506   1.00 47.87  ? 106 LEU A CD1 1 
ATOM   715  C  CD2 . LEU A 1 107 ? 3.197   -10.877 5.965   1.00 46.39  ? 106 LEU A CD2 1 
ATOM   716  N  N   . PRO A 1 108 ? 0.601   -7.657  7.240   1.00 41.80  ? 107 PRO A N   1 
ATOM   717  C  CA  . PRO A 1 108 ? 0.510   -6.193  7.201   1.00 36.65  ? 107 PRO A CA  1 
ATOM   718  C  C   . PRO A 1 108 ? 1.544   -5.591  6.259   1.00 46.64  ? 107 PRO A C   1 
ATOM   719  O  O   . PRO A 1 108 ? 2.245   -6.312  5.536   1.00 44.33  ? 107 PRO A O   1 
ATOM   720  C  CB  . PRO A 1 108 ? 0.778   -5.797  8.652   1.00 43.44  ? 107 PRO A CB  1 
ATOM   721  C  CG  . PRO A 1 108 ? 1.656   -6.893  9.161   1.00 42.31  ? 107 PRO A CG  1 
ATOM   722  C  CD  . PRO A 1 108 ? 1.408   -8.129  8.372   1.00 45.73  ? 107 PRO A CD  1 
ATOM   723  N  N   . ASP A 1 109 ? 1.650   -4.267  6.270   1.00 41.93  ? 108 ASP A N   1 
ATOM   724  C  CA  . ASP A 1 109 ? 2.529   -3.534  5.369   1.00 42.66  ? 108 ASP A CA  1 
ATOM   725  C  C   . ASP A 1 109 ? 3.743   -2.964  6.081   1.00 48.46  ? 108 ASP A C   1 
ATOM   726  O  O   . ASP A 1 109 ? 4.854   -2.975  5.527   1.00 38.30  ? 108 ASP A O   1 
ATOM   727  C  CB  . ASP A 1 109 ? 1.748   -2.410  4.680   1.00 38.02  ? 108 ASP A CB  1 
ATOM   728  C  CG  . ASP A 1 109 ? 0.831   -2.932  3.588   1.00 48.42  ? 108 ASP A CG  1 
ATOM   729  O  OD1 . ASP A 1 109 ? 1.316   -3.747  2.778   1.00 41.80  ? 108 ASP A OD1 1 
ATOM   730  O  OD2 . ASP A 1 109 ? -0.368  -2.550  3.530   1.00 33.75  ? 108 ASP A OD2 1 
ATOM   731  N  N   . LEU A 1 110 ? 3.562   -2.504  7.315   1.00 41.09  ? 109 LEU A N   1 
ATOM   732  C  CA  . LEU A 1 110 ? 4.633   -1.901  8.084   1.00 37.46  ? 109 LEU A CA  1 
ATOM   733  C  C   . LEU A 1 110 ? 4.505   -2.345  9.527   1.00 40.21  ? 109 LEU A C   1 
ATOM   734  O  O   . LEU A 1 110 ? 3.543   -3.012  9.912   1.00 41.12  ? 109 LEU A O   1 
ATOM   735  C  CB  . LEU A 1 110 ? 4.603   -0.375  8.001   1.00 32.70  ? 109 LEU A CB  1 
ATOM   736  C  CG  . LEU A 1 110 ? 4.590   0.274   6.621   1.00 38.68  ? 109 LEU A CG  1 
ATOM   737  C  CD1 . LEU A 1 110 ? 4.191   1.722   6.789   1.00 40.74  ? 109 LEU A CD1 1 
ATOM   738  C  CD2 . LEU A 1 110 ? 5.944   0.169   5.908   1.00 38.45  ? 109 LEU A CD2 1 
ATOM   739  N  N   . TYR A 1 111 ? 5.516   -2.005  10.320  1.00 40.46  ? 110 TYR A N   1 
ATOM   740  C  CA  . TYR A 1 111 ? 5.409   -2.077  11.766  1.00 44.26  ? 110 TYR A CA  1 
ATOM   741  C  C   . TYR A 1 111 ? 5.974   -0.790  12.336  1.00 48.06  ? 110 TYR A C   1 
ATOM   742  O  O   . TYR A 1 111 ? 7.034   -0.328  11.902  1.00 41.08  ? 110 TYR A O   1 
ATOM   743  C  CB  . TYR A 1 111 ? 6.131   -3.282  12.354  1.00 37.13  ? 110 TYR A CB  1 
ATOM   744  C  CG  . TYR A 1 111 ? 5.962   -3.365  13.858  1.00 40.65  ? 110 TYR A CG  1 
ATOM   745  C  CD1 . TYR A 1 111 ? 4.811   -3.905  14.422  1.00 44.45  ? 110 TYR A CD1 1 
ATOM   746  C  CD2 . TYR A 1 111 ? 6.941   -2.886  14.711  1.00 38.86  ? 110 TYR A CD2 1 
ATOM   747  C  CE1 . TYR A 1 111 ? 4.657   -3.986  15.788  1.00 43.06  ? 110 TYR A CE1 1 
ATOM   748  C  CE2 . TYR A 1 111 ? 6.796   -2.961  16.074  1.00 39.50  ? 110 TYR A CE2 1 
ATOM   749  C  CZ  . TYR A 1 111 ? 5.648   -3.500  16.612  1.00 45.06  ? 110 TYR A CZ  1 
ATOM   750  O  OH  . TYR A 1 111 ? 5.510   -3.568  17.977  1.00 49.13  ? 110 TYR A OH  1 
ATOM   751  N  N   . ASP A 1 112 ? 5.246   -0.206  13.279  1.00 44.76  ? 111 ASP A N   1 
ATOM   752  C  CA  . ASP A 1 112 ? 5.586   1.073   13.886  1.00 41.39  ? 111 ASP A CA  1 
ATOM   753  C  C   . ASP A 1 112 ? 6.278   0.766   15.208  1.00 43.32  ? 111 ASP A C   1 
ATOM   754  O  O   . ASP A 1 112 ? 5.628   0.396   16.185  1.00 42.82  ? 111 ASP A O   1 
ATOM   755  C  CB  . ASP A 1 112 ? 4.319   1.904   14.066  1.00 44.95  ? 111 ASP A CB  1 
ATOM   756  C  CG  . ASP A 1 112 ? 4.586   3.286   14.616  1.00 46.43  ? 111 ASP A CG  1 
ATOM   757  O  OD1 . ASP A 1 112 ? 5.682   3.529   15.156  1.00 50.81  ? 111 ASP A OD1 1 
ATOM   758  O  OD2 . ASP A 1 112 ? 3.699   4.153   14.482  1.00 51.51  ? 111 ASP A OD2 1 
ATOM   759  N  N   . TYR A 1 113 ? 7.607   0.905   15.245  1.00 42.57  ? 112 TYR A N   1 
ATOM   760  C  CA  . TYR A 1 113 ? 8.321   0.648   16.492  1.00 41.96  ? 112 TYR A CA  1 
ATOM   761  C  C   . TYR A 1 113 ? 7.985   1.665   17.562  1.00 46.81  ? 112 TYR A C   1 
ATOM   762  O  O   . TYR A 1 113 ? 8.128   1.358   18.750  1.00 48.84  ? 112 TYR A O   1 
ATOM   763  C  CB  . TYR A 1 113 ? 9.835   0.645   16.275  1.00 49.67  ? 112 TYR A CB  1 
ATOM   764  C  CG  . TYR A 1 113 ? 10.364  -0.657  15.730  1.00 42.99  ? 112 TYR A CG  1 
ATOM   765  C  CD1 . TYR A 1 113 ? 10.221  -1.847  16.436  1.00 42.88  ? 112 TYR A CD1 1 
ATOM   766  C  CD2 . TYR A 1 113 ? 10.978  -0.700  14.494  1.00 43.98  ? 112 TYR A CD2 1 
ATOM   767  C  CE1 . TYR A 1 113 ? 10.701  -3.052  15.916  1.00 42.33  ? 112 TYR A CE1 1 
ATOM   768  C  CE2 . TYR A 1 113 ? 11.456  -1.886  13.971  1.00 47.64  ? 112 TYR A CE2 1 
ATOM   769  C  CZ  . TYR A 1 113 ? 11.323  -3.052  14.684  1.00 40.48  ? 112 TYR A CZ  1 
ATOM   770  O  OH  . TYR A 1 113 ? 11.811  -4.215  14.122  1.00 49.41  ? 112 TYR A OH  1 
ATOM   771  N  N   . LYS A 1 114 ? 7.559   2.867   17.167  1.00 39.86  ? 113 LYS A N   1 
ATOM   772  C  CA  . LYS A 1 114 ? 7.250   3.901   18.146  1.00 47.34  ? 113 LYS A CA  1 
ATOM   773  C  C   . LYS A 1 114 ? 5.869   3.696   18.764  1.00 44.37  ? 113 LYS A C   1 
ATOM   774  O  O   . LYS A 1 114 ? 5.710   3.843   19.973  1.00 45.55  ? 113 LYS A O   1 
ATOM   775  C  CB  . LYS A 1 114 ? 7.358   5.286   17.511  1.00 42.68  ? 113 LYS A CB  1 
ATOM   776  C  CG  . LYS A 1 114 ? 6.930   6.397   18.472  1.00 55.35  ? 113 LYS A CG  1 
ATOM   777  C  CD  . LYS A 1 114 ? 6.869   7.759   17.799  1.00 63.46  ? 113 LYS A CD  1 
ATOM   778  C  CE  . LYS A 1 114 ? 6.977   8.875   18.829  1.00 73.86  ? 113 LYS A CE  1 
ATOM   779  N  NZ  . LYS A 1 114 ? 6.646   10.186  18.214  1.00 73.81  ? 113 LYS A NZ  1 
ATOM   780  N  N   . GLU A 1 115 ? 4.865   3.347   17.965  1.00 46.39  ? 114 GLU A N   1 
ATOM   781  C  CA  . GLU A 1 115 ? 3.533   3.059   18.487  1.00 46.25  ? 114 GLU A CA  1 
ATOM   782  C  C   . GLU A 1 115 ? 3.318   1.585   18.773  1.00 49.19  ? 114 GLU A C   1 
ATOM   783  O  O   . GLU A 1 115 ? 2.303   1.229   19.376  1.00 41.73  ? 114 GLU A O   1 
ATOM   784  C  CB  . GLU A 1 115 ? 2.453   3.519   17.504  1.00 49.69  ? 114 GLU A CB  1 
ATOM   785  C  CG  . GLU A 1 115 ? 2.443   5.012   17.226  1.00 46.24  ? 114 GLU A CG  1 
ATOM   786  C  CD  . GLU A 1 115 ? 1.901   5.836   18.382  1.00 63.58  ? 114 GLU A CD  1 
ATOM   787  O  OE1 . GLU A 1 115 ? 1.995   7.074   18.292  1.00 65.99  ? 114 GLU A OE1 1 
ATOM   788  O  OE2 . GLU A 1 115 ? 1.381   5.259   19.370  1.00 59.35  ? 114 GLU A OE2 1 
ATOM   789  N  N   . ASN A 1 116 ? 4.221   0.725   18.305  1.00 52.67  ? 115 ASN A N   1 
ATOM   790  C  CA  . ASN A 1 116 ? 4.221   -0.707  18.598  1.00 41.28  ? 115 ASN A CA  1 
ATOM   791  C  C   . ASN A 1 116 ? 2.961   -1.397  18.078  1.00 44.18  ? 115 ASN A C   1 
ATOM   792  O  O   . ASN A 1 116 ? 2.264   -2.113  18.800  1.00 46.96  ? 115 ASN A O   1 
ATOM   793  C  CB  . ASN A 1 116 ? 4.429   -0.955  20.092  1.00 50.18  ? 115 ASN A CB  1 
ATOM   794  C  CG  . ASN A 1 116 ? 5.896   -1.023  20.452  1.00 64.97  ? 115 ASN A CG  1 
ATOM   795  O  OD1 . ASN A 1 116 ? 6.685   -1.735  19.799  1.00 71.68  ? 115 ASN A OD1 1 
ATOM   796  N  ND2 . ASN A 1 116 ? 6.285   -0.269  21.467  1.00 57.91  ? 115 ASN A ND2 1 
ATOM   797  N  N   . ARG A 1 117 ? 2.707   -1.203  16.785  1.00 44.21  ? 116 ARG A N   1 
ATOM   798  C  CA  . ARG A 1 117 ? 1.608   -1.874  16.113  1.00 43.43  ? 116 ARG A CA  1 
ATOM   799  C  C   . ARG A 1 117 ? 1.932   -2.032  14.638  1.00 41.61  ? 116 ARG A C   1 
ATOM   800  O  O   . ARG A 1 117 ? 2.593   -1.181  14.034  1.00 40.95  ? 116 ARG A O   1 
ATOM   801  C  CB  . ARG A 1 117 ? 0.298   -1.093  16.261  1.00 35.27  ? 116 ARG A CB  1 
ATOM   802  C  CG  . ARG A 1 117 ? 0.356   0.287   15.635  1.00 39.75  ? 116 ARG A CG  1 
ATOM   803  C  CD  . ARG A 1 117 ? -0.655  1.249   16.268  1.00 41.15  ? 116 ARG A CD  1 
ATOM   804  N  NE  . ARG A 1 117 ? -0.532  2.589   15.708  1.00 39.06  ? 116 ARG A NE  1 
ATOM   805  C  CZ  . ARG A 1 117 ? -1.011  3.689   16.288  1.00 52.14  ? 116 ARG A CZ  1 
ATOM   806  N  NH1 . ARG A 1 117 ? -1.641  3.601   17.448  1.00 40.80  ? 116 ARG A NH1 1 
ATOM   807  N  NH2 . ARG A 1 117 ? -0.859  4.878   15.713  1.00 43.45  ? 116 ARG A NH2 1 
ATOM   808  N  N   . PHE A 1 118 ? 1.433   -3.114  14.056  1.00 39.31  ? 117 PHE A N   1 
ATOM   809  C  CA  . PHE A 1 118 ? 1.449   -3.237  12.615  1.00 39.25  ? 117 PHE A CA  1 
ATOM   810  C  C   . PHE A 1 118 ? 0.515   -2.212  11.989  1.00 44.37  ? 117 PHE A C   1 
ATOM   811  O  O   . PHE A 1 118 ? -0.447  -1.748  12.614  1.00 41.55  ? 117 PHE A O   1 
ATOM   812  C  CB  . PHE A 1 118 ? 1.049   -4.649  12.210  1.00 39.17  ? 117 PHE A CB  1 
ATOM   813  C  CG  . PHE A 1 118 ? 2.049   -5.666  12.615  1.00 46.40  ? 117 PHE A CG  1 
ATOM   814  C  CD1 . PHE A 1 118 ? 3.189   -5.868  11.849  1.00 46.12  ? 117 PHE A CD1 1 
ATOM   815  C  CD2 . PHE A 1 118 ? 1.892   -6.382  13.788  1.00 45.71  ? 117 PHE A CD2 1 
ATOM   816  C  CE1 . PHE A 1 118 ? 4.130   -6.796  12.217  1.00 42.32  ? 117 PHE A CE1 1 
ATOM   817  C  CE2 . PHE A 1 118 ? 2.843   -7.314  14.171  1.00 49.06  ? 117 PHE A CE2 1 
ATOM   818  C  CZ  . PHE A 1 118 ? 3.961   -7.524  13.384  1.00 47.77  ? 117 PHE A CZ  1 
ATOM   819  N  N   . ILE A 1 119 ? 0.816   -1.859  10.737  1.00 35.80  ? 118 ILE A N   1 
ATOM   820  C  CA  . ILE A 1 119 ? -0.005  -0.969  9.918   1.00 33.03  ? 118 ILE A CA  1 
ATOM   821  C  C   . ILE A 1 119 ? -0.385  -1.692  8.632   1.00 47.19  ? 118 ILE A C   1 
ATOM   822  O  O   . ILE A 1 119 ? 0.475   -2.279  7.960   1.00 43.42  ? 118 ILE A O   1 
ATOM   823  C  CB  . ILE A 1 119 ? 0.722   0.350   9.595   1.00 37.42  ? 118 ILE A CB  1 
ATOM   824  C  CG1 . ILE A 1 119 ? 1.249   0.992   10.874  1.00 39.57  ? 118 ILE A CG1 1 
ATOM   825  C  CG2 . ILE A 1 119 ? -0.191  1.320   8.852   1.00 36.24  ? 118 ILE A CG2 1 
ATOM   826  C  CD1 . ILE A 1 119 ? 2.116   2.207   10.625  1.00 38.29  ? 118 ILE A CD1 1 
ATOM   827  N  N   . GLU A 1 120 ? -1.671  -1.656  8.298   1.00 43.96  ? 119 GLU A N   1 
ATOM   828  C  CA  . GLU A 1 120 ? -2.153  -2.048  6.985   1.00 38.88  ? 119 GLU A CA  1 
ATOM   829  C  C   . GLU A 1 120 ? -2.487  -0.784  6.224   1.00 43.98  ? 119 GLU A C   1 
ATOM   830  O  O   . GLU A 1 120 ? -3.356  -0.016  6.652   1.00 42.28  ? 119 GLU A O   1 
ATOM   831  C  CB  . GLU A 1 120 ? -3.386  -2.947  7.062   1.00 34.11  ? 119 GLU A CB  1 
ATOM   832  C  CG  . GLU A 1 120 ? -3.935  -3.302  5.676   1.00 39.49  ? 119 GLU A CG  1 
ATOM   833  C  CD  . GLU A 1 120 ? -2.886  -3.968  4.784   1.00 43.58  ? 119 GLU A CD  1 
ATOM   834  O  OE1 . GLU A 1 120 ? -2.905  -3.784  3.538   1.00 37.66  ? 119 GLU A OE1 1 
ATOM   835  O  OE2 . GLU A 1 120 ? -2.033  -4.694  5.337   1.00 40.00  ? 119 GLU A OE2 1 
ATOM   836  N  N   . ILE A 1 121 ? -1.805  -0.567  5.106   1.00 33.27  ? 120 ILE A N   1 
ATOM   837  C  CA  . ILE A 1 121 ? -2.045  0.601   4.272   1.00 36.23  ? 120 ILE A CA  1 
ATOM   838  C  C   . ILE A 1 121 ? -2.910  0.192   3.094   1.00 36.63  ? 120 ILE A C   1 
ATOM   839  O  O   . ILE A 1 121 ? -2.658  -0.832  2.453   1.00 43.68  ? 120 ILE A O   1 
ATOM   840  C  CB  . ILE A 1 121 ? -0.732  1.245   3.808   1.00 38.11  ? 120 ILE A CB  1 
ATOM   841  C  CG1 . ILE A 1 121 ? -0.186  2.124   4.928   1.00 43.35  ? 120 ILE A CG1 1 
ATOM   842  C  CG2 . ILE A 1 121 ? -0.948  2.071   2.566   1.00 32.70  ? 120 ILE A CG2 1 
ATOM   843  C  CD1 . ILE A 1 121 ? 1.254   2.435   4.767   1.00 54.44  ? 120 ILE A CD1 1 
ATOM   844  N  N   . GLY A 1 122 ? -3.940  0.985   2.830   1.00 45.22  ? 121 GLY A N   1 
ATOM   845  C  CA  . GLY A 1 122 ? -4.857  0.732   1.728   1.00 33.45  ? 121 GLY A CA  1 
ATOM   846  C  C   . GLY A 1 122 ? -4.930  1.955   0.850   1.00 35.43  ? 121 GLY A C   1 
ATOM   847  O  O   . GLY A 1 122 ? -4.902  3.083   1.337   1.00 36.99  ? 121 GLY A O   1 
ATOM   848  N  N   . VAL A 1 123 ? -4.980  1.730   -0.456  1.00 32.03  ? 122 VAL A N   1 
ATOM   849  C  CA  . VAL A 1 123 ? -5.190  2.772   -1.451  1.00 38.14  ? 122 VAL A CA  1 
ATOM   850  C  C   . VAL A 1 123 ? -6.466  2.400   -2.184  1.00 43.84  ? 122 VAL A C   1 
ATOM   851  O  O   . VAL A 1 123 ? -6.620  1.250   -2.610  1.00 47.18  ? 122 VAL A O   1 
ATOM   852  C  CB  . VAL A 1 123 ? -3.997  2.879   -2.424  1.00 38.05  ? 122 VAL A CB  1 
ATOM   853  C  CG1 . VAL A 1 123 ? -4.205  4.001   -3.429  1.00 31.29  ? 122 VAL A CG1 1 
ATOM   854  C  CG2 . VAL A 1 123 ? -2.716  3.093   -1.642  1.00 34.62  ? 122 VAL A CG2 1 
ATOM   855  N  N   . THR A 1 124 ? -7.401  3.334   -2.288  1.00 43.58  ? 123 THR A N   1 
ATOM   856  C  CA  . THR A 1 124 ? -8.680  2.953   -2.857  1.00 39.24  ? 123 THR A CA  1 
ATOM   857  C  C   . THR A 1 124 ? -9.113  3.927   -3.931  1.00 38.08  ? 123 THR A C   1 
ATOM   858  O  O   . THR A 1 124 ? -8.845  5.127   -3.859  1.00 42.90  ? 123 THR A O   1 
ATOM   859  C  CB  . THR A 1 124 ? -9.781  2.837   -1.787  1.00 49.45  ? 123 THR A CB  1 
ATOM   860  O  OG1 . THR A 1 124 ? -10.937 2.225   -2.373  1.00 48.99  ? 123 THR A OG1 1 
ATOM   861  C  CG2 . THR A 1 124 ? -10.155 4.197   -1.228  1.00 47.45  ? 123 THR A CG2 1 
ATOM   862  N  N   . ARG A 1 125 ? -9.757  3.372   -4.944  1.00 52.68  ? 124 ARG A N   1 
ATOM   863  C  CA  . ARG A 1 125 ? -10.439 4.128   -5.981  1.00 53.98  ? 124 ARG A CA  1 
ATOM   864  C  C   . ARG A 1 125 ? -11.806 4.609   -5.519  1.00 60.84  ? 124 ARG A C   1 
ATOM   865  O  O   . ARG A 1 125 ? -12.407 5.467   -6.175  1.00 65.12  ? 124 ARG A O   1 
ATOM   866  C  CB  . ARG A 1 125 ? -10.617 3.208   -7.186  1.00 59.37  ? 124 ARG A CB  1 
ATOM   867  C  CG  . ARG A 1 125 ? -9.449  2.986   -8.183  1.00 76.49  ? 124 ARG A CG  1 
ATOM   868  C  CD  . ARG A 1 125 ? -8.240  2.134   -7.705  1.00 78.89  ? 124 ARG A CD  1 
ATOM   869  N  NE  . ARG A 1 125 ? -8.535  0.861   -7.042  1.00 99.83  ? 124 ARG A NE  1 
ATOM   870  C  CZ  . ARG A 1 125 ? -8.903  -0.271  -7.634  1.00 104.70 ? 124 ARG A CZ  1 
ATOM   871  N  NH1 . ARG A 1 125 ? -9.180  -0.324  -8.952  1.00 100.59 ? 124 ARG A NH1 1 
ATOM   872  N  NH2 . ARG A 1 125 ? -9.049  -1.346  -6.871  1.00 115.11 ? 124 ARG A NH2 1 
ATOM   873  N  N   . ARG A 1 126 ? -12.346 3.999   -4.466  1.00 50.15  ? 125 ARG A N   1 
ATOM   874  C  CA  . ARG A 1 126 ? -13.684 4.275   -3.974  1.00 60.54  ? 125 ARG A CA  1 
ATOM   875  C  C   . ARG A 1 126 ? -13.627 5.309   -2.844  1.00 66.93  ? 125 ARG A C   1 
ATOM   876  O  O   . ARG A 1 126 ? -12.688 6.109   -2.752  1.00 60.31  ? 125 ARG A O   1 
ATOM   877  C  CB  . ARG A 1 126 ? -14.346 2.969   -3.515  1.00 61.70  ? 125 ARG A CB  1 
ATOM   878  C  CG  . ARG A 1 126 ? -14.906 2.116   -4.636  1.00 54.41  ? 125 ARG A CG  1 
ATOM   879  C  CD  . ARG A 1 126 ? -15.360 0.746   -4.130  1.00 57.86  ? 125 ARG A CD  1 
ATOM   880  N  NE  . ARG A 1 126 ? -14.264 -0.049  -3.578  1.00 58.86  ? 125 ARG A NE  1 
ATOM   881  C  CZ  . ARG A 1 126 ? -14.398 -0.947  -2.600  1.00 71.32  ? 125 ARG A CZ  1 
ATOM   882  N  NH1 . ARG A 1 126 ? -15.592 -1.197  -2.066  1.00 69.26  ? 125 ARG A NH1 1 
ATOM   883  N  NH2 . ARG A 1 126 ? -13.334 -1.617  -2.162  1.00 62.54  ? 125 ARG A NH2 1 
ATOM   884  N  N   . GLU A 1 127 ? -14.637 5.305   -1.984  1.00 60.12  ? 126 GLU A N   1 
ATOM   885  C  CA  . GLU A 1 127 ? -14.692 6.238   -0.872  1.00 57.38  ? 126 GLU A CA  1 
ATOM   886  C  C   . GLU A 1 127 ? -14.021 5.575   0.324   1.00 55.46  ? 126 GLU A C   1 
ATOM   887  O  O   . GLU A 1 127 ? -14.224 4.382   0.571   1.00 54.19  ? 126 GLU A O   1 
ATOM   888  C  CB  . GLU A 1 127 ? -16.152 6.618   -0.588  1.00 56.29  ? 126 GLU A CB  1 
ATOM   889  C  CG  . GLU A 1 127 ? -16.337 8.042   -0.087  1.00 68.92  ? 126 GLU A CG  1 
ATOM   890  C  CD  . GLU A 1 127 ? -17.804 8.437   0.094   1.00 66.10  ? 126 GLU A CD  1 
ATOM   891  O  OE1 . GLU A 1 127 ? -18.360 8.189   1.178   1.00 53.24  ? 126 GLU A OE1 1 
ATOM   892  O  OE2 . GLU A 1 127 ? -18.395 9.021   -0.840  1.00 61.86  ? 126 GLU A OE2 1 
ATOM   893  N  N   . VAL A 1 128 ? -13.171 6.331   1.032   1.00 57.85  ? 127 VAL A N   1 
ATOM   894  C  CA  . VAL A 1 128 ? -12.274 5.698   2.004   1.00 49.37  ? 127 VAL A CA  1 
ATOM   895  C  C   . VAL A 1 128 ? -13.054 4.848   2.990   1.00 58.97  ? 127 VAL A C   1 
ATOM   896  O  O   . VAL A 1 128 ? -12.585 3.776   3.412   1.00 49.46  ? 127 VAL A O   1 
ATOM   897  C  CB  . VAL A 1 128 ? -11.423 6.756   2.732   1.00 52.74  ? 127 VAL A CB  1 
ATOM   898  C  CG1 . VAL A 1 128 ? -10.563 7.493   1.746   1.00 47.65  ? 127 VAL A CG1 1 
ATOM   899  C  CG2 . VAL A 1 128 ? -12.299 7.728   3.494   1.00 53.86  ? 127 VAL A CG2 1 
ATOM   900  N  N   . HIS A 1 129 ? -14.272 5.294   3.328   1.00 55.20  ? 128 HIS A N   1 
ATOM   901  C  CA  . HIS A 1 129 ? -15.112 4.645   4.329   1.00 59.34  ? 128 HIS A CA  1 
ATOM   902  C  C   . HIS A 1 129 ? -15.294 3.163   4.024   1.00 53.79  ? 128 HIS A C   1 
ATOM   903  O  O   . HIS A 1 129 ? -15.103 2.307   4.898   1.00 51.92  ? 128 HIS A O   1 
ATOM   904  C  CB  . HIS A 1 129 ? -16.472 5.369   4.382   1.00 60.01  ? 128 HIS A CB  1 
ATOM   905  C  CG  . HIS A 1 129 ? -16.375 6.868   4.235   1.00 68.25  ? 128 HIS A CG  1 
ATOM   906  N  ND1 . HIS A 1 129 ? -16.248 7.726   5.312   1.00 66.36  ? 128 HIS A ND1 1 
ATOM   907  C  CD2 . HIS A 1 129 ? -16.366 7.657   3.133   1.00 64.20  ? 128 HIS A CD2 1 
ATOM   908  C  CE1 . HIS A 1 129 ? -16.186 8.976   4.879   1.00 68.68  ? 128 HIS A CE1 1 
ATOM   909  N  NE2 . HIS A 1 129 ? -16.247 8.962   3.559   1.00 66.43  ? 128 HIS A NE2 1 
ATOM   910  N  N   . ILE A 1 130 ? -15.627 2.846   2.770   1.00 51.71  ? 129 ILE A N   1 
ATOM   911  C  CA  . ILE A 1 130 ? -16.060 1.501   2.403   1.00 53.85  ? 129 ILE A CA  1 
ATOM   912  C  C   . ILE A 1 130 ? -14.875 0.551   2.271   1.00 52.14  ? 129 ILE A C   1 
ATOM   913  O  O   . ILE A 1 130 ? -14.948 -0.609  2.693   1.00 46.67  ? 129 ILE A O   1 
ATOM   914  C  CB  . ILE A 1 130 ? -16.912 1.563   1.119   1.00 58.44  ? 129 ILE A CB  1 
ATOM   915  C  CG1 . ILE A 1 130 ? -17.438 0.180   0.754   1.00 63.60  ? 129 ILE A CG1 1 
ATOM   916  C  CG2 . ILE A 1 130 ? -16.139 2.156   -0.041  1.00 62.16  ? 129 ILE A CG2 1 
ATOM   917  C  CD1 . ILE A 1 130 ? -18.415 0.197   -0.402  1.00 76.28  ? 129 ILE A CD1 1 
ATOM   918  N  N   . TYR A 1 131 ? -13.758 1.015   1.702   1.00 55.24  ? 130 TYR A N   1 
ATOM   919  C  CA  . TYR A 1 131 ? -12.561 0.186   1.720   1.00 47.93  ? 130 TYR A CA  1 
ATOM   920  C  C   . TYR A 1 131 ? -12.077 -0.041  3.149   1.00 48.41  ? 130 TYR A C   1 
ATOM   921  O  O   . TYR A 1 131 ? -11.670 -1.158  3.504   1.00 39.09  ? 130 TYR A O   1 
ATOM   922  C  CB  . TYR A 1 131 ? -11.456 0.813   0.866   1.00 52.49  ? 130 TYR A CB  1 
ATOM   923  C  CG  . TYR A 1 131 ? -10.339 -0.166  0.550   1.00 51.26  ? 130 TYR A CG  1 
ATOM   924  C  CD1 . TYR A 1 131 ? -10.622 -1.494  0.257   1.00 62.65  ? 130 TYR A CD1 1 
ATOM   925  C  CD2 . TYR A 1 131 ? -9.009  0.228   0.546   1.00 56.27  ? 130 TYR A CD2 1 
ATOM   926  C  CE1 . TYR A 1 131 ? -9.613  -2.406  -0.027  1.00 56.06  ? 130 TYR A CE1 1 
ATOM   927  C  CE2 . TYR A 1 131 ? -7.993  -0.682  0.252   1.00 48.37  ? 130 TYR A CE2 1 
ATOM   928  C  CZ  . TYR A 1 131 ? -8.303  -1.993  -0.026  1.00 51.58  ? 130 TYR A CZ  1 
ATOM   929  O  OH  . TYR A 1 131 ? -7.298  -2.898  -0.302  1.00 59.48  ? 130 TYR A OH  1 
ATOM   930  N  N   . TYR A 1 132 ? -12.125 0.996   3.995   1.00 45.59  ? 131 TYR A N   1 
ATOM   931  C  CA  . TYR A 1 132 ? -11.724 0.794   5.386   1.00 49.21  ? 131 TYR A CA  1 
ATOM   932  C  C   . TYR A 1 132 ? -12.558 -0.300  6.035   1.00 54.17  ? 131 TYR A C   1 
ATOM   933  O  O   . TYR A 1 132 ? -12.019 -1.182  6.718   1.00 55.30  ? 131 TYR A O   1 
ATOM   934  C  CB  . TYR A 1 132 ? -11.832 2.089   6.197   1.00 49.92  ? 131 TYR A CB  1 
ATOM   935  C  CG  . TYR A 1 132 ? -11.371 1.924   7.651   1.00 59.26  ? 131 TYR A CG  1 
ATOM   936  C  CD1 . TYR A 1 132 ? -12.107 1.156   8.562   1.00 69.20  ? 131 TYR A CD1 1 
ATOM   937  C  CD2 . TYR A 1 132 ? -10.220 2.550   8.122   1.00 46.82  ? 131 TYR A CD2 1 
ATOM   938  C  CE1 . TYR A 1 132 ? -11.700 0.985   9.876   1.00 62.14  ? 131 TYR A CE1 1 
ATOM   939  C  CE2 . TYR A 1 132 ? -9.803  2.384   9.454   1.00 50.67  ? 131 TYR A CE2 1 
ATOM   940  C  CZ  . TYR A 1 132 ? -10.557 1.602   10.321  1.00 67.03  ? 131 TYR A CZ  1 
ATOM   941  O  OH  . TYR A 1 132 ? -10.181 1.421   11.637  1.00 61.98  ? 131 TYR A OH  1 
ATOM   942  N  N   . LEU A 1 133 ? -13.882 -0.242  5.864   1.00 57.75  ? 132 LEU A N   1 
ATOM   943  C  CA  . LEU A 1 133 ? -14.736 -1.273  6.448   1.00 57.91  ? 132 LEU A CA  1 
ATOM   944  C  C   . LEU A 1 133 ? -14.314 -2.654  5.965   1.00 59.87  ? 132 LEU A C   1 
ATOM   945  O  O   . LEU A 1 133 ? -14.188 -3.596  6.759   1.00 61.48  ? 132 LEU A O   1 
ATOM   946  C  CB  . LEU A 1 133 ? -16.200 -1.004  6.098   1.00 67.86  ? 132 LEU A CB  1 
ATOM   947  C  CG  . LEU A 1 133 ? -16.903 0.190   6.750   1.00 75.19  ? 132 LEU A CG  1 
ATOM   948  C  CD1 . LEU A 1 133 ? -18.311 0.345   6.176   1.00 67.28  ? 132 LEU A CD1 1 
ATOM   949  C  CD2 . LEU A 1 133 ? -16.947 0.029   8.264   1.00 62.50  ? 132 LEU A CD2 1 
ATOM   950  N  N   . GLU A 1 134 ? -14.071 -2.785  4.660   1.00 52.46  ? 133 GLU A N   1 
ATOM   951  C  CA  . GLU A 1 134 ? -13.686 -4.081  4.119   1.00 57.92  ? 133 GLU A CA  1 
ATOM   952  C  C   . GLU A 1 134 ? -12.385 -4.571  4.742   1.00 63.55  ? 133 GLU A C   1 
ATOM   953  O  O   . GLU A 1 134 ? -12.258 -5.758  5.065   1.00 64.06  ? 133 GLU A O   1 
ATOM   954  C  CB  . GLU A 1 134 ? -13.578 -3.992  2.596   1.00 56.27  ? 133 GLU A CB  1 
ATOM   955  C  CG  . GLU A 1 134 ? -14.908 -3.685  1.934   1.00 64.22  ? 133 GLU A CG  1 
ATOM   956  C  CD  . GLU A 1 134 ? -14.793 -3.386  0.454   1.00 75.28  ? 133 GLU A CD  1 
ATOM   957  O  OE1 . GLU A 1 134 ? -15.845 -3.130  -0.180  1.00 79.46  ? 133 GLU A OE1 1 
ATOM   958  O  OE2 . GLU A 1 134 ? -13.659 -3.408  -0.076  1.00 83.65  ? 133 GLU A OE2 1 
ATOM   959  N  N   . LYS A 1 135 ? -11.413 -3.672  4.947   1.00 58.45  ? 134 LYS A N   1 
ATOM   960  C  CA  . LYS A 1 135 ? -10.175 -4.075  5.615   1.00 61.39  ? 134 LYS A CA  1 
ATOM   961  C  C   . LYS A 1 135 ? -10.434 -4.459  7.065   1.00 61.07  ? 134 LYS A C   1 
ATOM   962  O  O   . LYS A 1 135 ? -9.981  -5.511  7.527   1.00 66.53  ? 134 LYS A O   1 
ATOM   963  C  CB  . LYS A 1 135 ? -9.124  -2.962  5.551   1.00 69.90  ? 134 LYS A CB  1 
ATOM   964  C  CG  . LYS A 1 135 ? -8.728  -2.533  4.150   1.00 60.64  ? 134 LYS A CG  1 
ATOM   965  C  CD  . LYS A 1 135 ? -7.749  -3.517  3.536   1.00 63.29  ? 134 LYS A CD  1 
ATOM   966  C  CE  . LYS A 1 135 ? -6.590  -2.823  2.842   1.00 58.65  ? 134 LYS A CE  1 
ATOM   967  N  NZ  . LYS A 1 135 ? -5.499  -3.800  2.561   1.00 43.70  ? 134 LYS A NZ  1 
ATOM   968  N  N   . ALA A 1 136 ? -11.151 -3.609  7.803   1.00 63.81  ? 135 ALA A N   1 
ATOM   969  C  CA  . ALA A 1 136 ? -11.414 -3.902  9.209   1.00 65.74  ? 135 ALA A CA  1 
ATOM   970  C  C   . ALA A 1 136 ? -12.166 -5.221  9.356   1.00 71.52  ? 135 ALA A C   1 
ATOM   971  O  O   . ALA A 1 136 ? -11.782 -6.082  10.160  1.00 75.26  ? 135 ALA A O   1 
ATOM   972  C  CB  . ALA A 1 136 ? -12.178 -2.746  9.847   1.00 52.57  ? 135 ALA A CB  1 
ATOM   973  N  N   . ASN A 1 137 ? -13.227 -5.408  8.562   1.00 62.34  ? 136 ASN A N   1 
ATOM   974  C  CA  . ASN A 1 137 ? -13.868 -6.716  8.460   1.00 68.52  ? 136 ASN A CA  1 
ATOM   975  C  C   . ASN A 1 137 ? -12.843 -7.822  8.242   1.00 65.56  ? 136 ASN A C   1 
ATOM   976  O  O   . ASN A 1 137 ? -12.812 -8.820  8.973   1.00 73.84  ? 136 ASN A O   1 
ATOM   977  C  CB  . ASN A 1 137 ? -14.881 -6.701  7.315   1.00 79.30  ? 136 ASN A CB  1 
ATOM   978  C  CG  . ASN A 1 137 ? -15.540 -8.057  7.087   1.00 91.18  ? 136 ASN A CG  1 
ATOM   979  O  OD1 . ASN A 1 137 ? -15.474 -8.954  7.930   1.00 100.11 ? 136 ASN A OD1 1 
ATOM   980  N  ND2 . ASN A 1 137 ? -16.139 -8.223  5.912   1.00 84.42  ? 136 ASN A ND2 1 
ATOM   981  N  N   . LYS A 1 138 ? -11.984 -7.648  7.241   1.00 80.52  ? 137 LYS A N   1 
ATOM   982  C  CA  . LYS A 1 138 ? -11.121 -8.733  6.786   1.00 81.38  ? 137 LYS A CA  1 
ATOM   983  C  C   . LYS A 1 138 ? -10.136 -9.150  7.869   1.00 78.92  ? 137 LYS A C   1 
ATOM   984  O  O   . LYS A 1 138 ? -10.079 -10.322 8.256   1.00 84.96  ? 137 LYS A O   1 
ATOM   985  C  CB  . LYS A 1 138 ? -10.383 -8.300  5.516   1.00 72.30  ? 137 LYS A CB  1 
ATOM   986  C  CG  . LYS A 1 138 ? -9.269  -9.232  5.047   1.00 70.19  ? 137 LYS A CG  1 
ATOM   987  C  CD  . LYS A 1 138 ? -9.710  -10.678 4.969   1.00 78.03  ? 137 LYS A CD  1 
ATOM   988  C  CE  . LYS A 1 138 ? -8.768  -11.487 4.092   1.00 68.55  ? 137 LYS A CE  1 
ATOM   989  N  NZ  . LYS A 1 138 ? -8.387  -10.743 2.858   1.00 70.83  ? 137 LYS A NZ  1 
ATOM   990  N  N   . ILE A 1 139 ? -9.339  -8.196  8.364   1.00 86.75  ? 138 ILE A N   1 
ATOM   991  C  CA  . ILE A 1 139 ? -8.225  -8.546  9.244   1.00 93.80  ? 138 ILE A CA  1 
ATOM   992  C  C   . ILE A 1 139 ? -8.724  -9.235  10.504  1.00 92.39  ? 138 ILE A C   1 
ATOM   993  O  O   . ILE A 1 139 ? -8.053  -10.129 11.037  1.00 94.05  ? 138 ILE A O   1 
ATOM   994  C  CB  . ILE A 1 139 ? -7.369  -7.298  9.574   1.00 85.68  ? 138 ILE A CB  1 
ATOM   995  C  CG1 . ILE A 1 139 ? -8.079  -6.368  10.556  1.00 82.73  ? 138 ILE A CG1 1 
ATOM   996  C  CG2 . ILE A 1 139 ? -6.994  -6.533  8.310   1.00 82.61  ? 138 ILE A CG2 1 
ATOM   997  C  CD1 . ILE A 1 139 ? -7.231  -5.188  10.967  1.00 76.75  ? 138 ILE A CD1 1 
ATOM   998  N  N   . LYS A 1 140 ? -9.904  -8.850  10.992  1.00 86.15  ? 139 LYS A N   1 
ATOM   999  C  CA  . LYS A 1 140 ? -10.475 -9.401  12.219  1.00 101.20 ? 139 LYS A CA  1 
ATOM   1000 C  C   . LYS A 1 140 ? -9.479  -9.365  13.383  1.00 104.03 ? 139 LYS A C   1 
ATOM   1001 O  O   . LYS A 1 140 ? -9.646  -10.085 14.371  1.00 120.16 ? 139 LYS A O   1 
ATOM   1002 C  CB  . LYS A 1 140 ? -10.994 -10.827 11.993  1.00 91.58  ? 139 LYS A CB  1 
ATOM   1003 N  N   . SER A 1 141 ? -8.439  -8.536  13.277  1.00 94.64  ? 140 SER A N   1 
ATOM   1004 C  CA  . SER A 1 141 ? -7.429  -8.366  14.319  1.00 94.29  ? 140 SER A CA  1 
ATOM   1005 C  C   . SER A 1 141 ? -7.420  -6.900  14.726  1.00 90.86  ? 140 SER A C   1 
ATOM   1006 O  O   . SER A 1 141 ? -6.842  -6.062  14.027  1.00 88.72  ? 140 SER A O   1 
ATOM   1007 C  CB  . SER A 1 141 ? -6.045  -8.799  13.835  1.00 89.06  ? 140 SER A CB  1 
ATOM   1008 O  OG  . SER A 1 141 ? -5.049  -8.433  14.776  1.00 92.05  ? 140 SER A OG  1 
ATOM   1009 N  N   . GLU A 1 142 ? -8.048  -6.589  15.859  1.00 91.33  ? 141 GLU A N   1 
ATOM   1010 C  CA  . GLU A 1 142 ? -8.173  -5.193  16.261  1.00 91.10  ? 141 GLU A CA  1 
ATOM   1011 C  C   . GLU A 1 142 ? -6.833  -4.538  16.583  1.00 89.52  ? 141 GLU A C   1 
ATOM   1012 O  O   . GLU A 1 142 ? -6.819  -3.335  16.870  1.00 89.80  ? 141 GLU A O   1 
ATOM   1013 C  CB  . GLU A 1 142 ? -9.115  -5.073  17.465  1.00 81.87  ? 141 GLU A CB  1 
ATOM   1014 N  N   . LYS A 1 143 ? -5.716  -5.272  16.535  1.00 77.65  ? 142 LYS A N   1 
ATOM   1015 C  CA  . LYS A 1 143 ? -4.425  -4.712  16.913  1.00 63.76  ? 142 LYS A CA  1 
ATOM   1016 C  C   . LYS A 1 143 ? -3.718  -4.039  15.747  1.00 60.91  ? 142 LYS A C   1 
ATOM   1017 O  O   . LYS A 1 143 ? -2.885  -3.152  15.961  1.00 69.08  ? 142 LYS A O   1 
ATOM   1018 C  CB  . LYS A 1 143 ? -3.527  -5.807  17.495  1.00 66.58  ? 142 LYS A CB  1 
ATOM   1019 N  N   . THR A 1 144 ? -4.039  -4.433  14.524  1.00 63.79  ? 143 THR A N   1 
ATOM   1020 C  CA  . THR A 1 144 ? -3.391  -3.879  13.346  1.00 54.98  ? 143 THR A CA  1 
ATOM   1021 C  C   . THR A 1 144 ? -4.036  -2.550  12.984  1.00 52.01  ? 143 THR A C   1 
ATOM   1022 O  O   . THR A 1 144 ? -5.237  -2.485  12.704  1.00 50.74  ? 143 THR A O   1 
ATOM   1023 C  CB  . THR A 1 144 ? -3.482  -4.864  12.189  1.00 47.70  ? 143 THR A CB  1 
ATOM   1024 O  OG1 . THR A 1 144 ? -2.743  -6.041  12.526  1.00 60.30  ? 143 THR A OG1 1 
ATOM   1025 C  CG2 . THR A 1 144 ? -2.926  -4.256  10.917  1.00 44.16  ? 143 THR A CG2 1 
ATOM   1026 N  N   . HIS A 1 145 ? -3.229  -1.499  12.972  1.00 46.54  ? 144 HIS A N   1 
ATOM   1027 C  CA  . HIS A 1 145 ? -3.744  -0.169  12.725  1.00 39.23  ? 144 HIS A CA  1 
ATOM   1028 C  C   . HIS A 1 145 ? -3.998  -0.053  11.228  1.00 46.08  ? 144 HIS A C   1 
ATOM   1029 O  O   . HIS A 1 145 ? -3.227  -0.576  10.415  1.00 45.37  ? 144 HIS A O   1 
ATOM   1030 C  CB  . HIS A 1 145 ? -2.706  0.842   13.203  1.00 37.00  ? 144 HIS A CB  1 
ATOM   1031 C  CG  . HIS A 1 145 ? -3.246  2.210   13.473  1.00 48.13  ? 144 HIS A CG  1 
ATOM   1032 N  ND1 . HIS A 1 145 ? -3.951  2.496   14.624  1.00 43.26  ? 144 HIS A ND1 1 
ATOM   1033 C  CD2 . HIS A 1 145 ? -3.164  3.369   12.778  1.00 46.06  ? 144 HIS A CD2 1 
ATOM   1034 C  CE1 . HIS A 1 145 ? -4.285  3.775   14.625  1.00 46.74  ? 144 HIS A CE1 1 
ATOM   1035 N  NE2 . HIS A 1 145 ? -3.829  4.323   13.512  1.00 42.06  ? 144 HIS A NE2 1 
ATOM   1036 N  N   . ILE A 1 146 ? -5.099  0.582   10.844  1.00 39.62  ? 145 ILE A N   1 
ATOM   1037 C  CA  . ILE A 1 146 ? -5.481  0.670   9.438   1.00 37.23  ? 145 ILE A CA  1 
ATOM   1038 C  C   . ILE A 1 146 ? -5.380  2.119   8.991   1.00 41.09  ? 145 ILE A C   1 
ATOM   1039 O  O   . ILE A 1 146 ? -5.760  3.032   9.728   1.00 39.78  ? 145 ILE A O   1 
ATOM   1040 C  CB  . ILE A 1 146 ? -6.892  0.110   9.179   1.00 42.73  ? 145 ILE A CB  1 
ATOM   1041 C  CG1 . ILE A 1 146 ? -6.959  -1.361  9.550   1.00 44.54  ? 145 ILE A CG1 1 
ATOM   1042 C  CG2 . ILE A 1 146 ? -7.298  0.274   7.733   1.00 38.48  ? 145 ILE A CG2 1 
ATOM   1043 C  CD1 . ILE A 1 146 ? -8.345  -1.924  9.388   1.00 52.83  ? 145 ILE A CD1 1 
ATOM   1044 N  N   . HIS A 1 147 ? -4.836  2.332   7.796   1.00 37.26  ? 146 HIS A N   1 
ATOM   1045 C  CA  . HIS A 1 147 ? -4.711  3.675   7.243   1.00 34.04  ? 146 HIS A CA  1 
ATOM   1046 C  C   . HIS A 1 147 ? -5.030  3.598   5.756   1.00 41.80  ? 146 HIS A C   1 
ATOM   1047 O  O   . HIS A 1 147 ? -4.275  2.990   4.988   1.00 43.43  ? 146 HIS A O   1 
ATOM   1048 C  CB  . HIS A 1 147 ? -3.315  4.238   7.502   1.00 32.65  ? 146 HIS A CB  1 
ATOM   1049 C  CG  . HIS A 1 147 ? -3.220  5.728   7.384   1.00 27.69  ? 146 HIS A CG  1 
ATOM   1050 N  ND1 . HIS A 1 147 ? -2.460  6.491   8.245   1.00 32.88  ? 146 HIS A ND1 1 
ATOM   1051 C  CD2 . HIS A 1 147 ? -3.746  6.591   6.482   1.00 29.65  ? 146 HIS A CD2 1 
ATOM   1052 C  CE1 . HIS A 1 147 ? -2.538  7.764   7.890   1.00 32.82  ? 146 HIS A CE1 1 
ATOM   1053 N  NE2 . HIS A 1 147 ? -3.315  7.852   6.824   1.00 34.25  ? 146 HIS A NE2 1 
ATOM   1054 N  N   . ILE A 1 148 ? -6.160  4.187   5.356   1.00 36.77  ? 147 ILE A N   1 
ATOM   1055 C  CA  . ILE A 1 148 ? -6.612  4.165   3.967   1.00 33.34  ? 147 ILE A CA  1 
ATOM   1056 C  C   . ILE A 1 148 ? -6.332  5.517   3.347   1.00 38.45  ? 147 ILE A C   1 
ATOM   1057 O  O   . ILE A 1 148 ? -6.521  6.551   3.998   1.00 36.96  ? 147 ILE A O   1 
ATOM   1058 C  CB  . ILE A 1 148 ? -8.111  3.834   3.869   1.00 42.31  ? 147 ILE A CB  1 
ATOM   1059 C  CG1 . ILE A 1 148 ? -8.432  2.611   4.720   1.00 42.41  ? 147 ILE A CG1 1 
ATOM   1060 C  CG2 . ILE A 1 148 ? -8.502  3.614   2.423   1.00 43.82  ? 147 ILE A CG2 1 
ATOM   1061 C  CD1 . ILE A 1 148 ? -7.594  1.428   4.373   1.00 42.51  ? 147 ILE A CD1 1 
ATOM   1062 N  N   . PHE A 1 149 ? -5.856  5.509   2.097   1.00 34.64  ? 148 PHE A N   1 
ATOM   1063 C  CA  . PHE A 1 149 ? -5.773  6.684   1.239   1.00 35.27  ? 148 PHE A CA  1 
ATOM   1064 C  C   . PHE A 1 149 ? -6.618  6.462   -0.006  1.00 41.37  ? 148 PHE A C   1 
ATOM   1065 O  O   . PHE A 1 149 ? -6.741  5.333   -0.498  1.00 39.89  ? 148 PHE A O   1 
ATOM   1066 C  CB  . PHE A 1 149 ? -4.331  6.982   0.790   1.00 34.78  ? 148 PHE A CB  1 
ATOM   1067 C  CG  . PHE A 1 149 ? -3.380  7.259   1.920   1.00 32.30  ? 148 PHE A CG  1 
ATOM   1068 C  CD1 . PHE A 1 149 ? -2.761  6.223   2.583   1.00 33.75  ? 148 PHE A CD1 1 
ATOM   1069 C  CD2 . PHE A 1 149 ? -3.104  8.564   2.303   1.00 38.58  ? 148 PHE A CD2 1 
ATOM   1070 C  CE1 . PHE A 1 149 ? -1.882  6.472   3.614   1.00 37.69  ? 148 PHE A CE1 1 
ATOM   1071 C  CE2 . PHE A 1 149 ? -2.223  8.829   3.327   1.00 39.18  ? 148 PHE A CE2 1 
ATOM   1072 C  CZ  . PHE A 1 149 ? -1.608  7.775   3.988   1.00 37.12  ? 148 PHE A CZ  1 
ATOM   1073 N  N   . SER A 1 150 ? -7.171  7.551   -0.541  1.00 36.10  ? 149 SER A N   1 
ATOM   1074 C  CA  . SER A 1 150 ? -7.946  7.495   -1.770  1.00 38.12  ? 149 SER A CA  1 
ATOM   1075 C  C   . SER A 1 150 ? -7.293  8.352   -2.840  1.00 32.44  ? 149 SER A C   1 
ATOM   1076 O  O   . SER A 1 150 ? -6.484  9.239   -2.554  1.00 39.54  ? 149 SER A O   1 
ATOM   1077 C  CB  . SER A 1 150 ? -9.388  7.986   -1.562  1.00 38.68  ? 149 SER A CB  1 
ATOM   1078 O  OG  . SER A 1 150 ? -9.444  9.399   -1.662  1.00 40.32  ? 149 SER A OG  1 
ATOM   1079 N  N   . PHE A 1 151 ? -7.673  8.098   -4.087  1.00 40.32  ? 150 PHE A N   1 
ATOM   1080 C  CA  . PHE A 1 151 ? -7.200  8.917   -5.196  1.00 40.85  ? 150 PHE A CA  1 
ATOM   1081 C  C   . PHE A 1 151 ? -7.876  10.282  -5.258  1.00 46.30  ? 150 PHE A C   1 
ATOM   1082 O  O   . PHE A 1 151 ? -7.722  10.983  -6.261  1.00 55.44  ? 150 PHE A O   1 
ATOM   1083 C  CB  . PHE A 1 151 ? -7.407  8.185   -6.529  1.00 35.31  ? 150 PHE A CB  1 
ATOM   1084 C  CG  . PHE A 1 151 ? -6.442  7.072   -6.763  1.00 44.30  ? 150 PHE A CG  1 
ATOM   1085 C  CD1 . PHE A 1 151 ? -5.269  7.291   -7.464  1.00 39.48  ? 150 PHE A CD1 1 
ATOM   1086 C  CD2 . PHE A 1 151 ? -6.708  5.801   -6.294  1.00 40.47  ? 150 PHE A CD2 1 
ATOM   1087 C  CE1 . PHE A 1 151 ? -4.382  6.256   -7.691  1.00 48.29  ? 150 PHE A CE1 1 
ATOM   1088 C  CE2 . PHE A 1 151 ? -5.823  4.764   -6.517  1.00 42.43  ? 150 PHE A CE2 1 
ATOM   1089 C  CZ  . PHE A 1 151 ? -4.660  4.992   -7.215  1.00 42.48  ? 150 PHE A CZ  1 
ATOM   1090 N  N   . THR A 1 152 ? -8.621  10.684  -4.226  1.00 50.95  ? 151 THR A N   1 
ATOM   1091 C  CA  . THR A 1 152 ? -9.229  12.006  -4.207  1.00 51.75  ? 151 THR A CA  1 
ATOM   1092 C  C   . THR A 1 152 ? -8.706  12.884  -3.081  1.00 53.65  ? 151 THR A C   1 
ATOM   1093 O  O   . THR A 1 152 ? -9.201  14.004  -2.901  1.00 52.79  ? 151 THR A O   1 
ATOM   1094 C  CB  . THR A 1 152 ? -10.753 11.883  -4.106  1.00 51.15  ? 151 THR A CB  1 
ATOM   1095 O  OG1 . THR A 1 152 ? -11.092 10.950  -3.073  1.00 54.86  ? 151 THR A OG1 1 
ATOM   1096 C  CG2 . THR A 1 152 ? -11.283 11.345  -5.399  1.00 40.10  ? 151 THR A CG2 1 
ATOM   1097 N  N   . GLY A 1 153 ? -7.726  12.419  -2.321  1.00 52.15  ? 152 GLY A N   1 
ATOM   1098 C  CA  . GLY A 1 153 ? -7.144  13.226  -1.273  1.00 49.67  ? 152 GLY A CA  1 
ATOM   1099 C  C   . GLY A 1 153 ? -7.702  12.976  0.102   1.00 47.48  ? 152 GLY A C   1 
ATOM   1100 O  O   . GLY A 1 153 ? -7.421  13.760  1.017   1.00 62.24  ? 152 GLY A O   1 
ATOM   1101 N  N   . GLU A 1 154 ? -8.494  11.929  0.280   1.00 48.77  ? 153 GLU A N   1 
ATOM   1102 C  CA  . GLU A 1 154 ? -9.052  11.599  1.578   1.00 40.67  ? 153 GLU A CA  1 
ATOM   1103 C  C   . GLU A 1 154 ? -8.192  10.536  2.229   1.00 46.65  ? 153 GLU A C   1 
ATOM   1104 O  O   . GLU A 1 154 ? -7.508  9.762   1.562   1.00 41.93  ? 153 GLU A O   1 
ATOM   1105 C  CB  . GLU A 1 154 ? -10.475 11.053  1.458   1.00 52.88  ? 153 GLU A CB  1 
ATOM   1106 C  CG  . GLU A 1 154 ? -11.546 11.983  0.948   1.00 59.36  ? 153 GLU A CG  1 
ATOM   1107 C  CD  . GLU A 1 154 ? -12.554 11.202  0.116   1.00 78.04  ? 153 GLU A CD  1 
ATOM   1108 O  OE1 . GLU A 1 154 ? -12.414 11.176  -1.126  1.00 75.32  ? 153 GLU A OE1 1 
ATOM   1109 O  OE2 . GLU A 1 154 ? -13.446 10.557  0.710   1.00 77.93  ? 153 GLU A OE2 1 
ATOM   1110 N  N   . GLU A 1 155 ? -8.281  10.462  3.544   1.00 39.96  ? 154 GLU A N   1 
ATOM   1111 C  CA  . GLU A 1 155 ? -7.625  9.398   4.273   1.00 41.19  ? 154 GLU A CA  1 
ATOM   1112 C  C   . GLU A 1 155 ? -8.491  9.031   5.460   1.00 43.59  ? 154 GLU A C   1 
ATOM   1113 O  O   . GLU A 1 155 ? -9.329  9.812   5.907   1.00 48.83  ? 154 GLU A O   1 
ATOM   1114 C  CB  . GLU A 1 155 ? -6.211  9.804   4.711   1.00 47.12  ? 154 GLU A CB  1 
ATOM   1115 C  CG  . GLU A 1 155 ? -6.191  10.967  5.672   1.00 46.96  ? 154 GLU A CG  1 
ATOM   1116 C  CD  . GLU A 1 155 ? -4.789  11.354  6.101   1.00 51.33  ? 154 GLU A CD  1 
ATOM   1117 O  OE1 . GLU A 1 155 ? -4.578  12.556  6.389   1.00 45.52  ? 154 GLU A OE1 1 
ATOM   1118 O  OE2 . GLU A 1 155 ? -3.912  10.461  6.170   1.00 48.21  ? 154 GLU A OE2 1 
ATOM   1119 N  N   . MET A 1 156 ? -8.298  7.813   5.950   1.00 41.56  ? 155 MET A N   1 
ATOM   1120 C  CA  . MET A 1 156 ? -9.051  7.342   7.101   1.00 44.28  ? 155 MET A CA  1 
ATOM   1121 C  C   . MET A 1 156 ? -8.160  6.404   7.893   1.00 50.93  ? 155 MET A C   1 
ATOM   1122 O  O   . MET A 1 156 ? -7.649  5.424   7.342   1.00 41.58  ? 155 MET A O   1 
ATOM   1123 C  CB  . MET A 1 156 ? -10.323 6.637   6.656   1.00 47.84  ? 155 MET A CB  1 
ATOM   1124 C  CG  . MET A 1 156 ? -11.226 6.270   7.814   1.00 58.49  ? 155 MET A CG  1 
ATOM   1125 S  SD  . MET A 1 156 ? -12.836 5.726   7.219   1.00 53.82  ? 155 MET A SD  1 
ATOM   1126 C  CE  . MET A 1 156 ? -13.222 4.396   8.340   1.00 57.67  ? 155 MET A CE  1 
ATOM   1127 N  N   . ALA A 1 157 ? -7.956  6.701   9.171   1.00 34.73  ? 156 ALA A N   1 
ATOM   1128 C  CA  . ALA A 1 157 ? -7.095  5.870   9.995   1.00 41.82  ? 156 ALA A CA  1 
ATOM   1129 C  C   . ALA A 1 157 ? -7.830  5.400   11.243  1.00 47.17  ? 156 ALA A C   1 
ATOM   1130 O  O   . ALA A 1 157 ? -8.674  6.112   11.795  1.00 48.00  ? 156 ALA A O   1 
ATOM   1131 C  CB  . ALA A 1 157 ? -5.804  6.615   10.393  1.00 35.50  ? 156 ALA A CB  1 
ATOM   1132 N  N   . THR A 1 158 ? -7.479  4.190   11.682  1.00 40.71  ? 157 THR A N   1 
ATOM   1133 C  CA  . THR A 1 158 ? -7.971  3.645   12.944  1.00 43.93  ? 157 THR A CA  1 
ATOM   1134 C  C   . THR A 1 158 ? -7.868  4.666   14.073  1.00 44.61  ? 157 THR A C   1 
ATOM   1135 O  O   . THR A 1 158 ? -6.867  5.382   14.202  1.00 36.93  ? 157 THR A O   1 
ATOM   1136 C  CB  . THR A 1 158 ? -7.172  2.387   13.299  1.00 44.48  ? 157 THR A CB  1 
ATOM   1137 O  OG1 . THR A 1 158 ? -7.316  1.420   12.247  1.00 43.58  ? 157 THR A OG1 1 
ATOM   1138 C  CG2 . THR A 1 158 ? -7.642  1.782   14.625  1.00 38.30  ? 157 THR A CG2 1 
ATOM   1139 N  N   . LYS A 1 159 ? -8.936  4.741   14.882  1.00 47.80  ? 158 LYS A N   1 
ATOM   1140 C  CA  . LYS A 1 159 ? -9.005  5.625   16.055  1.00 37.44  ? 158 LYS A CA  1 
ATOM   1141 C  C   . LYS A 1 159 ? -8.638  7.068   15.729  1.00 34.65  ? 158 LYS A C   1 
ATOM   1142 O  O   . LYS A 1 159 ? -8.109  7.787   16.579  1.00 41.95  ? 158 LYS A O   1 
ATOM   1143 C  CB  . LYS A 1 159 ? -8.125  5.116   17.198  1.00 45.32  ? 158 LYS A CB  1 
ATOM   1144 C  CG  . LYS A 1 159 ? -8.764  4.024   18.039  1.00 62.51  ? 158 LYS A CG  1 
ATOM   1145 C  CD  . LYS A 1 159 ? -7.874  3.639   19.209  1.00 60.03  ? 158 LYS A CD  1 
ATOM   1146 C  CE  . LYS A 1 159 ? -6.921  2.528   18.814  1.00 67.62  ? 158 LYS A CE  1 
ATOM   1147 N  NZ  . LYS A 1 159 ? -5.576  2.696   19.428  1.00 71.29  ? 158 LYS A NZ  1 
ATOM   1148 N  N   . ALA A 1 160 ? -8.908  7.497   14.495  1.00 38.40  ? 159 ALA A N   1 
ATOM   1149 C  CA  . ALA A 1 160 ? -8.550  8.838   14.019  1.00 35.70  ? 159 ALA A CA  1 
ATOM   1150 C  C   . ALA A 1 160 ? -7.080  9.171   14.286  1.00 45.38  ? 159 ALA A C   1 
ATOM   1151 O  O   . ALA A 1 160 ? -6.703  10.341  14.389  1.00 40.95  ? 159 ALA A O   1 
ATOM   1152 C  CB  . ALA A 1 160 ? -9.469  9.902   14.630  1.00 41.56  ? 159 ALA A CB  1 
ATOM   1153 N  N   . ASP A 1 161 ? -6.227  8.143   14.379  1.00 42.38  ? 160 ASP A N   1 
ATOM   1154 C  CA  . ASP A 1 161 ? -4.806  8.310   14.677  1.00 37.34  ? 160 ASP A CA  1 
ATOM   1155 C  C   . ASP A 1 161 ? -4.023  8.110   13.386  1.00 46.21  ? 160 ASP A C   1 
ATOM   1156 O  O   . ASP A 1 161 ? -3.870  6.974   12.916  1.00 40.01  ? 160 ASP A O   1 
ATOM   1157 C  CB  . ASP A 1 161 ? -4.369  7.318   15.748  1.00 42.50  ? 160 ASP A CB  1 
ATOM   1158 C  CG  . ASP A 1 161 ? -2.894  7.431   16.089  1.00 44.28  ? 160 ASP A CG  1 
ATOM   1159 O  OD1 . ASP A 1 161 ? -2.166  8.239   15.459  1.00 45.41  ? 160 ASP A OD1 1 
ATOM   1160 O  OD2 . ASP A 1 161 ? -2.470  6.710   17.022  1.00 49.74  ? 160 ASP A OD2 1 
ATOM   1161 N  N   . TYR A 1 162 ? -3.505  9.207   12.832  1.00 40.89  ? 161 TYR A N   1 
ATOM   1162 C  CA  . TYR A 1 162 ? -2.952  9.209   11.485  1.00 42.25  ? 161 TYR A CA  1 
ATOM   1163 C  C   . TYR A 1 162 ? -1.443  8.980   11.467  1.00 39.53  ? 161 TYR A C   1 
ATOM   1164 O  O   . TYR A 1 162 ? -0.812  9.170   10.424  1.00 40.62  ? 161 TYR A O   1 
ATOM   1165 C  CB  . TYR A 1 162 ? -3.355  10.510  10.780  1.00 31.51  ? 161 TYR A CB  1 
ATOM   1166 C  CG  . TYR A 1 162 ? -4.844  10.485  10.503  1.00 44.56  ? 161 TYR A CG  1 
ATOM   1167 C  CD1 . TYR A 1 162 ? -5.339  9.745   9.455   1.00 43.76  ? 161 TYR A CD1 1 
ATOM   1168 C  CD2 . TYR A 1 162 ? -5.762  11.118  11.350  1.00 45.11  ? 161 TYR A CD2 1 
ATOM   1169 C  CE1 . TYR A 1 162 ? -6.685  9.659   9.199   1.00 45.35  ? 161 TYR A CE1 1 
ATOM   1170 C  CE2 . TYR A 1 162 ? -7.129  11.035  11.096  1.00 49.22  ? 161 TYR A CE2 1 
ATOM   1171 C  CZ  . TYR A 1 162 ? -7.577  10.293  10.017  1.00 50.78  ? 161 TYR A CZ  1 
ATOM   1172 O  OH  . TYR A 1 162 ? -8.915  10.170  9.718   1.00 42.29  ? 161 TYR A OH  1 
ATOM   1173 N  N   . THR A 1 163 ? -0.864  8.573   12.605  1.00 40.42  ? 162 THR A N   1 
ATOM   1174 C  CA  . THR A 1 163 ? 0.519   8.110   12.722  1.00 44.05  ? 162 THR A CA  1 
ATOM   1175 C  C   . THR A 1 163 ? 1.557   9.160   12.334  1.00 34.79  ? 162 THR A C   1 
ATOM   1176 O  O   . THR A 1 163 ? 2.420   9.507   13.142  1.00 42.87  ? 162 THR A O   1 
ATOM   1177 C  CB  . THR A 1 163 ? 0.737   6.844   11.876  1.00 42.53  ? 162 THR A CB  1 
ATOM   1178 O  OG1 . THR A 1 163 ? -0.042  5.769   12.420  1.00 40.00  ? 162 THR A OG1 1 
ATOM   1179 C  CG2 . THR A 1 163 ? 2.206   6.438   11.909  1.00 34.78  ? 162 THR A CG2 1 
ATOM   1180 N  N   . LEU A 1 164 ? 1.507   9.639   11.102  1.00 37.87  ? 163 LEU A N   1 
ATOM   1181 C  CA  . LEU A 1 164 ? 2.492   10.580  10.600  1.00 40.30  ? 163 LEU A CA  1 
ATOM   1182 C  C   . LEU A 1 164 ? 1.986   11.997  10.772  1.00 46.51  ? 163 LEU A C   1 
ATOM   1183 O  O   . LEU A 1 164 ? 0.780   12.248  10.823  1.00 44.38  ? 163 LEU A O   1 
ATOM   1184 C  CB  . LEU A 1 164 ? 2.777   10.340  9.119   1.00 33.25  ? 163 LEU A CB  1 
ATOM   1185 C  CG  . LEU A 1 164 ? 3.266   8.954   8.700   1.00 41.08  ? 163 LEU A CG  1 
ATOM   1186 C  CD1 . LEU A 1 164 ? 3.362   8.898   7.171   1.00 40.24  ? 163 LEU A CD1 1 
ATOM   1187 C  CD2 . LEU A 1 164 ? 4.588   8.634   9.353   1.00 37.11  ? 163 LEU A CD2 1 
ATOM   1188 N  N   . ASP A 1 165 ? 2.918   12.942  10.812  1.00 36.36  ? 164 ASP A N   1 
ATOM   1189 C  CA  . ASP A 1 165 ? 2.405   14.290  10.789  1.00 49.97  ? 164 ASP A CA  1 
ATOM   1190 C  C   . ASP A 1 165 ? 2.106   14.704  9.353   1.00 51.15  ? 164 ASP A C   1 
ATOM   1191 O  O   . ASP A 1 165 ? 2.584   14.118  8.380   1.00 51.00  ? 164 ASP A O   1 
ATOM   1192 C  CB  . ASP A 1 165 ? 3.333   15.248  11.555  1.00 63.94  ? 164 ASP A CB  1 
ATOM   1193 C  CG  . ASP A 1 165 ? 4.698   15.378  10.952  1.00 66.62  ? 164 ASP A CG  1 
ATOM   1194 O  OD1 . ASP A 1 165 ? 4.858   15.111  9.742   1.00 71.76  ? 164 ASP A OD1 1 
ATOM   1195 O  OD2 . ASP A 1 165 ? 5.632   15.709  11.724  1.00 65.47  ? 164 ASP A OD2 1 
ATOM   1196 N  N   . GLU A 1 166 ? 1.245   15.703  9.250   1.00 44.89  ? 165 GLU A N   1 
ATOM   1197 C  CA  . GLU A 1 166 ? 0.424   15.942  8.068   1.00 45.08  ? 165 GLU A CA  1 
ATOM   1198 C  C   . GLU A 1 166 ? 1.165   16.353  6.802   1.00 36.96  ? 165 GLU A C   1 
ATOM   1199 O  O   . GLU A 1 166 ? 0.624   16.139  5.714   1.00 40.11  ? 165 GLU A O   1 
ATOM   1200 C  CB  . GLU A 1 166 ? -0.693  16.895  8.494   1.00 56.77  ? 165 GLU A CB  1 
ATOM   1201 C  CG  . GLU A 1 166 ? -1.340  17.869  7.489   1.00 70.54  ? 165 GLU A CG  1 
ATOM   1202 C  CD  . GLU A 1 166 ? -2.724  18.182  7.972   1.00 89.27  ? 165 GLU A CD  1 
ATOM   1203 O  OE1 . GLU A 1 166 ? -3.294  17.369  8.762   1.00 105.37 ? 165 GLU A OE1 1 
ATOM   1204 O  OE2 . GLU A 1 166 ? -3.097  19.351  7.849   1.00 106.06 ? 165 GLU A OE2 1 
ATOM   1205 N  N   . GLU A 1 167 ? 2.383   16.891  6.879   1.00 37.96  ? 166 GLU A N   1 
ATOM   1206 C  CA  . GLU A 1 167 ? 3.108   17.134  5.634   1.00 43.29  ? 166 GLU A CA  1 
ATOM   1207 C  C   . GLU A 1 167 ? 3.423   15.822  4.924   1.00 42.17  ? 166 GLU A C   1 
ATOM   1208 O  O   . GLU A 1 167 ? 3.424   15.765  3.689   1.00 38.47  ? 166 GLU A O   1 
ATOM   1209 C  CB  . GLU A 1 167 ? 4.396   17.915  5.895   1.00 42.34  ? 166 GLU A CB  1 
ATOM   1210 C  CG  . GLU A 1 167 ? 4.186   19.314  6.411   1.00 58.33  ? 166 GLU A CG  1 
ATOM   1211 C  CD  . GLU A 1 167 ? 4.136   19.371  7.925   1.00 55.08  ? 166 GLU A CD  1 
ATOM   1212 O  OE1 . GLU A 1 167 ? 4.602   20.386  8.481   1.00 73.11  ? 166 GLU A OE1 1 
ATOM   1213 O  OE2 . GLU A 1 167 ? 3.620   18.417  8.558   1.00 52.38  ? 166 GLU A OE2 1 
ATOM   1214 N  N   . SER A 1 168 ? 3.672   14.760  5.691   1.00 39.41  ? 167 SER A N   1 
ATOM   1215 C  CA  . SER A 1 168 ? 4.021   13.475  5.099   1.00 43.80  ? 167 SER A CA  1 
ATOM   1216 C  C   . SER A 1 168 ? 2.806   12.790  4.509   1.00 40.83  ? 167 SER A C   1 
ATOM   1217 O  O   . SER A 1 168 ? 2.934   12.064  3.521   1.00 34.20  ? 167 SER A O   1 
ATOM   1218 C  CB  . SER A 1 168 ? 4.670   12.580  6.146   1.00 39.07  ? 167 SER A CB  1 
ATOM   1219 O  OG  . SER A 1 168 ? 5.840   13.187  6.661   1.00 44.69  ? 167 SER A OG  1 
ATOM   1220 N  N   . ARG A 1 169 ? 1.624   12.992  5.104   1.00 40.59  ? 168 ARG A N   1 
ATOM   1221 C  CA  . ARG A 1 169 ? 0.418   12.437  4.511   1.00 31.64  ? 168 ARG A CA  1 
ATOM   1222 C  C   . ARG A 1 169 ? 0.000   13.238  3.289   1.00 40.69  ? 168 ARG A C   1 
ATOM   1223 O  O   . ARG A 1 169 ? -0.462  12.661  2.295   1.00 42.78  ? 168 ARG A O   1 
ATOM   1224 C  CB  . ARG A 1 169 ? -0.693  12.384  5.552   1.00 40.99  ? 168 ARG A CB  1 
ATOM   1225 C  CG  . ARG A 1 169 ? -0.466  11.287  6.570   1.00 37.13  ? 168 ARG A CG  1 
ATOM   1226 C  CD  . ARG A 1 169 ? -0.778  11.747  7.987   1.00 40.99  ? 168 ARG A CD  1 
ATOM   1227 N  NE  . ARG A 1 169 ? -2.094  12.363  8.071   1.00 46.81  ? 168 ARG A NE  1 
ATOM   1228 C  CZ  . ARG A 1 169 ? -2.446  13.263  8.988   1.00 47.58  ? 168 ARG A CZ  1 
ATOM   1229 N  NH1 . ARG A 1 169 ? -1.591  13.634  9.932   1.00 37.17  ? 168 ARG A NH1 1 
ATOM   1230 N  NH2 . ARG A 1 169 ? -3.671  13.764  8.980   1.00 46.85  ? 168 ARG A NH2 1 
ATOM   1231 N  N   . ALA A 1 170 ? 0.214   14.554  3.321   1.00 40.44  ? 169 ALA A N   1 
ATOM   1232 C  CA  . ALA A 1 170 ? -0.154  15.396  2.187   1.00 40.31  ? 169 ALA A CA  1 
ATOM   1233 C  C   . ALA A 1 170 ? 0.627   15.026  0.927   1.00 33.18  ? 169 ALA A C   1 
ATOM   1234 O  O   . ALA A 1 170 ? 0.074   15.072  -0.175  1.00 38.31  ? 169 ALA A O   1 
ATOM   1235 C  CB  . ALA A 1 170 ? 0.063   16.868  2.542   1.00 34.81  ? 169 ALA A CB  1 
ATOM   1236 N  N   . ARG A 1 171 ? 1.922   14.691  1.063   1.00 42.27  ? 170 ARG A N   1 
ATOM   1237 C  CA  . ARG A 1 171 ? 2.712   14.284  -0.105  1.00 40.37  ? 170 ARG A CA  1 
ATOM   1238 C  C   . ARG A 1 171 ? 2.121   13.055  -0.767  1.00 33.53  ? 170 ARG A C   1 
ATOM   1239 O  O   . ARG A 1 171 ? 2.163   12.919  -1.995  1.00 35.04  ? 170 ARG A O   1 
ATOM   1240 C  CB  . ARG A 1 171 ? 4.140   13.911  0.267   1.00 42.58  ? 170 ARG A CB  1 
ATOM   1241 C  CG  . ARG A 1 171 ? 4.964   14.854  1.021   1.00 52.75  ? 170 ARG A CG  1 
ATOM   1242 C  CD  . ARG A 1 171 ? 6.157   14.037  1.475   1.00 44.07  ? 170 ARG A CD  1 
ATOM   1243 N  NE  . ARG A 1 171 ? 7.061   13.734  0.370   1.00 49.21  ? 170 ARG A NE  1 
ATOM   1244 C  CZ  . ARG A 1 171 ? 7.547   12.524  0.084   1.00 57.69  ? 170 ARG A CZ  1 
ATOM   1245 N  NH1 . ARG A 1 171 ? 7.240   11.454  0.823   1.00 49.17  ? 170 ARG A NH1 1 
ATOM   1246 N  NH2 . ARG A 1 171 ? 8.364   12.385  -0.947  1.00 57.60  ? 170 ARG A NH2 1 
ATOM   1247 N  N   . ILE A 1 172 ? 1.669   12.100  0.045   1.00 31.56  ? 171 ILE A N   1 
ATOM   1248 C  CA  . ILE A 1 172 ? 1.089   10.877  -0.499  1.00 37.45  ? 171 ILE A CA  1 
ATOM   1249 C  C   . ILE A 1 172 ? -0.172  11.208  -1.279  1.00 39.85  ? 171 ILE A C   1 
ATOM   1250 O  O   . ILE A 1 172 ? -0.360  10.756  -2.412  1.00 40.46  ? 171 ILE A O   1 
ATOM   1251 C  CB  . ILE A 1 172 ? 0.817   9.871   0.631   1.00 37.11  ? 171 ILE A CB  1 
ATOM   1252 C  CG1 . ILE A 1 172 ? 2.152   9.288   1.115   1.00 33.46  ? 171 ILE A CG1 1 
ATOM   1253 C  CG2 . ILE A 1 172 ? -0.149  8.795   0.158   1.00 32.64  ? 171 ILE A CG2 1 
ATOM   1254 C  CD1 . ILE A 1 172 ? 2.104   8.685   2.462   1.00 31.16  ? 171 ILE A CD1 1 
ATOM   1255 N  N   . LYS A 1 173 ? -1.022  12.058  -0.701  1.00 37.23  ? 172 LYS A N   1 
ATOM   1256 C  CA  . LYS A 1 173 ? -2.281  12.415  -1.339  1.00 31.45  ? 172 LYS A CA  1 
ATOM   1257 C  C   . LYS A 1 173 ? -2.039  13.150  -2.639  1.00 35.57  ? 172 LYS A C   1 
ATOM   1258 O  O   . LYS A 1 173 ? -2.745  12.922  -3.628  1.00 34.37  ? 172 LYS A O   1 
ATOM   1259 C  CB  . LYS A 1 173 ? -3.113  13.279  -0.389  1.00 37.16  ? 172 LYS A CB  1 
ATOM   1260 C  CG  . LYS A 1 173 ? -3.430  12.593  0.931   1.00 37.95  ? 172 LYS A CG  1 
ATOM   1261 C  CD  . LYS A 1 173 ? -4.401  13.423  1.782   1.00 47.27  ? 172 LYS A CD  1 
ATOM   1262 C  CE  . LYS A 1 173 ? -3.877  13.634  3.189   1.00 52.22  ? 172 LYS A CE  1 
ATOM   1263 N  NZ  . LYS A 1 173 ? -4.923  14.052  4.156   1.00 45.76  ? 172 LYS A NZ  1 
ATOM   1264 N  N   . THR A 1 174 ? -1.040  14.041  -2.658  1.00 31.75  ? 173 THR A N   1 
ATOM   1265 C  CA  . THR A 1 174 ? -0.683  14.722  -3.900  1.00 32.49  ? 173 THR A CA  1 
ATOM   1266 C  C   . THR A 1 174 ? -0.162  13.731  -4.939  1.00 42.30  ? 173 THR A C   1 
ATOM   1267 O  O   . THR A 1 174 ? -0.486  13.828  -6.131  1.00 34.87  ? 173 THR A O   1 
ATOM   1268 C  CB  . THR A 1 174 ? 0.373   15.792  -3.624  1.00 39.68  ? 173 THR A CB  1 
ATOM   1269 O  OG1 . THR A 1 174 ? -0.110  16.705  -2.635  1.00 41.95  ? 173 THR A OG1 1 
ATOM   1270 C  CG2 . THR A 1 174 ? 0.707   16.570  -4.891  1.00 36.58  ? 173 THR A CG2 1 
ATOM   1271 N  N   . ARG A 1 175 ? 0.661   12.776  -4.517  1.00 35.55  ? 174 ARG A N   1 
ATOM   1272 C  CA  . ARG A 1 175 ? 1.195   11.857  -5.518  1.00 47.56  ? 174 ARG A CA  1 
ATOM   1273 C  C   . ARG A 1 175 ? 0.077   10.994  -6.097  1.00 36.13  ? 174 ARG A C   1 
ATOM   1274 O  O   . ARG A 1 175 ? -0.014  10.825  -7.318  1.00 34.21  ? 174 ARG A O   1 
ATOM   1275 C  CB  . ARG A 1 175 ? 2.313   11.007  -4.919  1.00 34.12  ? 174 ARG A CB  1 
ATOM   1276 C  CG  . ARG A 1 175 ? 2.771   9.849   -5.832  1.00 31.19  ? 174 ARG A CG  1 
ATOM   1277 C  CD  . ARG A 1 175 ? 3.446   10.305  -7.122  1.00 32.89  ? 174 ARG A CD  1 
ATOM   1278 N  NE  . ARG A 1 175 ? 3.946   9.125   -7.830  1.00 37.59  ? 174 ARG A NE  1 
ATOM   1279 C  CZ  . ARG A 1 175 ? 4.187   9.059   -9.133  1.00 41.37  ? 174 ARG A CZ  1 
ATOM   1280 N  NH1 . ARG A 1 175 ? 3.997   10.120  -9.907  1.00 43.00  ? 174 ARG A NH1 1 
ATOM   1281 N  NH2 . ARG A 1 175 ? 4.614   7.921   -9.655  1.00 37.20  ? 174 ARG A NH2 1 
ATOM   1282 N  N   . LEU A 1 176 ? -0.823  10.499  -5.232  1.00 38.71  ? 175 LEU A N   1 
ATOM   1283 C  CA  . LEU A 1 176 ? -1.975  9.731   -5.692  1.00 33.40  ? 175 LEU A CA  1 
ATOM   1284 C  C   . LEU A 1 176 ? -2.780  10.503  -6.730  1.00 39.53  ? 175 LEU A C   1 
ATOM   1285 O  O   . LEU A 1 176 ? -3.181  9.947   -7.758  1.00 39.26  ? 175 LEU A O   1 
ATOM   1286 C  CB  . LEU A 1 176 ? -2.852  9.358   -4.496  1.00 32.59  ? 175 LEU A CB  1 
ATOM   1287 C  CG  . LEU A 1 176 ? -2.270  8.230   -3.654  1.00 36.52  ? 175 LEU A CG  1 
ATOM   1288 C  CD1 . LEU A 1 176 ? -3.117  7.928   -2.428  1.00 30.79  ? 175 LEU A CD1 1 
ATOM   1289 C  CD2 . LEU A 1 176 ? -2.093  6.982   -4.529  1.00 37.17  ? 175 LEU A CD2 1 
ATOM   1290 N  N   . PHE A 1 177 ? -3.014  11.793  -6.492  1.00 41.65  ? 176 PHE A N   1 
ATOM   1291 C  CA  . PHE A 1 177 ? -3.822  12.535  -7.447  1.00 42.79  ? 176 PHE A CA  1 
ATOM   1292 C  C   . PHE A 1 177 ? -3.072  12.774  -8.749  1.00 37.36  ? 176 PHE A C   1 
ATOM   1293 O  O   . PHE A 1 177 ? -3.697  12.943  -9.803  1.00 41.96  ? 176 PHE A O   1 
ATOM   1294 C  CB  . PHE A 1 177 ? -4.286  13.864  -6.841  1.00 43.92  ? 176 PHE A CB  1 
ATOM   1295 C  CG  . PHE A 1 177 ? -5.469  14.453  -7.553  1.00 48.78  ? 176 PHE A CG  1 
ATOM   1296 C  CD1 . PHE A 1 177 ? -6.758  14.059  -7.226  1.00 47.42  ? 176 PHE A CD1 1 
ATOM   1297 C  CD2 . PHE A 1 177 ? -5.288  15.356  -8.589  1.00 41.29  ? 176 PHE A CD2 1 
ATOM   1298 C  CE1 . PHE A 1 177 ? -7.841  14.577  -7.904  1.00 44.11  ? 176 PHE A CE1 1 
ATOM   1299 C  CE2 . PHE A 1 177 ? -6.365  15.879  -9.265  1.00 43.46  ? 176 PHE A CE2 1 
ATOM   1300 C  CZ  . PHE A 1 177 ? -7.642  15.486  -8.926  1.00 46.59  ? 176 PHE A CZ  1 
ATOM   1301 N  N   . THR A 1 178 ? -1.739  12.809  -8.702  1.00 45.05  ? 177 THR A N   1 
ATOM   1302 C  CA  . THR A 1 178 ? -0.974  12.980  -9.933  1.00 42.73  ? 177 THR A CA  1 
ATOM   1303 C  C   . THR A 1 178 ? -1.020  11.720  -10.788 1.00 37.09  ? 177 THR A C   1 
ATOM   1304 O  O   . THR A 1 178 ? -1.102  11.800  -12.019 1.00 40.57  ? 177 THR A O   1 
ATOM   1305 C  CB  . THR A 1 178 ? 0.474   13.344  -9.613  1.00 47.75  ? 177 THR A CB  1 
ATOM   1306 O  OG1 . THR A 1 178 ? 0.513   14.638  -9.003  1.00 50.27  ? 177 THR A OG1 1 
ATOM   1307 C  CG2 . THR A 1 178 ? 1.314   13.358  -10.891 1.00 35.15  ? 177 THR A CG2 1 
ATOM   1308 N  N   . ILE A 1 179 ? -0.947  10.550  -10.149 1.00 34.36  ? 178 ILE A N   1 
ATOM   1309 C  CA  . ILE A 1 179 ? -1.126  9.290   -10.865 1.00 38.83  ? 178 ILE A CA  1 
ATOM   1310 C  C   . ILE A 1 179 ? -2.489  9.266   -11.545 1.00 49.29  ? 178 ILE A C   1 
ATOM   1311 O  O   . ILE A 1 179 ? -2.602  8.964   -12.743 1.00 38.35  ? 178 ILE A O   1 
ATOM   1312 C  CB  . ILE A 1 179 ? -0.944  8.098   -9.907  1.00 41.28  ? 178 ILE A CB  1 
ATOM   1313 C  CG1 . ILE A 1 179 ? 0.524   7.985   -9.462  1.00 35.54  ? 178 ILE A CG1 1 
ATOM   1314 C  CG2 . ILE A 1 179 ? -1.446  6.805   -10.552 1.00 41.55  ? 178 ILE A CG2 1 
ATOM   1315 C  CD1 . ILE A 1 179 ? 0.731   7.090   -8.230  1.00 27.87  ? 178 ILE A CD1 1 
ATOM   1316 N  N   . ARG A 1 180 ? -3.539  9.625   -10.791 1.00 44.10  ? 179 ARG A N   1 
ATOM   1317 C  CA  . ARG A 1 180 ? -4.889  9.733   -11.345 1.00 40.93  ? 179 ARG A CA  1 
ATOM   1318 C  C   . ARG A 1 180 ? -4.924  10.607  -12.600 1.00 45.31  ? 179 ARG A C   1 
ATOM   1319 O  O   . ARG A 1 180 ? -5.492  10.215  -13.628 1.00 42.92  ? 179 ARG A O   1 
ATOM   1320 C  CB  . ARG A 1 180 ? -5.849  10.276  -10.280 1.00 43.88  ? 179 ARG A CB  1 
ATOM   1321 C  CG  . ARG A 1 180 ? -7.261  10.495  -10.796 1.00 48.85  ? 179 ARG A CG  1 
ATOM   1322 C  CD  . ARG A 1 180 ? -8.037  11.475  -9.935  1.00 52.72  ? 179 ARG A CD  1 
ATOM   1323 N  NE  . ARG A 1 180 ? -9.374  11.688  -10.482 1.00 72.12  ? 179 ARG A NE  1 
ATOM   1324 C  CZ  . ARG A 1 180 ? -10.500 11.542  -9.791  1.00 65.37  ? 179 ARG A CZ  1 
ATOM   1325 N  NH1 . ARG A 1 180 ? -10.450 11.188  -8.515  1.00 70.12  ? 179 ARG A NH1 1 
ATOM   1326 N  NH2 . ARG A 1 180 ? -11.675 11.744  -10.373 1.00 70.12  ? 179 ARG A NH2 1 
ATOM   1327 N  N   . GLN A 1 181 ? -4.322  11.796  -12.546 1.00 38.99  ? 180 GLN A N   1 
ATOM   1328 C  CA  . GLN A 1 181 ? -4.339  12.648  -13.733 1.00 40.80  ? 180 GLN A CA  1 
ATOM   1329 C  C   . GLN A 1 181 ? -3.568  12.012  -14.875 1.00 43.80  ? 180 GLN A C   1 
ATOM   1330 O  O   . GLN A 1 181 ? -4.005  12.050  -16.033 1.00 46.44  ? 180 GLN A O   1 
ATOM   1331 C  CB  . GLN A 1 181 ? -3.757  14.020  -13.413 1.00 45.67  ? 180 GLN A CB  1 
ATOM   1332 C  CG  . GLN A 1 181 ? -4.602  14.872  -12.507 1.00 47.00  ? 180 GLN A CG  1 
ATOM   1333 C  CD  . GLN A 1 181 ? -3.859  16.113  -12.085 1.00 47.03  ? 180 GLN A CD  1 
ATOM   1334 O  OE1 . GLN A 1 181 ? -3.808  17.098  -12.821 1.00 46.67  ? 180 GLN A OE1 1 
ATOM   1335 N  NE2 . GLN A 1 181 ? -3.249  16.066  -10.902 1.00 49.29  ? 180 GLN A NE2 1 
ATOM   1336 N  N   . GLU A 1 182 ? -2.407  11.434  -14.565 1.00 43.40  ? 181 GLU A N   1 
ATOM   1337 C  CA  . GLU A 1 182 ? -1.579  10.821  -15.596 1.00 51.72  ? 181 GLU A CA  1 
ATOM   1338 C  C   . GLU A 1 182 ? -2.340  9.712   -16.303 1.00 41.68  ? 181 GLU A C   1 
ATOM   1339 O  O   . GLU A 1 182 ? -2.396  9.670   -17.537 1.00 47.66  ? 181 GLU A O   1 
ATOM   1340 C  CB  . GLU A 1 182 ? -0.288  10.296  -14.968 1.00 42.15  ? 181 GLU A CB  1 
ATOM   1341 C  CG  . GLU A 1 182 ? 0.711   11.395  -14.669 1.00 42.26  ? 181 GLU A CG  1 
ATOM   1342 C  CD  . GLU A 1 182 ? 1.026   12.227  -15.892 1.00 54.50  ? 181 GLU A CD  1 
ATOM   1343 O  OE1 . GLU A 1 182 ? 1.623   11.682  -16.839 1.00 68.68  ? 181 GLU A OE1 1 
ATOM   1344 O  OE2 . GLU A 1 182 ? 0.670   13.422  -15.919 1.00 75.83  ? 181 GLU A OE2 1 
ATOM   1345 N  N   . MET A 1 183 ? -2.952  8.817   -15.525 1.00 36.45  ? 182 MET A N   1 
ATOM   1346 C  CA  . MET A 1 183 ? -3.826  7.795   -16.079 1.00 42.51  ? 182 MET A CA  1 
ATOM   1347 C  C   . MET A 1 183 ? -4.912  8.399   -16.948 1.00 50.88  ? 182 MET A C   1 
ATOM   1348 O  O   . MET A 1 183 ? -5.228  7.873   -18.020 1.00 49.84  ? 182 MET A O   1 
ATOM   1349 C  CB  . MET A 1 183 ? -4.445  6.994   -14.946 1.00 31.81  ? 182 MET A CB  1 
ATOM   1350 C  CG  . MET A 1 183 ? -3.637  5.795   -14.587 1.00 45.63  ? 182 MET A CG  1 
ATOM   1351 S  SD  . MET A 1 183 ? -4.435  4.832   -13.312 1.00 47.52  ? 182 MET A SD  1 
ATOM   1352 C  CE  . MET A 1 183 ? -3.018  4.118   -12.480 1.00 39.35  ? 182 MET A CE  1 
ATOM   1353 N  N   . ALA A 1 184 ? -5.479  9.519   -16.507 1.00 51.43  ? 183 ALA A N   1 
ATOM   1354 C  CA  . ALA A 1 184 ? -6.609  10.112  -17.207 1.00 40.31  ? 183 ALA A CA  1 
ATOM   1355 C  C   . ALA A 1 184 ? -6.174  10.717  -18.526 1.00 51.94  ? 183 ALA A C   1 
ATOM   1356 O  O   . ALA A 1 184 ? -6.819  10.508  -19.559 1.00 66.01  ? 183 ALA A O   1 
ATOM   1357 C  CB  . ALA A 1 184 ? -7.267  11.164  -16.319 1.00 48.10  ? 183 ALA A CB  1 
ATOM   1358 N  N   . SER A 1 185 ? -5.065  11.460  -18.518 1.00 57.95  ? 184 SER A N   1 
ATOM   1359 C  CA  . SER A 1 185 ? -4.554  12.030  -19.756 1.00 54.52  ? 184 SER A CA  1 
ATOM   1360 C  C   . SER A 1 185 ? -4.336  10.967  -20.825 1.00 54.98  ? 184 SER A C   1 
ATOM   1361 O  O   . SER A 1 185 ? -4.213  11.305  -22.005 1.00 61.90  ? 184 SER A O   1 
ATOM   1362 C  CB  . SER A 1 185 ? -3.252  12.795  -19.482 1.00 61.00  ? 184 SER A CB  1 
ATOM   1363 O  OG  . SER A 1 185 ? -2.169  11.914  -19.211 1.00 59.63  ? 184 SER A OG  1 
ATOM   1364 N  N   . ARG A 1 186 ? -4.293  9.694   -20.439 1.00 56.95  ? 185 ARG A N   1 
ATOM   1365 C  CA  . ARG A 1 186 ? -4.116  8.585   -21.362 1.00 50.22  ? 185 ARG A CA  1 
ATOM   1366 C  C   . ARG A 1 186 ? -5.366  7.731   -21.490 1.00 58.92  ? 185 ARG A C   1 
ATOM   1367 O  O   . ARG A 1 186 ? -5.288  6.626   -22.033 1.00 55.21  ? 185 ARG A O   1 
ATOM   1368 C  CB  . ARG A 1 186 ? -2.953  7.708   -20.913 1.00 51.07  ? 185 ARG A CB  1 
ATOM   1369 C  CG  . ARG A 1 186 ? -1.617  8.390   -20.981 1.00 49.21  ? 185 ARG A CG  1 
ATOM   1370 C  CD  . ARG A 1 186 ? -0.652  7.681   -20.074 1.00 45.81  ? 185 ARG A CD  1 
ATOM   1371 N  NE  . ARG A 1 186 ? 0.695   8.213   -20.207 1.00 43.94  ? 185 ARG A NE  1 
ATOM   1372 C  CZ  . ARG A 1 186 ? 1.177   9.222   -19.494 1.00 61.89  ? 185 ARG A CZ  1 
ATOM   1373 N  NH1 . ARG A 1 186 ? 0.414   9.833   -18.576 1.00 45.74  ? 185 ARG A NH1 1 
ATOM   1374 N  NH2 . ARG A 1 186 ? 2.424   9.620   -19.705 1.00 42.72  ? 185 ARG A NH2 1 
ATOM   1375 N  N   . SER A 1 187 ? -6.503  8.195   -20.965 1.00 56.45  ? 186 SER A N   1 
ATOM   1376 C  CA  . SER A 1 187 ? -7.768  7.465   -21.035 1.00 47.62  ? 186 SER A CA  1 
ATOM   1377 C  C   . SER A 1 187 ? -7.653  6.069   -20.435 1.00 52.78  ? 186 SER A C   1 
ATOM   1378 O  O   . SER A 1 187 ? -8.392  5.156   -20.803 1.00 51.39  ? 186 SER A O   1 
ATOM   1379 C  CB  . SER A 1 187 ? -8.273  7.394   -22.473 1.00 55.02  ? 186 SER A CB  1 
ATOM   1380 O  OG  . SER A 1 187 ? -8.147  8.669   -23.077 1.00 63.23  ? 186 SER A OG  1 
ATOM   1381 N  N   . LEU A 1 188 ? -6.726  5.895   -19.504 1.00 54.04  ? 187 LEU A N   1 
ATOM   1382 C  CA  . LEU A 1 188 ? -6.635  4.678   -18.718 1.00 54.45  ? 187 LEU A CA  1 
ATOM   1383 C  C   . LEU A 1 188 ? -7.425  4.756   -17.427 1.00 44.15  ? 187 LEU A C   1 
ATOM   1384 O  O   . LEU A 1 188 ? -7.642  3.723   -16.783 1.00 44.64  ? 187 LEU A O   1 
ATOM   1385 C  CB  . LEU A 1 188 ? -5.178  4.398   -18.380 1.00 46.06  ? 187 LEU A CB  1 
ATOM   1386 C  CG  . LEU A 1 188 ? -4.370  4.195   -19.651 1.00 58.12  ? 187 LEU A CG  1 
ATOM   1387 C  CD1 . LEU A 1 188 ? -2.892  4.233   -19.326 1.00 48.62  ? 187 LEU A CD1 1 
ATOM   1388 C  CD2 . LEU A 1 188 ? -4.778  2.873   -20.297 1.00 46.29  ? 187 LEU A CD2 1 
ATOM   1389 N  N   . TRP A 1 189 ? -7.837  5.956   -17.024 1.00 47.80  ? 188 TRP A N   1 
ATOM   1390 C  CA  . TRP A 1 189 ? -8.332  6.132   -15.666 1.00 54.53  ? 188 TRP A CA  1 
ATOM   1391 C  C   . TRP A 1 189 ? -9.674  5.450   -15.471 1.00 58.31  ? 188 TRP A C   1 
ATOM   1392 O  O   . TRP A 1 189 ? -9.893  4.788   -14.448 1.00 48.36  ? 188 TRP A O   1 
ATOM   1393 C  CB  . TRP A 1 189 ? -8.432  7.615   -15.332 1.00 52.29  ? 188 TRP A CB  1 
ATOM   1394 C  CG  . TRP A 1 189 ? -9.109  7.878   -14.028 1.00 53.00  ? 188 TRP A CG  1 
ATOM   1395 C  CD1 . TRP A 1 189 ? -10.268 8.561   -13.841 1.00 60.84  ? 188 TRP A CD1 1 
ATOM   1396 C  CD2 . TRP A 1 189 ? -8.673  7.462   -12.727 1.00 58.03  ? 188 TRP A CD2 1 
ATOM   1397 N  NE1 . TRP A 1 189 ? -10.578 8.611   -12.508 1.00 63.67  ? 188 TRP A NE1 1 
ATOM   1398 C  CE2 . TRP A 1 189 ? -9.615  7.942   -11.800 1.00 62.18  ? 188 TRP A CE2 1 
ATOM   1399 C  CE3 . TRP A 1 189 ? -7.572  6.745   -12.255 1.00 52.70  ? 188 TRP A CE3 1 
ATOM   1400 C  CZ2 . TRP A 1 189 ? -9.497  7.718   -10.424 1.00 57.74  ? 188 TRP A CZ2 1 
ATOM   1401 C  CZ3 . TRP A 1 189 ? -7.457  6.525   -10.890 1.00 46.49  ? 188 TRP A CZ3 1 
ATOM   1402 C  CH2 . TRP A 1 189 ? -8.415  7.008   -9.992  1.00 54.19  ? 188 TRP A CH2 1 
ATOM   1403 N  N   . ASP A 1 190 ? -10.577 5.591   -16.447 1.00 49.32  ? 189 ASP A N   1 
ATOM   1404 C  CA  . ASP A 1 190 ? -11.918 5.036   -16.308 1.00 55.22  ? 189 ASP A CA  1 
ATOM   1405 C  C   . ASP A 1 190 ? -11.869 3.532   -16.117 1.00 62.05  ? 189 ASP A C   1 
ATOM   1406 O  O   . ASP A 1 190 ? -12.519 2.982   -15.216 1.00 60.10  ? 189 ASP A O   1 
ATOM   1407 C  CB  . ASP A 1 190 ? -12.759 5.395   -17.531 1.00 63.39  ? 189 ASP A CB  1 
ATOM   1408 C  CG  . ASP A 1 190 ? -13.200 6.839   -17.520 1.00 79.63  ? 189 ASP A CG  1 
ATOM   1409 O  OD1 . ASP A 1 190 ? -13.181 7.460   -16.426 1.00 71.81  ? 189 ASP A OD1 1 
ATOM   1410 O  OD2 . ASP A 1 190 ? -13.562 7.349   -18.602 1.00 73.37  ? 189 ASP A OD2 1 
ATOM   1411 N  N   . SER A 1 191 ? -11.095 2.847   -16.961 1.00 53.41  ? 190 SER A N   1 
ATOM   1412 C  CA  . SER A 1 191 ? -10.959 1.406   -16.826 1.00 53.36  ? 190 SER A CA  1 
ATOM   1413 C  C   . SER A 1 191 ? -10.307 1.031   -15.501 1.00 56.27  ? 190 SER A C   1 
ATOM   1414 O  O   . SER A 1 191 ? -10.570 -0.046  -14.953 1.00 59.70  ? 190 SER A O   1 
ATOM   1415 C  CB  . SER A 1 191 ? -10.155 0.859   -17.999 1.00 44.25  ? 190 SER A CB  1 
ATOM   1416 O  OG  . SER A 1 191 ? -9.816  -0.492  -17.758 1.00 62.39  ? 190 SER A OG  1 
ATOM   1417 N  N   . PHE A 1 192 ? -9.465  1.909   -14.970 1.00 55.61  ? 191 PHE A N   1 
ATOM   1418 C  CA  . PHE A 1 192 ? -8.807  1.631   -13.701 1.00 52.61  ? 191 PHE A CA  1 
ATOM   1419 C  C   . PHE A 1 192 ? -9.796  1.689   -12.535 1.00 63.95  ? 191 PHE A C   1 
ATOM   1420 O  O   . PHE A 1 192 ? -9.865  0.743   -11.741 1.00 57.65  ? 191 PHE A O   1 
ATOM   1421 C  CB  . PHE A 1 192 ? -7.650  2.611   -13.503 1.00 51.99  ? 191 PHE A CB  1 
ATOM   1422 C  CG  . PHE A 1 192 ? -6.772  2.280   -12.338 1.00 54.81  ? 191 PHE A CG  1 
ATOM   1423 C  CD1 . PHE A 1 192 ? -6.087  1.079   -12.295 1.00 45.51  ? 191 PHE A CD1 1 
ATOM   1424 C  CD2 . PHE A 1 192 ? -6.626  3.175   -11.288 1.00 48.33  ? 191 PHE A CD2 1 
ATOM   1425 C  CE1 . PHE A 1 192 ? -5.274  0.771   -11.223 1.00 45.68  ? 191 PHE A CE1 1 
ATOM   1426 C  CE2 . PHE A 1 192 ? -5.818  2.877   -10.211 1.00 49.55  ? 191 PHE A CE2 1 
ATOM   1427 C  CZ  . PHE A 1 192 ? -5.141  1.673   -10.174 1.00 56.26  ? 191 PHE A CZ  1 
ATOM   1428 N  N   . ARG A 1 193 ? -10.564 2.789   -12.415 1.00 64.76  ? 192 ARG A N   1 
ATOM   1429 C  CA  . ARG A 1 193 ? -11.620 2.880   -11.399 1.00 65.48  ? 192 ARG A CA  1 
ATOM   1430 C  C   . ARG A 1 193 ? -12.551 1.684   -11.471 1.00 77.39  ? 192 ARG A C   1 
ATOM   1431 O  O   . ARG A 1 193 ? -12.774 0.982   -10.477 1.00 80.08  ? 192 ARG A O   1 
ATOM   1432 C  CB  . ARG A 1 193 ? -12.474 4.146   -11.561 1.00 70.28  ? 192 ARG A CB  1 
ATOM   1433 C  CG  . ARG A 1 193 ? -11.787 5.461   -11.382 1.00 80.44  ? 192 ARG A CG  1 
ATOM   1434 C  CD  . ARG A 1 193 ? -12.745 6.678   -11.527 1.00 86.49  ? 192 ARG A CD  1 
ATOM   1435 N  NE  . ARG A 1 193 ? -13.350 7.152   -10.275 1.00 84.69  ? 192 ARG A NE  1 
ATOM   1436 C  CZ  . ARG A 1 193 ? -13.897 8.358   -10.125 1.00 71.27  ? 192 ARG A CZ  1 
ATOM   1437 N  NH1 . ARG A 1 193 ? -13.886 9.225   -11.136 1.00 61.56  ? 192 ARG A NH1 1 
ATOM   1438 N  NH2 . ARG A 1 193 ? -14.420 8.715   -8.958  1.00 76.20  ? 192 ARG A NH2 1 
ATOM   1439 N  N   . GLN A 1 194 ? -13.133 1.459   -12.648 1.00 68.18  ? 193 GLN A N   1 
ATOM   1440 C  CA  . GLN A 1 194 ? -14.127 0.406   -12.824 1.00 76.91  ? 193 GLN A CA  1 
ATOM   1441 C  C   . GLN A 1 194 ? -13.512 -0.983  -12.888 1.00 79.33  ? 193 GLN A C   1 
ATOM   1442 O  O   . GLN A 1 194 ? -13.913 -1.831  -13.695 1.00 88.96  ? 193 GLN A O   1 
ATOM   1443 C  CB  . GLN A 1 194 ? -14.960 0.705   -14.066 1.00 79.53  ? 193 GLN A CB  1 
ATOM   1444 C  CG  . GLN A 1 194 ? -15.794 1.987   -13.908 1.00 85.78  ? 193 GLN A CG  1 
ATOM   1445 C  CD  . GLN A 1 194 ? -17.059 1.772   -13.079 1.00 98.84  ? 193 GLN A CD  1 
ATOM   1446 O  OE1 . GLN A 1 194 ? -17.312 2.484   -12.098 1.00 102.25 ? 193 GLN A OE1 1 
ATOM   1447 N  NE2 . GLN A 1 194 ? -17.864 0.791   -13.478 1.00 87.97  ? 193 GLN A NE2 1 
ATOM   1448 N  N   . SER A 1 195 ? -12.504 -1.202  -12.056 1.00 70.62  ? 194 SER A N   1 
ATOM   1449 C  CA  . SER A 1 195 ? -11.980 -2.524  -11.792 1.00 71.43  ? 194 SER A CA  1 
ATOM   1450 C  C   . SER A 1 195 ? -11.809 -2.789  -10.300 1.00 77.59  ? 194 SER A C   1 
ATOM   1451 O  O   . SER A 1 195 ? -11.158 -3.768  -9.949  1.00 69.00  ? 194 SER A O   1 
ATOM   1452 C  CB  . SER A 1 195 ? -10.641 -2.763  -12.559 1.00 70.57  ? 194 SER A CB  1 
ATOM   1453 O  OG  . SER A 1 195 ? -9.521  -2.219  -11.879 1.00 81.02  ? 194 SER A OG  1 
ATOM   1454 N  N   . GLU A 1 196 ? -12.404 -2.023  -9.405  1.00 91.80  ? 195 GLU A N   1 
ATOM   1455 C  CA  . GLU A 1 196 ? -12.261 -2.459  -8.047  1.00 86.13  ? 195 GLU A CA  1 
ATOM   1456 C  C   . GLU A 1 196 ? -13.387 -3.458  -7.661  1.00 83.49  ? 195 GLU A C   1 
ATOM   1457 O  O   . GLU A 1 196 ? -14.487 -3.107  -7.192  1.00 84.79  ? 195 GLU A O   1 
ATOM   1458 C  CB  . GLU A 1 196 ? -12.252 -1.242  -7.192  1.00 78.73  ? 195 GLU A CB  1 
ATOM   1459 C  CG  . GLU A 1 196 ? -12.135 -1.523  -5.681  1.00 83.67  ? 195 GLU A CG  1 
ATOM   1460 C  CD  . GLU A 1 196 ? -11.291 -0.516  -4.915  1.00 70.17  ? 195 GLU A CD  1 
ATOM   1461 O  OE1 . GLU A 1 196 ? -10.786 0.504   -5.473  1.00 50.76  ? 195 GLU A OE1 1 
ATOM   1462 O  OE2 . GLU A 1 196 ? -11.094 -0.677  -3.691  1.00 70.96  ? 195 GLU A OE2 1 
HETATM 1463 C  C1  . E4Z B 2 .   ? -3.146  -4.440  0.229   1.00 41.55  ? 201 E4Z A C1  1 
HETATM 1464 N  N1  . E4Z B 2 .   ? -2.771  -6.811  -1.239  1.00 42.55  ? 201 E4Z A N1  1 
HETATM 1465 O  O1  . E4Z B 2 .   ? -3.323  -3.379  0.894   1.00 40.28  ? 201 E4Z A O1  1 
HETATM 1466 C  C2  . E4Z B 2 .   ? -4.036  -4.775  -0.834  1.00 46.16  ? 201 E4Z A C2  1 
HETATM 1467 O  O2  . E4Z B 2 .   ? -1.195  -5.011  1.529   1.00 44.54  ? 201 E4Z A O2  1 
HETATM 1468 O  O3  . E4Z B 2 .   ? 0.079   -7.170  0.935   1.00 42.29  ? 201 E4Z A O3  1 
HETATM 1469 C  C4  . E4Z B 2 .   ? -1.849  -6.489  -0.227  1.00 39.72  ? 201 E4Z A C4  1 
HETATM 1470 O  O4  . E4Z B 2 .   ? -2.318  -10.979 0.138   1.00 45.19  ? 201 E4Z A O4  1 
HETATM 1471 C  C5  . E4Z B 2 .   ? -2.035  -5.315  0.526   1.00 36.81  ? 201 E4Z A C5  1 
HETATM 1472 C  C6  . E4Z B 2 .   ? -0.755  -7.429  0.074   1.00 39.24  ? 201 E4Z A C6  1 
HETATM 1473 C  C7  . E4Z B 2 .   ? -1.888  -9.174  -1.368  1.00 41.45  ? 201 E4Z A C7  1 
HETATM 1474 C  C13 . E4Z B 2 .   ? -2.346  -9.082  -5.016  1.00 48.47  ? 201 E4Z A C13 1 
HETATM 1475 C  C14 . E4Z B 2 .   ? -3.776  -8.779  -4.661  1.00 41.61  ? 201 E4Z A C14 1 
HETATM 1476 C  C15 . E4Z B 2 .   ? -3.087  -5.899  -4.615  1.00 43.22  ? 201 E4Z A C15 1 
HETATM 1477 C  C16 . E4Z B 2 .   ? -2.031  -6.091  -3.709  1.00 38.82  ? 201 E4Z A C16 1 
HETATM 1478 C  C17 . E4Z B 2 .   ? -3.402  -4.605  -5.033  1.00 38.63  ? 201 E4Z A C17 1 
HETATM 1479 C  C18 . E4Z B 2 .   ? -2.686  -3.521  -4.570  1.00 40.46  ? 201 E4Z A C18 1 
HETATM 1480 C  C19 . E4Z B 2 .   ? -1.658  -3.707  -3.677  1.00 39.89  ? 201 E4Z A C19 1 
HETATM 1481 C  C20 . E4Z B 2 .   ? -1.334  -4.978  -3.247  1.00 41.46  ? 201 E4Z A C20 1 
HETATM 1482 C  C21 . E4Z B 2 .   ? 0.004   -8.727  -4.637  1.00 50.86  ? 201 E4Z A C21 1 
HETATM 1483 C  C22 . E4Z B 2 .   ? 0.316   -9.599  -5.669  1.00 47.71  ? 201 E4Z A C22 1 
HETATM 1484 C  C23 . E4Z B 2 .   ? -0.702  -10.197 -6.367  1.00 52.60  ? 201 E4Z A C23 1 
HETATM 1485 C  C24 . E4Z B 2 .   ? -2.018  -9.939  -6.050  1.00 52.42  ? 201 E4Z A C24 1 
HETATM 1486 F  F2  . E4Z B 2 .   ? -0.426  -11.052 -7.380  1.00 54.84  ? 201 E4Z A F2  1 
HETATM 1487 C  C12 . E4Z B 2 .   ? -1.317  -8.472  -4.287  1.00 46.03  ? 201 E4Z A C12 1 
HETATM 1488 F  F1  . E4Z B 2 .   ? -2.993  -10.537 -6.748  1.00 57.68  ? 201 E4Z A F1  1 
HETATM 1489 S  S3  . E4Z B 2 .   ? -4.130  -7.139  -5.335  1.00 44.56  ? 201 E4Z A S3  1 
HETATM 1490 C  C11 . E4Z B 2 .   ? -1.628  -7.468  -3.186  1.00 43.36  ? 201 E4Z A C11 1 
HETATM 1491 N  N2  . E4Z B 2 .   ? -2.292  -7.911  -1.946  1.00 42.44  ? 201 E4Z A N2  1 
HETATM 1492 C  C8  . E4Z B 2 .   ? -2.920  -9.854  -0.505  1.00 41.32  ? 201 E4Z A C8  1 
HETATM 1493 C  C9  . E4Z B 2 .   ? -1.253  -10.562 0.996   1.00 36.66  ? 201 E4Z A C9  1 
HETATM 1494 C  C10 . E4Z B 2 .   ? -0.191  -9.820  0.221   1.00 43.83  ? 201 E4Z A C10 1 
HETATM 1495 N  N3  . E4Z B 2 .   ? -0.801  -8.697  -0.502  1.00 40.84  ? 201 E4Z A N3  1 
HETATM 1496 C  C3  . E4Z B 2 .   ? -3.837  -5.949  -1.559  1.00 32.36  ? 201 E4Z A C3  1 
HETATM 1497 MN MN  . MN  C 3 .   ? -1.766  -2.793  2.043   1.00 37.40  ? 202 MN  A MN  1 
HETATM 1498 MN MN  . MN  D 3 .   ? 0.754   -5.652  1.878   1.00 48.99  ? 203 MN  A MN  1 
HETATM 1499 S  S   . SO4 E 4 .   ? 0.472   -14.925 2.295   1.00 69.00  ? 204 SO4 A S   1 
HETATM 1500 O  O1  . SO4 E 4 .   ? -0.120  -14.279 1.121   1.00 57.00  ? 204 SO4 A O1  1 
HETATM 1501 O  O2  . SO4 E 4 .   ? 1.930   -14.850 2.236   1.00 73.76  ? 204 SO4 A O2  1 
HETATM 1502 O  O3  . SO4 E 4 .   ? 0.073   -16.329 2.304   1.00 63.11  ? 204 SO4 A O3  1 
HETATM 1503 O  O4  . SO4 E 4 .   ? 0.000   -14.258 3.514   1.00 74.13  ? 204 SO4 A O4  1 
HETATM 1504 S  S   . SO4 F 4 .   ? 8.490   10.593  14.595  1.00 102.55 ? 205 SO4 A S   1 
HETATM 1505 O  O1  . SO4 F 4 .   ? 8.407   9.440   13.699  1.00 77.06  ? 205 SO4 A O1  1 
HETATM 1506 O  O2  . SO4 F 4 .   ? 9.403   11.578  14.020  1.00 100.96 ? 205 SO4 A O2  1 
HETATM 1507 O  O3  . SO4 F 4 .   ? 7.170   11.206  14.714  1.00 98.31  ? 205 SO4 A O3  1 
HETATM 1508 O  O4  . SO4 F 4 .   ? 8.960   10.182  15.926  1.00 80.72  ? 205 SO4 A O4  1 
HETATM 1509 O  O   . HOH G 5 .   ? -0.489  -6.137  3.886   1.00 40.29  ? 301 HOH A O   1 
HETATM 1510 O  O   . HOH G 5 .   ? 2.262   -6.741  3.167   1.00 38.19  ? 302 HOH A O   1 
HETATM 1511 O  O   . HOH G 5 .   ? 5.616   11.041  2.626   1.00 44.82  ? 303 HOH A O   1 
HETATM 1512 O  O   . HOH G 5 .   ? 12.448  -2.582  7.223   1.00 42.08  ? 304 HOH A O   1 
HETATM 1513 O  O   . HOH G 5 .   ? 1.004   3.654   13.337  1.00 49.74  ? 305 HOH A O   1 
HETATM 1514 O  O   . HOH G 5 .   ? -2.315  5.860   11.129  1.00 34.57  ? 306 HOH A O   1 
HETATM 1515 O  O   . HOH G 5 .   ? -6.283  -6.569  -13.688 1.00 43.18  ? 307 HOH A O   1 
HETATM 1516 O  O   . HOH G 5 .   ? -4.036  0.731   16.615  1.00 50.49  ? 308 HOH A O   1 
HETATM 1517 O  O   . HOH G 5 .   ? 2.976   14.578  -7.692  1.00 41.87  ? 309 HOH A O   1 
HETATM 1518 O  O   . HOH G 5 .   ? 4.772   12.771  -9.293  1.00 45.67  ? 310 HOH A O   1 
HETATM 1519 O  O   . HOH G 5 .   ? -0.492  -4.732  15.898  1.00 45.35  ? 311 HOH A O   1 
HETATM 1520 O  O   . HOH G 5 .   ? 2.022   -3.400  -3.144  1.00 40.26  ? 312 HOH A O   1 
HETATM 1521 O  O   . HOH G 5 .   ? 15.394  -4.994  11.635  1.00 44.54  ? 313 HOH A O   1 
HETATM 1522 O  O   . HOH G 5 .   ? 13.610  -9.084  2.128   1.00 52.11  ? 314 HOH A O   1 
HETATM 1523 O  O   . HOH G 5 .   ? 7.886   5.501   -8.155  1.00 45.69  ? 315 HOH A O   1 
HETATM 1524 O  O   . HOH G 5 .   ? -9.947  7.724   -18.482 1.00 47.27  ? 316 HOH A O   1 
HETATM 1525 O  O   . HOH G 5 .   ? -4.484  -1.311  -1.008  1.00 40.35  ? 317 HOH A O   1 
HETATM 1526 O  O   . HOH G 5 .   ? 11.505  4.280   9.269   1.00 42.83  ? 318 HOH A O   1 
HETATM 1527 O  O   . HOH G 5 .   ? 12.408  -10.569 0.339   1.00 47.96  ? 319 HOH A O   1 
HETATM 1528 O  O   . HOH G 5 .   ? -17.547 4.884   -3.235  1.00 49.95  ? 320 HOH A O   1 
HETATM 1529 O  O   . HOH G 5 .   ? -6.560  -5.708  -15.865 1.00 52.57  ? 321 HOH A O   1 
HETATM 1530 O  O   . HOH G 5 .   ? 4.480   -8.335  1.224   1.00 51.09  ? 322 HOH A O   1 
# 
loop_
_pdbx_poly_seq_scheme.asym_id 
_pdbx_poly_seq_scheme.entity_id 
_pdbx_poly_seq_scheme.seq_id 
_pdbx_poly_seq_scheme.mon_id 
_pdbx_poly_seq_scheme.ndb_seq_num 
_pdbx_poly_seq_scheme.pdb_seq_num 
_pdbx_poly_seq_scheme.auth_seq_num 
_pdbx_poly_seq_scheme.pdb_mon_id 
_pdbx_poly_seq_scheme.auth_mon_id 
_pdbx_poly_seq_scheme.pdb_strand_id 
_pdbx_poly_seq_scheme.pdb_ins_code 
_pdbx_poly_seq_scheme.hetero 
A 1 1   MET 1   -19 ?   ?   ?   A . n 
A 1 2   GLY 2   -18 ?   ?   ?   A . n 
A 1 3   SER 3   -17 ?   ?   ?   A . n 
A 1 4   SER 4   -16 ?   ?   ?   A . n 
A 1 5   HIS 5   -15 ?   ?   ?   A . n 
A 1 6   HIS 6   -14 ?   ?   ?   A . n 
A 1 7   HIS 7   -13 ?   ?   ?   A . n 
A 1 8   HIS 8   -12 ?   ?   ?   A . n 
A 1 9   HIS 9   -11 ?   ?   ?   A . n 
A 1 10  HIS 10  -10 ?   ?   ?   A . n 
A 1 11  SER 11  -9  ?   ?   ?   A . n 
A 1 12  SER 12  -8  ?   ?   ?   A . n 
A 1 13  GLY 13  -7  ?   ?   ?   A . n 
A 1 14  LEU 14  -6  ?   ?   ?   A . n 
A 1 15  VAL 15  -5  ?   ?   ?   A . n 
A 1 16  PRO 16  -4  ?   ?   ?   A . n 
A 1 17  ARG 17  -3  ?   ?   ?   A . n 
A 1 18  GLY 18  -2  -2  GLY GLY A . n 
A 1 19  SER 19  -1  -1  SER SER A . n 
A 1 20  HIS 20  0   0   HIS HIS A . n 
A 1 21  MET 21  1   1   MET MET A . n 
A 1 22  GLU 22  2   2   GLU GLU A . n 
A 1 23  ASP 23  3   3   ASP ASP A . n 
A 1 24  PHE 24  4   4   PHE PHE A . n 
A 1 25  VAL 25  5   5   VAL VAL A . n 
A 1 26  ARG 26  6   6   ARG ARG A . n 
A 1 27  GLN 27  7   7   GLN GLN A . n 
A 1 28  CYS 28  8   8   CYS CYS A . n 
A 1 29  PHE 29  9   9   PHE PHE A . n 
A 1 30  ASN 30  10  10  ASN ASN A . n 
A 1 31  PRO 31  11  11  PRO PRO A . n 
A 1 32  MET 32  12  12  MET MET A . n 
A 1 33  ILE 33  13  13  ILE ILE A . n 
A 1 34  VAL 34  14  14  VAL VAL A . n 
A 1 35  GLU 35  15  15  GLU GLU A . n 
A 1 36  LEU 36  16  16  LEU LEU A . n 
A 1 37  ALA 37  17  17  ALA ALA A . n 
A 1 38  GLU 38  18  18  GLU GLU A . n 
A 1 39  LYS 39  19  19  LYS LYS A . n 
A 1 40  ALA 40  20  20  ALA ALA A . n 
A 1 41  MET 41  21  21  MET MET A . n 
A 1 42  LYS 42  22  22  LYS LYS A . n 
A 1 43  GLU 43  23  23  GLU GLU A . n 
A 1 44  TYR 44  24  24  TYR TYR A . n 
A 1 45  GLY 45  25  25  GLY GLY A . n 
A 1 46  GLU 46  26  26  GLU GLU A . n 
A 1 47  ASP 47  27  27  ASP ASP A . n 
A 1 48  PRO 48  28  28  PRO PRO A . n 
A 1 49  LYS 49  29  29  LYS LYS A . n 
A 1 50  ILE 50  30  30  ILE ILE A . n 
A 1 51  GLU 51  31  31  GLU GLU A . n 
A 1 52  THR 52  32  32  THR THR A . n 
A 1 53  ASN 53  33  33  ASN ASN A . n 
A 1 54  LYS 54  34  34  LYS LYS A . n 
A 1 55  PHE 55  35  35  PHE PHE A . n 
A 1 56  ALA 56  36  36  ALA ALA A . n 
A 1 57  ALA 57  37  37  ALA ALA A . n 
A 1 58  ILE 58  38  38  ILE ILE A . n 
A 1 59  CYS 59  39  39  CYS CYS A . n 
A 1 60  THR 60  40  40  THR THR A . n 
A 1 61  HIS 61  41  41  HIS HIS A . n 
A 1 62  LEU 62  42  42  LEU LEU A . n 
A 1 63  GLU 63  43  43  GLU GLU A . n 
A 1 64  VAL 64  44  44  VAL VAL A . n 
A 1 65  CYS 65  45  45  CYS CYS A . n 
A 1 66  PHE 66  46  46  PHE PHE A . n 
A 1 67  MET 67  47  47  MET MET A . n 
A 1 68  TYR 68  48  48  TYR TYR A . n 
A 1 69  SER 69  49  49  SER SER A . n 
A 1 70  ASP 70  50  50  ASP ASP A . n 
A 1 71  GLY 71  51  51  GLY GLY A . n 
A 1 72  GLY 72  52  52  GLY GLY A . n 
A 1 73  SER 73  53  53  SER SER A . n 
A 1 74  LYS 74  73  73  LYS LYS A . n 
A 1 75  HIS 75  74  74  HIS HIS A . n 
A 1 76  ARG 76  75  75  ARG ARG A . n 
A 1 77  PHE 77  76  76  PHE PHE A . n 
A 1 78  GLU 78  77  77  GLU GLU A . n 
A 1 79  ILE 79  78  78  ILE ILE A . n 
A 1 80  ILE 80  79  79  ILE ILE A . n 
A 1 81  GLU 81  80  80  GLU GLU A . n 
A 1 82  GLY 82  81  81  GLY GLY A . n 
A 1 83  ARG 83  82  82  ARG ARG A . n 
A 1 84  ASP 84  83  83  ASP ASP A . n 
A 1 85  ARG 85  84  84  ARG ARG A . n 
A 1 86  ILE 86  85  85  ILE ILE A . n 
A 1 87  MET 87  86  86  MET MET A . n 
A 1 88  ALA 88  87  87  ALA ALA A . n 
A 1 89  TRP 89  88  88  TRP TRP A . n 
A 1 90  THR 90  89  89  THR THR A . n 
A 1 91  VAL 91  90  90  VAL VAL A . n 
A 1 92  VAL 92  91  91  VAL VAL A . n 
A 1 93  ASN 93  92  92  ASN ASN A . n 
A 1 94  SER 94  93  93  SER SER A . n 
A 1 95  ILE 95  94  94  ILE ILE A . n 
A 1 96  CYS 96  95  95  CYS CYS A . n 
A 1 97  ASN 97  96  96  ASN ASN A . n 
A 1 98  THR 98  97  97  THR THR A . n 
A 1 99  THR 99  98  98  THR THR A . n 
A 1 100 GLY 100 99  99  GLY GLY A . n 
A 1 101 VAL 101 100 100 VAL VAL A . n 
A 1 102 GLU 102 101 101 GLU GLU A . n 
A 1 103 LYS 103 102 102 LYS LYS A . n 
A 1 104 PRO 104 103 103 PRO PRO A . n 
A 1 105 LYS 105 104 104 LYS LYS A . n 
A 1 106 PHE 106 105 105 PHE PHE A . n 
A 1 107 LEU 107 106 106 LEU LEU A . n 
A 1 108 PRO 108 107 107 PRO PRO A . n 
A 1 109 ASP 109 108 108 ASP ASP A . n 
A 1 110 LEU 110 109 109 LEU LEU A . n 
A 1 111 TYR 111 110 110 TYR TYR A . n 
A 1 112 ASP 112 111 111 ASP ASP A . n 
A 1 113 TYR 113 112 112 TYR TYR A . n 
A 1 114 LYS 114 113 113 LYS LYS A . n 
A 1 115 GLU 115 114 114 GLU GLU A . n 
A 1 116 ASN 116 115 115 ASN ASN A . n 
A 1 117 ARG 117 116 116 ARG ARG A . n 
A 1 118 PHE 118 117 117 PHE PHE A . n 
A 1 119 ILE 119 118 118 ILE ILE A . n 
A 1 120 GLU 120 119 119 GLU GLU A . n 
A 1 121 ILE 121 120 120 ILE ILE A . n 
A 1 122 GLY 122 121 121 GLY GLY A . n 
A 1 123 VAL 123 122 122 VAL VAL A . n 
A 1 124 THR 124 123 123 THR THR A . n 
A 1 125 ARG 125 124 124 ARG ARG A . n 
A 1 126 ARG 126 125 125 ARG ARG A . n 
A 1 127 GLU 127 126 126 GLU GLU A . n 
A 1 128 VAL 128 127 127 VAL VAL A . n 
A 1 129 HIS 129 128 128 HIS HIS A . n 
A 1 130 ILE 130 129 129 ILE ILE A . n 
A 1 131 TYR 131 130 130 TYR TYR A . n 
A 1 132 TYR 132 131 131 TYR TYR A . n 
A 1 133 LEU 133 132 132 LEU LEU A . n 
A 1 134 GLU 134 133 133 GLU GLU A . n 
A 1 135 LYS 135 134 134 LYS LYS A . n 
A 1 136 ALA 136 135 135 ALA ALA A . n 
A 1 137 ASN 137 136 136 ASN ASN A . n 
A 1 138 LYS 138 137 137 LYS LYS A . n 
A 1 139 ILE 139 138 138 ILE ILE A . n 
A 1 140 LYS 140 139 139 LYS LYS A . n 
A 1 141 SER 141 140 140 SER SER A . n 
A 1 142 GLU 142 141 141 GLU GLU A . n 
A 1 143 LYS 143 142 142 LYS LYS A . n 
A 1 144 THR 144 143 143 THR THR A . n 
A 1 145 HIS 145 144 144 HIS HIS A . n 
A 1 146 ILE 146 145 145 ILE ILE A . n 
A 1 147 HIS 147 146 146 HIS HIS A . n 
A 1 148 ILE 148 147 147 ILE ILE A . n 
A 1 149 PHE 149 148 148 PHE PHE A . n 
A 1 150 SER 150 149 149 SER SER A . n 
A 1 151 PHE 151 150 150 PHE PHE A . n 
A 1 152 THR 152 151 151 THR THR A . n 
A 1 153 GLY 153 152 152 GLY GLY A . n 
A 1 154 GLU 154 153 153 GLU GLU A . n 
A 1 155 GLU 155 154 154 GLU GLU A . n 
A 1 156 MET 156 155 155 MET MET A . n 
A 1 157 ALA 157 156 156 ALA ALA A . n 
A 1 158 THR 158 157 157 THR THR A . n 
A 1 159 LYS 159 158 158 LYS LYS A . n 
A 1 160 ALA 160 159 159 ALA ALA A . n 
A 1 161 ASP 161 160 160 ASP ASP A . n 
A 1 162 TYR 162 161 161 TYR TYR A . n 
A 1 163 THR 163 162 162 THR THR A . n 
A 1 164 LEU 164 163 163 LEU LEU A . n 
A 1 165 ASP 165 164 164 ASP ASP A . n 
A 1 166 GLU 166 165 165 GLU GLU A . n 
A 1 167 GLU 167 166 166 GLU GLU A . n 
A 1 168 SER 168 167 167 SER SER A . n 
A 1 169 ARG 169 168 168 ARG ARG A . n 
A 1 170 ALA 170 169 169 ALA ALA A . n 
A 1 171 ARG 171 170 170 ARG ARG A . n 
A 1 172 ILE 172 171 171 ILE ILE A . n 
A 1 173 LYS 173 172 172 LYS LYS A . n 
A 1 174 THR 174 173 173 THR THR A . n 
A 1 175 ARG 175 174 174 ARG ARG A . n 
A 1 176 LEU 176 175 175 LEU LEU A . n 
A 1 177 PHE 177 176 176 PHE PHE A . n 
A 1 178 THR 178 177 177 THR THR A . n 
A 1 179 ILE 179 178 178 ILE ILE A . n 
A 1 180 ARG 180 179 179 ARG ARG A . n 
A 1 181 GLN 181 180 180 GLN GLN A . n 
A 1 182 GLU 182 181 181 GLU GLU A . n 
A 1 183 MET 183 182 182 MET MET A . n 
A 1 184 ALA 184 183 183 ALA ALA A . n 
A 1 185 SER 185 184 184 SER SER A . n 
A 1 186 ARG 186 185 185 ARG ARG A . n 
A 1 187 SER 187 186 186 SER SER A . n 
A 1 188 LEU 188 187 187 LEU LEU A . n 
A 1 189 TRP 189 188 188 TRP TRP A . n 
A 1 190 ASP 190 189 189 ASP ASP A . n 
A 1 191 SER 191 190 190 SER SER A . n 
A 1 192 PHE 192 191 191 PHE PHE A . n 
A 1 193 ARG 193 192 192 ARG ARG A . n 
A 1 194 GLN 194 193 193 GLN GLN A . n 
A 1 195 SER 195 194 194 SER SER A . n 
A 1 196 GLU 196 195 195 GLU GLU A . n 
A 1 197 ARG 197 196 ?   ?   ?   A . n 
# 
loop_
_pdbx_nonpoly_scheme.asym_id 
_pdbx_nonpoly_scheme.entity_id 
_pdbx_nonpoly_scheme.mon_id 
_pdbx_nonpoly_scheme.ndb_seq_num 
_pdbx_nonpoly_scheme.pdb_seq_num 
_pdbx_nonpoly_scheme.auth_seq_num 
_pdbx_nonpoly_scheme.pdb_mon_id 
_pdbx_nonpoly_scheme.auth_mon_id 
_pdbx_nonpoly_scheme.pdb_strand_id 
_pdbx_nonpoly_scheme.pdb_ins_code 
B 2 E4Z 1  201 201 E4Z E4Z A . 
C 3 MN  1  202 301 MN  MN  A . 
D 3 MN  1  203 302 MN  MN  A . 
E 4 SO4 1  204 1   SO4 SO4 A . 
F 4 SO4 1  205 2   SO4 SO4 A . 
G 5 HOH 1  301 2   HOH HOH A . 
G 5 HOH 2  302 1   HOH HOH A . 
G 5 HOH 3  303 12  HOH HOH A . 
G 5 HOH 4  304 5   HOH HOH A . 
G 5 HOH 5  305 22  HOH HOH A . 
G 5 HOH 6  306 6   HOH HOH A . 
G 5 HOH 7  307 11  HOH HOH A . 
G 5 HOH 8  308 7   HOH HOH A . 
G 5 HOH 9  309 19  HOH HOH A . 
G 5 HOH 10 310 20  HOH HOH A . 
G 5 HOH 11 311 16  HOH HOH A . 
G 5 HOH 12 312 21  HOH HOH A . 
G 5 HOH 13 313 18  HOH HOH A . 
G 5 HOH 14 314 24  HOH HOH A . 
G 5 HOH 15 315 9   HOH HOH A . 
G 5 HOH 16 316 8   HOH HOH A . 
G 5 HOH 17 317 3   HOH HOH A . 
G 5 HOH 18 318 4   HOH HOH A . 
G 5 HOH 19 319 15  HOH HOH A . 
G 5 HOH 20 320 25  HOH HOH A . 
G 5 HOH 21 321 10  HOH HOH A . 
G 5 HOH 22 322 23  HOH HOH A . 
# 
_pdbx_struct_assembly.id                   1 
_pdbx_struct_assembly.details              author_and_software_defined_assembly 
_pdbx_struct_assembly.method_details       PISA 
_pdbx_struct_assembly.oligomeric_details   monomeric 
_pdbx_struct_assembly.oligomeric_count     1 
# 
_pdbx_struct_assembly_gen.assembly_id       1 
_pdbx_struct_assembly_gen.oper_expression   1 
_pdbx_struct_assembly_gen.asym_id_list      A,B,C,D,E,F,G 
# 
_pdbx_struct_oper_list.id                   1 
_pdbx_struct_oper_list.type                 'identity operation' 
_pdbx_struct_oper_list.name                 1_555 
_pdbx_struct_oper_list.symmetry_operation   x,y,z 
_pdbx_struct_oper_list.matrix[1][1]         1.0000000000 
_pdbx_struct_oper_list.matrix[1][2]         0.0000000000 
_pdbx_struct_oper_list.matrix[1][3]         0.0000000000 
_pdbx_struct_oper_list.vector[1]            0.0000000000 
_pdbx_struct_oper_list.matrix[2][1]         0.0000000000 
_pdbx_struct_oper_list.matrix[2][2]         1.0000000000 
_pdbx_struct_oper_list.matrix[2][3]         0.0000000000 
_pdbx_struct_oper_list.vector[2]            0.0000000000 
_pdbx_struct_oper_list.matrix[3][1]         0.0000000000 
_pdbx_struct_oper_list.matrix[3][2]         0.0000000000 
_pdbx_struct_oper_list.matrix[3][3]         1.0000000000 
_pdbx_struct_oper_list.vector[3]            0.0000000000 
# 
loop_
_pdbx_struct_conn_angle.id 
_pdbx_struct_conn_angle.ptnr1_label_atom_id 
_pdbx_struct_conn_angle.ptnr1_label_alt_id 
_pdbx_struct_conn_angle.ptnr1_label_asym_id 
_pdbx_struct_conn_angle.ptnr1_label_comp_id 
_pdbx_struct_conn_angle.ptnr1_label_seq_id 
_pdbx_struct_conn_angle.ptnr1_auth_atom_id 
_pdbx_struct_conn_angle.ptnr1_auth_asym_id 
_pdbx_struct_conn_angle.ptnr1_auth_comp_id 
_pdbx_struct_conn_angle.ptnr1_auth_seq_id 
_pdbx_struct_conn_angle.ptnr1_PDB_ins_code 
_pdbx_struct_conn_angle.ptnr1_symmetry 
_pdbx_struct_conn_angle.ptnr2_label_atom_id 
_pdbx_struct_conn_angle.ptnr2_label_alt_id 
_pdbx_struct_conn_angle.ptnr2_label_asym_id 
_pdbx_struct_conn_angle.ptnr2_label_comp_id 
_pdbx_struct_conn_angle.ptnr2_label_seq_id 
_pdbx_struct_conn_angle.ptnr2_auth_atom_id 
_pdbx_struct_conn_angle.ptnr2_auth_asym_id 
_pdbx_struct_conn_angle.ptnr2_auth_comp_id 
_pdbx_struct_conn_angle.ptnr2_auth_seq_id 
_pdbx_struct_conn_angle.ptnr2_PDB_ins_code 
_pdbx_struct_conn_angle.ptnr2_symmetry 
_pdbx_struct_conn_angle.ptnr3_label_atom_id 
_pdbx_struct_conn_angle.ptnr3_label_alt_id 
_pdbx_struct_conn_angle.ptnr3_label_asym_id 
_pdbx_struct_conn_angle.ptnr3_label_comp_id 
_pdbx_struct_conn_angle.ptnr3_label_seq_id 
_pdbx_struct_conn_angle.ptnr3_auth_atom_id 
_pdbx_struct_conn_angle.ptnr3_auth_asym_id 
_pdbx_struct_conn_angle.ptnr3_auth_comp_id 
_pdbx_struct_conn_angle.ptnr3_auth_seq_id 
_pdbx_struct_conn_angle.ptnr3_PDB_ins_code 
_pdbx_struct_conn_angle.ptnr3_symmetry 
_pdbx_struct_conn_angle.value 
_pdbx_struct_conn_angle.value_esd 
1  NE2 ? A HIS 61  ? A HIS 41  ? 1_555 MN ? C MN . ? A MN 202 ? 1_555 OD2 ? A ASP 109 ? A ASP 108 ? 1_555 97.4  ? 
2  NE2 ? A HIS 61  ? A HIS 41  ? 1_555 MN ? C MN . ? A MN 202 ? 1_555 OE1 ? A GLU 120 ? A GLU 119 ? 1_555 171.5 ? 
3  OD2 ? A ASP 109 ? A ASP 108 ? 1_555 MN ? C MN . ? A MN 202 ? 1_555 OE1 ? A GLU 120 ? A GLU 119 ? 1_555 84.9  ? 
4  NE2 ? A HIS 61  ? A HIS 41  ? 1_555 MN ? C MN . ? A MN 202 ? 1_555 O   ? A ILE 121 ? A ILE 120 ? 1_555 77.9  ? 
5  OD2 ? A ASP 109 ? A ASP 108 ? 1_555 MN ? C MN . ? A MN 202 ? 1_555 O   ? A ILE 121 ? A ILE 120 ? 1_555 92.0  ? 
6  OE1 ? A GLU 120 ? A GLU 119 ? 1_555 MN ? C MN . ? A MN 202 ? 1_555 O   ? A ILE 121 ? A ILE 120 ? 1_555 93.9  ? 
7  NE2 ? A HIS 61  ? A HIS 41  ? 1_555 MN ? C MN . ? A MN 202 ? 1_555 O1  ? B E4Z .   ? A E4Z 201 ? 1_555 96.7  ? 
8  OD2 ? A ASP 109 ? A ASP 108 ? 1_555 MN ? C MN . ? A MN 202 ? 1_555 O1  ? B E4Z .   ? A E4Z 201 ? 1_555 165.7 ? 
9  OE1 ? A GLU 120 ? A GLU 119 ? 1_555 MN ? C MN . ? A MN 202 ? 1_555 O1  ? B E4Z .   ? A E4Z 201 ? 1_555 81.5  ? 
10 O   ? A ILE 121 ? A ILE 120 ? 1_555 MN ? C MN . ? A MN 202 ? 1_555 O1  ? B E4Z .   ? A E4Z 201 ? 1_555 93.0  ? 
11 NE2 ? A HIS 61  ? A HIS 41  ? 1_555 MN ? C MN . ? A MN 202 ? 1_555 O2  ? B E4Z .   ? A E4Z 201 ? 1_555 106.7 ? 
12 OD2 ? A ASP 109 ? A ASP 108 ? 1_555 MN ? C MN . ? A MN 202 ? 1_555 O2  ? B E4Z .   ? A E4Z 201 ? 1_555 96.0  ? 
13 OE1 ? A GLU 120 ? A GLU 119 ? 1_555 MN ? C MN . ? A MN 202 ? 1_555 O2  ? B E4Z .   ? A E4Z 201 ? 1_555 81.0  ? 
14 O   ? A ILE 121 ? A ILE 120 ? 1_555 MN ? C MN . ? A MN 202 ? 1_555 O2  ? B E4Z .   ? A E4Z 201 ? 1_555 170.0 ? 
15 O1  ? B E4Z .   ? A E4Z 201 ? 1_555 MN ? C MN . ? A MN 202 ? 1_555 O2  ? B E4Z .   ? A E4Z 201 ? 1_555 77.8  ? 
16 OE1 ? A GLU 81  ? A GLU 80  ? 1_555 MN ? D MN . ? A MN 203 ? 1_555 OD1 ? A ASP 109 ? A ASP 108 ? 1_555 83.2  ? 
17 OE1 ? A GLU 81  ? A GLU 80  ? 1_555 MN ? D MN . ? A MN 203 ? 1_555 O2  ? B E4Z .   ? A E4Z 201 ? 1_555 125.0 ? 
18 OD1 ? A ASP 109 ? A ASP 108 ? 1_555 MN ? D MN . ? A MN 203 ? 1_555 O2  ? B E4Z .   ? A E4Z 201 ? 1_555 92.4  ? 
19 OE1 ? A GLU 81  ? A GLU 80  ? 1_555 MN ? D MN . ? A MN 203 ? 1_555 O3  ? B E4Z .   ? A E4Z 201 ? 1_555 97.5  ? 
20 OD1 ? A ASP 109 ? A ASP 108 ? 1_555 MN ? D MN . ? A MN 203 ? 1_555 O3  ? B E4Z .   ? A E4Z 201 ? 1_555 171.5 ? 
21 O2  ? B E4Z .   ? A E4Z 201 ? 1_555 MN ? D MN . ? A MN 203 ? 1_555 O3  ? B E4Z .   ? A E4Z 201 ? 1_555 80.3  ? 
22 OE1 ? A GLU 81  ? A GLU 80  ? 1_555 MN ? D MN . ? A MN 203 ? 1_555 O   ? G HOH .   ? A HOH 301 ? 1_555 159.5 ? 
23 OD1 ? A ASP 109 ? A ASP 108 ? 1_555 MN ? D MN . ? A MN 203 ? 1_555 O   ? G HOH .   ? A HOH 301 ? 1_555 88.0  ? 
24 O2  ? B E4Z .   ? A E4Z 201 ? 1_555 MN ? D MN . ? A MN 203 ? 1_555 O   ? G HOH .   ? A HOH 301 ? 1_555 73.7  ? 
25 O3  ? B E4Z .   ? A E4Z 201 ? 1_555 MN ? D MN . ? A MN 203 ? 1_555 O   ? G HOH .   ? A HOH 301 ? 1_555 94.0  ? 
26 OE1 ? A GLU 81  ? A GLU 80  ? 1_555 MN ? D MN . ? A MN 203 ? 1_555 O   ? G HOH .   ? A HOH 302 ? 1_555 84.8  ? 
27 OD1 ? A ASP 109 ? A ASP 108 ? 1_555 MN ? D MN . ? A MN 203 ? 1_555 O   ? G HOH .   ? A HOH 302 ? 1_555 90.8  ? 
28 O2  ? B E4Z .   ? A E4Z 201 ? 1_555 MN ? D MN . ? A MN 203 ? 1_555 O   ? G HOH .   ? A HOH 302 ? 1_555 150.2 ? 
29 O3  ? B E4Z .   ? A E4Z 201 ? 1_555 MN ? D MN . ? A MN 203 ? 1_555 O   ? G HOH .   ? A HOH 302 ? 1_555 97.7  ? 
30 O   ? G HOH .   ? A HOH 301 ? 1_555 MN ? D MN . ? A MN 203 ? 1_555 O   ? G HOH .   ? A HOH 302 ? 1_555 76.8  ? 
# 
loop_
_pdbx_audit_revision_history.ordinal 
_pdbx_audit_revision_history.data_content_type 
_pdbx_audit_revision_history.major_revision 
_pdbx_audit_revision_history.minor_revision 
_pdbx_audit_revision_history.revision_date 
1 'Structure model' 1 0 2020-12-16 
2 'Structure model' 1 1 2023-10-18 
# 
_pdbx_audit_revision_details.ordinal             1 
_pdbx_audit_revision_details.revision_ordinal    1 
_pdbx_audit_revision_details.data_content_type   'Structure model' 
_pdbx_audit_revision_details.provider            repository 
_pdbx_audit_revision_details.type                'Initial release' 
_pdbx_audit_revision_details.description         ? 
_pdbx_audit_revision_details.details             ? 
# 
loop_
_pdbx_audit_revision_group.ordinal 
_pdbx_audit_revision_group.revision_ordinal 
_pdbx_audit_revision_group.data_content_type 
_pdbx_audit_revision_group.group 
1 2 'Structure model' 'Data collection'        
2 2 'Structure model' 'Database references'    
3 2 'Structure model' 'Refinement description' 
# 
loop_
_pdbx_audit_revision_category.ordinal 
_pdbx_audit_revision_category.revision_ordinal 
_pdbx_audit_revision_category.data_content_type 
_pdbx_audit_revision_category.category 
1 2 'Structure model' chem_comp_atom                
2 2 'Structure model' chem_comp_bond                
3 2 'Structure model' database_2                    
4 2 'Structure model' pdbx_initial_refinement_model 
# 
loop_
_pdbx_audit_revision_item.ordinal 
_pdbx_audit_revision_item.revision_ordinal 
_pdbx_audit_revision_item.data_content_type 
_pdbx_audit_revision_item.item 
1 2 'Structure model' '_database_2.pdbx_DOI'                
2 2 'Structure model' '_database_2.pdbx_database_accession' 
# 
loop_
_software.citation_id 
_software.classification 
_software.compiler_name 
_software.compiler_version 
_software.contact_author 
_software.contact_author_email 
_software.date 
_software.description 
_software.dependencies 
_software.hardware 
_software.language 
_software.location 
_software.mods 
_software.name 
_software.os 
_software.os_version 
_software.type 
_software.version 
_software.pdbx_ordinal 
? refinement        ? ? ? ? ? ? ? ? ? ? ? PHENIX      ? ? ? 1.18.2_3874 1 
? 'data scaling'    ? ? ? ? ? ? ? ? ? ? ? HKL-2000    ? ? ? .           2 
? 'data extraction' ? ? ? ? ? ? ? ? ? ? ? PDB_EXTRACT ? ? ? 3.25        3 
? phasing           ? ? ? ? ? ? ? ? ? ? ? PHASER      ? ? ? .           4 
# 
_pdbx_entry_details.entry_id                 7K0W 
_pdbx_entry_details.has_ligand_of_interest   Y 
_pdbx_entry_details.compound_details         ? 
_pdbx_entry_details.source_details           ? 
_pdbx_entry_details.nonpolymer_details       ? 
_pdbx_entry_details.sequence_details         ? 
# 
loop_
_pdbx_validate_torsion.id 
_pdbx_validate_torsion.PDB_model_num 
_pdbx_validate_torsion.auth_comp_id 
_pdbx_validate_torsion.auth_asym_id 
_pdbx_validate_torsion.auth_seq_id 
_pdbx_validate_torsion.PDB_ins_code 
_pdbx_validate_torsion.label_alt_id 
_pdbx_validate_torsion.phi 
_pdbx_validate_torsion.psi 
1 1 ARG A 125 ? ? -95.05 -155.93 
2 1 LYS A 139 ? ? 50.55  18.87   
3 1 THR A 162 ? ? 61.05  -59.60  
4 1 GLN A 193 ? ? -75.95 39.30   
# 
loop_
_pdbx_unobs_or_zero_occ_atoms.id 
_pdbx_unobs_or_zero_occ_atoms.PDB_model_num 
_pdbx_unobs_or_zero_occ_atoms.polymer_flag 
_pdbx_unobs_or_zero_occ_atoms.occupancy_flag 
_pdbx_unobs_or_zero_occ_atoms.auth_asym_id 
_pdbx_unobs_or_zero_occ_atoms.auth_comp_id 
_pdbx_unobs_or_zero_occ_atoms.auth_seq_id 
_pdbx_unobs_or_zero_occ_atoms.PDB_ins_code 
_pdbx_unobs_or_zero_occ_atoms.auth_atom_id 
_pdbx_unobs_or_zero_occ_atoms.label_alt_id 
_pdbx_unobs_or_zero_occ_atoms.label_asym_id 
_pdbx_unobs_or_zero_occ_atoms.label_comp_id 
_pdbx_unobs_or_zero_occ_atoms.label_seq_id 
_pdbx_unobs_or_zero_occ_atoms.label_atom_id 
1  1 Y 1 A GLU 101 ? CG  ? A GLU 102 CG  
2  1 Y 1 A GLU 101 ? CD  ? A GLU 102 CD  
3  1 Y 1 A GLU 101 ? OE1 ? A GLU 102 OE1 
4  1 Y 1 A GLU 101 ? OE2 ? A GLU 102 OE2 
5  1 Y 1 A LYS 139 ? CG  ? A LYS 140 CG  
6  1 Y 1 A LYS 139 ? CD  ? A LYS 140 CD  
7  1 Y 1 A LYS 139 ? CE  ? A LYS 140 CE  
8  1 Y 1 A LYS 139 ? NZ  ? A LYS 140 NZ  
9  1 Y 1 A GLU 141 ? CG  ? A GLU 142 CG  
10 1 Y 1 A GLU 141 ? CD  ? A GLU 142 CD  
11 1 Y 1 A GLU 141 ? OE1 ? A GLU 142 OE1 
12 1 Y 1 A GLU 141 ? OE2 ? A GLU 142 OE2 
13 1 Y 1 A LYS 142 ? CG  ? A LYS 143 CG  
14 1 Y 1 A LYS 142 ? CD  ? A LYS 143 CD  
15 1 Y 1 A LYS 142 ? CE  ? A LYS 143 CE  
16 1 Y 1 A LYS 142 ? NZ  ? A LYS 143 NZ  
# 
loop_
_pdbx_unobs_or_zero_occ_residues.id 
_pdbx_unobs_or_zero_occ_residues.PDB_model_num 
_pdbx_unobs_or_zero_occ_residues.polymer_flag 
_pdbx_unobs_or_zero_occ_residues.occupancy_flag 
_pdbx_unobs_or_zero_occ_residues.auth_asym_id 
_pdbx_unobs_or_zero_occ_residues.auth_comp_id 
_pdbx_unobs_or_zero_occ_residues.auth_seq_id 
_pdbx_unobs_or_zero_occ_residues.PDB_ins_code 
_pdbx_unobs_or_zero_occ_residues.label_asym_id 
_pdbx_unobs_or_zero_occ_residues.label_comp_id 
_pdbx_unobs_or_zero_occ_residues.label_seq_id 
1  1 Y 1 A MET -19 ? A MET 1   
2  1 Y 1 A GLY -18 ? A GLY 2   
3  1 Y 1 A SER -17 ? A SER 3   
4  1 Y 1 A SER -16 ? A SER 4   
5  1 Y 1 A HIS -15 ? A HIS 5   
6  1 Y 1 A HIS -14 ? A HIS 6   
7  1 Y 1 A HIS -13 ? A HIS 7   
8  1 Y 1 A HIS -12 ? A HIS 8   
9  1 Y 1 A HIS -11 ? A HIS 9   
10 1 Y 1 A HIS -10 ? A HIS 10  
11 1 Y 1 A SER -9  ? A SER 11  
12 1 Y 1 A SER -8  ? A SER 12  
13 1 Y 1 A GLY -7  ? A GLY 13  
14 1 Y 1 A LEU -6  ? A LEU 14  
15 1 Y 1 A VAL -5  ? A VAL 15  
16 1 Y 1 A PRO -4  ? A PRO 16  
17 1 Y 1 A ARG -3  ? A ARG 17  
18 1 Y 1 A ARG 196 ? A ARG 197 
# 
loop_
_chem_comp_atom.comp_id 
_chem_comp_atom.atom_id 
_chem_comp_atom.type_symbol 
_chem_comp_atom.pdbx_aromatic_flag 
_chem_comp_atom.pdbx_stereo_config 
_chem_comp_atom.pdbx_ordinal 
ALA N    N  N N 1   
ALA CA   C  N S 2   
ALA C    C  N N 3   
ALA O    O  N N 4   
ALA CB   C  N N 5   
ALA OXT  O  N N 6   
ALA H    H  N N 7   
ALA H2   H  N N 8   
ALA HA   H  N N 9   
ALA HB1  H  N N 10  
ALA HB2  H  N N 11  
ALA HB3  H  N N 12  
ALA HXT  H  N N 13  
ARG N    N  N N 14  
ARG CA   C  N S 15  
ARG C    C  N N 16  
ARG O    O  N N 17  
ARG CB   C  N N 18  
ARG CG   C  N N 19  
ARG CD   C  N N 20  
ARG NE   N  N N 21  
ARG CZ   C  N N 22  
ARG NH1  N  N N 23  
ARG NH2  N  N N 24  
ARG OXT  O  N N 25  
ARG H    H  N N 26  
ARG H2   H  N N 27  
ARG HA   H  N N 28  
ARG HB2  H  N N 29  
ARG HB3  H  N N 30  
ARG HG2  H  N N 31  
ARG HG3  H  N N 32  
ARG HD2  H  N N 33  
ARG HD3  H  N N 34  
ARG HE   H  N N 35  
ARG HH11 H  N N 36  
ARG HH12 H  N N 37  
ARG HH21 H  N N 38  
ARG HH22 H  N N 39  
ARG HXT  H  N N 40  
ASN N    N  N N 41  
ASN CA   C  N S 42  
ASN C    C  N N 43  
ASN O    O  N N 44  
ASN CB   C  N N 45  
ASN CG   C  N N 46  
ASN OD1  O  N N 47  
ASN ND2  N  N N 48  
ASN OXT  O  N N 49  
ASN H    H  N N 50  
ASN H2   H  N N 51  
ASN HA   H  N N 52  
ASN HB2  H  N N 53  
ASN HB3  H  N N 54  
ASN HD21 H  N N 55  
ASN HD22 H  N N 56  
ASN HXT  H  N N 57  
ASP N    N  N N 58  
ASP CA   C  N S 59  
ASP C    C  N N 60  
ASP O    O  N N 61  
ASP CB   C  N N 62  
ASP CG   C  N N 63  
ASP OD1  O  N N 64  
ASP OD2  O  N N 65  
ASP OXT  O  N N 66  
ASP H    H  N N 67  
ASP H2   H  N N 68  
ASP HA   H  N N 69  
ASP HB2  H  N N 70  
ASP HB3  H  N N 71  
ASP HD2  H  N N 72  
ASP HXT  H  N N 73  
CYS N    N  N N 74  
CYS CA   C  N R 75  
CYS C    C  N N 76  
CYS O    O  N N 77  
CYS CB   C  N N 78  
CYS SG   S  N N 79  
CYS OXT  O  N N 80  
CYS H    H  N N 81  
CYS H2   H  N N 82  
CYS HA   H  N N 83  
CYS HB2  H  N N 84  
CYS HB3  H  N N 85  
CYS HG   H  N N 86  
CYS HXT  H  N N 87  
E4Z C1   C  N N 88  
E4Z N1   N  N N 89  
E4Z O1   O  N N 90  
E4Z C2   C  N N 91  
E4Z O2   O  N N 92  
E4Z O3   O  N N 93  
E4Z C4   C  N N 94  
E4Z O4   O  N N 95  
E4Z C5   C  N N 96  
E4Z C6   C  N N 97  
E4Z C7   C  N R 98  
E4Z C13  C  Y N 99  
E4Z C14  C  N N 100 
E4Z C15  C  Y N 101 
E4Z C16  C  Y N 102 
E4Z C17  C  Y N 103 
E4Z C18  C  Y N 104 
E4Z C19  C  Y N 105 
E4Z C20  C  Y N 106 
E4Z C21  C  Y N 107 
E4Z C22  C  Y N 108 
E4Z C23  C  Y N 109 
E4Z C24  C  Y N 110 
E4Z F2   F  N N 111 
E4Z C12  C  Y N 112 
E4Z F1   F  N N 113 
E4Z S3   S  N N 114 
E4Z C11  C  N S 115 
E4Z N2   N  N N 116 
E4Z C8   C  N N 117 
E4Z C9   C  N N 118 
E4Z C10  C  N N 119 
E4Z N3   N  N N 120 
E4Z C3   C  N N 121 
E4Z H1   H  N N 122 
E4Z H3   H  N N 123 
E4Z H4   H  N N 124 
E4Z H5   H  N N 125 
E4Z H6   H  N N 126 
E4Z H7   H  N N 127 
E4Z H8   H  N N 128 
E4Z H9   H  N N 129 
E4Z H10  H  N N 130 
E4Z H11  H  N N 131 
E4Z H12  H  N N 132 
E4Z H13  H  N N 133 
E4Z H14  H  N N 134 
E4Z H15  H  N N 135 
E4Z H16  H  N N 136 
E4Z H17  H  N N 137 
E4Z H18  H  N N 138 
E4Z H19  H  N N 139 
E4Z H20  H  N N 140 
GLN N    N  N N 141 
GLN CA   C  N S 142 
GLN C    C  N N 143 
GLN O    O  N N 144 
GLN CB   C  N N 145 
GLN CG   C  N N 146 
GLN CD   C  N N 147 
GLN OE1  O  N N 148 
GLN NE2  N  N N 149 
GLN OXT  O  N N 150 
GLN H    H  N N 151 
GLN H2   H  N N 152 
GLN HA   H  N N 153 
GLN HB2  H  N N 154 
GLN HB3  H  N N 155 
GLN HG2  H  N N 156 
GLN HG3  H  N N 157 
GLN HE21 H  N N 158 
GLN HE22 H  N N 159 
GLN HXT  H  N N 160 
GLU N    N  N N 161 
GLU CA   C  N S 162 
GLU C    C  N N 163 
GLU O    O  N N 164 
GLU CB   C  N N 165 
GLU CG   C  N N 166 
GLU CD   C  N N 167 
GLU OE1  O  N N 168 
GLU OE2  O  N N 169 
GLU OXT  O  N N 170 
GLU H    H  N N 171 
GLU H2   H  N N 172 
GLU HA   H  N N 173 
GLU HB2  H  N N 174 
GLU HB3  H  N N 175 
GLU HG2  H  N N 176 
GLU HG3  H  N N 177 
GLU HE2  H  N N 178 
GLU HXT  H  N N 179 
GLY N    N  N N 180 
GLY CA   C  N N 181 
GLY C    C  N N 182 
GLY O    O  N N 183 
GLY OXT  O  N N 184 
GLY H    H  N N 185 
GLY H2   H  N N 186 
GLY HA2  H  N N 187 
GLY HA3  H  N N 188 
GLY HXT  H  N N 189 
HIS N    N  N N 190 
HIS CA   C  N S 191 
HIS C    C  N N 192 
HIS O    O  N N 193 
HIS CB   C  N N 194 
HIS CG   C  Y N 195 
HIS ND1  N  Y N 196 
HIS CD2  C  Y N 197 
HIS CE1  C  Y N 198 
HIS NE2  N  Y N 199 
HIS OXT  O  N N 200 
HIS H    H  N N 201 
HIS H2   H  N N 202 
HIS HA   H  N N 203 
HIS HB2  H  N N 204 
HIS HB3  H  N N 205 
HIS HD1  H  N N 206 
HIS HD2  H  N N 207 
HIS HE1  H  N N 208 
HIS HE2  H  N N 209 
HIS HXT  H  N N 210 
HOH O    O  N N 211 
HOH H1   H  N N 212 
HOH H2   H  N N 213 
ILE N    N  N N 214 
ILE CA   C  N S 215 
ILE C    C  N N 216 
ILE O    O  N N 217 
ILE CB   C  N S 218 
ILE CG1  C  N N 219 
ILE CG2  C  N N 220 
ILE CD1  C  N N 221 
ILE OXT  O  N N 222 
ILE H    H  N N 223 
ILE H2   H  N N 224 
ILE HA   H  N N 225 
ILE HB   H  N N 226 
ILE HG12 H  N N 227 
ILE HG13 H  N N 228 
ILE HG21 H  N N 229 
ILE HG22 H  N N 230 
ILE HG23 H  N N 231 
ILE HD11 H  N N 232 
ILE HD12 H  N N 233 
ILE HD13 H  N N 234 
ILE HXT  H  N N 235 
LEU N    N  N N 236 
LEU CA   C  N S 237 
LEU C    C  N N 238 
LEU O    O  N N 239 
LEU CB   C  N N 240 
LEU CG   C  N N 241 
LEU CD1  C  N N 242 
LEU CD2  C  N N 243 
LEU OXT  O  N N 244 
LEU H    H  N N 245 
LEU H2   H  N N 246 
LEU HA   H  N N 247 
LEU HB2  H  N N 248 
LEU HB3  H  N N 249 
LEU HG   H  N N 250 
LEU HD11 H  N N 251 
LEU HD12 H  N N 252 
LEU HD13 H  N N 253 
LEU HD21 H  N N 254 
LEU HD22 H  N N 255 
LEU HD23 H  N N 256 
LEU HXT  H  N N 257 
LYS N    N  N N 258 
LYS CA   C  N S 259 
LYS C    C  N N 260 
LYS O    O  N N 261 
LYS CB   C  N N 262 
LYS CG   C  N N 263 
LYS CD   C  N N 264 
LYS CE   C  N N 265 
LYS NZ   N  N N 266 
LYS OXT  O  N N 267 
LYS H    H  N N 268 
LYS H2   H  N N 269 
LYS HA   H  N N 270 
LYS HB2  H  N N 271 
LYS HB3  H  N N 272 
LYS HG2  H  N N 273 
LYS HG3  H  N N 274 
LYS HD2  H  N N 275 
LYS HD3  H  N N 276 
LYS HE2  H  N N 277 
LYS HE3  H  N N 278 
LYS HZ1  H  N N 279 
LYS HZ2  H  N N 280 
LYS HZ3  H  N N 281 
LYS HXT  H  N N 282 
MET N    N  N N 283 
MET CA   C  N S 284 
MET C    C  N N 285 
MET O    O  N N 286 
MET CB   C  N N 287 
MET CG   C  N N 288 
MET SD   S  N N 289 
MET CE   C  N N 290 
MET OXT  O  N N 291 
MET H    H  N N 292 
MET H2   H  N N 293 
MET HA   H  N N 294 
MET HB2  H  N N 295 
MET HB3  H  N N 296 
MET HG2  H  N N 297 
MET HG3  H  N N 298 
MET HE1  H  N N 299 
MET HE2  H  N N 300 
MET HE3  H  N N 301 
MET HXT  H  N N 302 
MN  MN   MN N N 303 
PHE N    N  N N 304 
PHE CA   C  N S 305 
PHE C    C  N N 306 
PHE O    O  N N 307 
PHE CB   C  N N 308 
PHE CG   C  Y N 309 
PHE CD1  C  Y N 310 
PHE CD2  C  Y N 311 
PHE CE1  C  Y N 312 
PHE CE2  C  Y N 313 
PHE CZ   C  Y N 314 
PHE OXT  O  N N 315 
PHE H    H  N N 316 
PHE H2   H  N N 317 
PHE HA   H  N N 318 
PHE HB2  H  N N 319 
PHE HB3  H  N N 320 
PHE HD1  H  N N 321 
PHE HD2  H  N N 322 
PHE HE1  H  N N 323 
PHE HE2  H  N N 324 
PHE HZ   H  N N 325 
PHE HXT  H  N N 326 
PRO N    N  N N 327 
PRO CA   C  N S 328 
PRO C    C  N N 329 
PRO O    O  N N 330 
PRO CB   C  N N 331 
PRO CG   C  N N 332 
PRO CD   C  N N 333 
PRO OXT  O  N N 334 
PRO H    H  N N 335 
PRO HA   H  N N 336 
PRO HB2  H  N N 337 
PRO HB3  H  N N 338 
PRO HG2  H  N N 339 
PRO HG3  H  N N 340 
PRO HD2  H  N N 341 
PRO HD3  H  N N 342 
PRO HXT  H  N N 343 
SER N    N  N N 344 
SER CA   C  N S 345 
SER C    C  N N 346 
SER O    O  N N 347 
SER CB   C  N N 348 
SER OG   O  N N 349 
SER OXT  O  N N 350 
SER H    H  N N 351 
SER H2   H  N N 352 
SER HA   H  N N 353 
SER HB2  H  N N 354 
SER HB3  H  N N 355 
SER HG   H  N N 356 
SER HXT  H  N N 357 
SO4 S    S  N N 358 
SO4 O1   O  N N 359 
SO4 O2   O  N N 360 
SO4 O3   O  N N 361 
SO4 O4   O  N N 362 
THR N    N  N N 363 
THR CA   C  N S 364 
THR C    C  N N 365 
THR O    O  N N 366 
THR CB   C  N R 367 
THR OG1  O  N N 368 
THR CG2  C  N N 369 
THR OXT  O  N N 370 
THR H    H  N N 371 
THR H2   H  N N 372 
THR HA   H  N N 373 
THR HB   H  N N 374 
THR HG1  H  N N 375 
THR HG21 H  N N 376 
THR HG22 H  N N 377 
THR HG23 H  N N 378 
THR HXT  H  N N 379 
TRP N    N  N N 380 
TRP CA   C  N S 381 
TRP C    C  N N 382 
TRP O    O  N N 383 
TRP CB   C  N N 384 
TRP CG   C  Y N 385 
TRP CD1  C  Y N 386 
TRP CD2  C  Y N 387 
TRP NE1  N  Y N 388 
TRP CE2  C  Y N 389 
TRP CE3  C  Y N 390 
TRP CZ2  C  Y N 391 
TRP CZ3  C  Y N 392 
TRP CH2  C  Y N 393 
TRP OXT  O  N N 394 
TRP H    H  N N 395 
TRP H2   H  N N 396 
TRP HA   H  N N 397 
TRP HB2  H  N N 398 
TRP HB3  H  N N 399 
TRP HD1  H  N N 400 
TRP HE1  H  N N 401 
TRP HE3  H  N N 402 
TRP HZ2  H  N N 403 
TRP HZ3  H  N N 404 
TRP HH2  H  N N 405 
TRP HXT  H  N N 406 
TYR N    N  N N 407 
TYR CA   C  N S 408 
TYR C    C  N N 409 
TYR O    O  N N 410 
TYR CB   C  N N 411 
TYR CG   C  Y N 412 
TYR CD1  C  Y N 413 
TYR CD2  C  Y N 414 
TYR CE1  C  Y N 415 
TYR CE2  C  Y N 416 
TYR CZ   C  Y N 417 
TYR OH   O  N N 418 
TYR OXT  O  N N 419 
TYR H    H  N N 420 
TYR H2   H  N N 421 
TYR HA   H  N N 422 
TYR HB2  H  N N 423 
TYR HB3  H  N N 424 
TYR HD1  H  N N 425 
TYR HD2  H  N N 426 
TYR HE1  H  N N 427 
TYR HE2  H  N N 428 
TYR HH   H  N N 429 
TYR HXT  H  N N 430 
VAL N    N  N N 431 
VAL CA   C  N S 432 
VAL C    C  N N 433 
VAL O    O  N N 434 
VAL CB   C  N N 435 
VAL CG1  C  N N 436 
VAL CG2  C  N N 437 
VAL OXT  O  N N 438 
VAL H    H  N N 439 
VAL H2   H  N N 440 
VAL HA   H  N N 441 
VAL HB   H  N N 442 
VAL HG11 H  N N 443 
VAL HG12 H  N N 444 
VAL HG13 H  N N 445 
VAL HG21 H  N N 446 
VAL HG22 H  N N 447 
VAL HG23 H  N N 448 
VAL HXT  H  N N 449 
# 
loop_
_chem_comp_bond.comp_id 
_chem_comp_bond.atom_id_1 
_chem_comp_bond.atom_id_2 
_chem_comp_bond.value_order 
_chem_comp_bond.pdbx_aromatic_flag 
_chem_comp_bond.pdbx_stereo_config 
_chem_comp_bond.pdbx_ordinal 
ALA N   CA   sing N N 1   
ALA N   H    sing N N 2   
ALA N   H2   sing N N 3   
ALA CA  C    sing N N 4   
ALA CA  CB   sing N N 5   
ALA CA  HA   sing N N 6   
ALA C   O    doub N N 7   
ALA C   OXT  sing N N 8   
ALA CB  HB1  sing N N 9   
ALA CB  HB2  sing N N 10  
ALA CB  HB3  sing N N 11  
ALA OXT HXT  sing N N 12  
ARG N   CA   sing N N 13  
ARG N   H    sing N N 14  
ARG N   H2   sing N N 15  
ARG CA  C    sing N N 16  
ARG CA  CB   sing N N 17  
ARG CA  HA   sing N N 18  
ARG C   O    doub N N 19  
ARG C   OXT  sing N N 20  
ARG CB  CG   sing N N 21  
ARG CB  HB2  sing N N 22  
ARG CB  HB3  sing N N 23  
ARG CG  CD   sing N N 24  
ARG CG  HG2  sing N N 25  
ARG CG  HG3  sing N N 26  
ARG CD  NE   sing N N 27  
ARG CD  HD2  sing N N 28  
ARG CD  HD3  sing N N 29  
ARG NE  CZ   sing N N 30  
ARG NE  HE   sing N N 31  
ARG CZ  NH1  sing N N 32  
ARG CZ  NH2  doub N N 33  
ARG NH1 HH11 sing N N 34  
ARG NH1 HH12 sing N N 35  
ARG NH2 HH21 sing N N 36  
ARG NH2 HH22 sing N N 37  
ARG OXT HXT  sing N N 38  
ASN N   CA   sing N N 39  
ASN N   H    sing N N 40  
ASN N   H2   sing N N 41  
ASN CA  C    sing N N 42  
ASN CA  CB   sing N N 43  
ASN CA  HA   sing N N 44  
ASN C   O    doub N N 45  
ASN C   OXT  sing N N 46  
ASN CB  CG   sing N N 47  
ASN CB  HB2  sing N N 48  
ASN CB  HB3  sing N N 49  
ASN CG  OD1  doub N N 50  
ASN CG  ND2  sing N N 51  
ASN ND2 HD21 sing N N 52  
ASN ND2 HD22 sing N N 53  
ASN OXT HXT  sing N N 54  
ASP N   CA   sing N N 55  
ASP N   H    sing N N 56  
ASP N   H2   sing N N 57  
ASP CA  C    sing N N 58  
ASP CA  CB   sing N N 59  
ASP CA  HA   sing N N 60  
ASP C   O    doub N N 61  
ASP C   OXT  sing N N 62  
ASP CB  CG   sing N N 63  
ASP CB  HB2  sing N N 64  
ASP CB  HB3  sing N N 65  
ASP CG  OD1  doub N N 66  
ASP CG  OD2  sing N N 67  
ASP OD2 HD2  sing N N 68  
ASP OXT HXT  sing N N 69  
CYS N   CA   sing N N 70  
CYS N   H    sing N N 71  
CYS N   H2   sing N N 72  
CYS CA  C    sing N N 73  
CYS CA  CB   sing N N 74  
CYS CA  HA   sing N N 75  
CYS C   O    doub N N 76  
CYS C   OXT  sing N N 77  
CYS CB  SG   sing N N 78  
CYS CB  HB2  sing N N 79  
CYS CB  HB3  sing N N 80  
CYS SG  HG   sing N N 81  
CYS OXT HXT  sing N N 82  
E4Z C9  O4   sing N N 83  
E4Z C9  C10  sing N N 84  
E4Z O4  C8   sing N N 85  
E4Z C10 N3   sing N N 86  
E4Z C8  C7   sing N N 87  
E4Z O3  C6   doub N N 88  
E4Z N3  C6   sing N N 89  
E4Z N3  C7   sing N N 90  
E4Z C6  C4   sing N N 91  
E4Z C7  N2   sing N N 92  
E4Z O2  C5   sing N N 93  
E4Z C4  C5   doub N N 94  
E4Z C4  N1   sing N N 95  
E4Z C5  C1   sing N N 96  
E4Z N2  N1   sing N N 97  
E4Z N2  C11  sing N N 98  
E4Z N1  C3   sing N N 99  
E4Z C1  O1   doub N N 100 
E4Z C1  C2   sing N N 101 
E4Z C3  C2   doub N N 102 
E4Z C11 C12  sing N N 103 
E4Z C11 C16  sing N N 104 
E4Z C21 C22  doub Y N 105 
E4Z C21 C12  sing Y N 106 
E4Z C22 C23  sing Y N 107 
E4Z C12 C13  doub Y N 108 
E4Z C23 F2   sing N N 109 
E4Z C23 C24  doub Y N 110 
E4Z C13 C24  sing Y N 111 
E4Z C13 C14  sing N N 112 
E4Z C24 F1   sing N N 113 
E4Z C14 S3   sing N N 114 
E4Z C16 C20  doub Y N 115 
E4Z C16 C15  sing Y N 116 
E4Z C20 C19  sing Y N 117 
E4Z S3  C15  sing N N 118 
E4Z C15 C17  doub Y N 119 
E4Z C19 C18  doub Y N 120 
E4Z C17 C18  sing Y N 121 
E4Z C2  H1   sing N N 122 
E4Z C7  H3   sing N N 123 
E4Z C14 H4   sing N N 124 
E4Z C14 H5   sing N N 125 
E4Z C17 H6   sing N N 126 
E4Z C18 H7   sing N N 127 
E4Z C19 H8   sing N N 128 
E4Z C20 H9   sing N N 129 
E4Z C21 H10  sing N N 130 
E4Z C22 H11  sing N N 131 
E4Z C11 H12  sing N N 132 
E4Z C8  H13  sing N N 133 
E4Z C8  H14  sing N N 134 
E4Z C9  H15  sing N N 135 
E4Z C9  H16  sing N N 136 
E4Z C10 H17  sing N N 137 
E4Z C10 H18  sing N N 138 
E4Z C3  H19  sing N N 139 
E4Z O2  H20  sing N N 140 
GLN N   CA   sing N N 141 
GLN N   H    sing N N 142 
GLN N   H2   sing N N 143 
GLN CA  C    sing N N 144 
GLN CA  CB   sing N N 145 
GLN CA  HA   sing N N 146 
GLN C   O    doub N N 147 
GLN C   OXT  sing N N 148 
GLN CB  CG   sing N N 149 
GLN CB  HB2  sing N N 150 
GLN CB  HB3  sing N N 151 
GLN CG  CD   sing N N 152 
GLN CG  HG2  sing N N 153 
GLN CG  HG3  sing N N 154 
GLN CD  OE1  doub N N 155 
GLN CD  NE2  sing N N 156 
GLN NE2 HE21 sing N N 157 
GLN NE2 HE22 sing N N 158 
GLN OXT HXT  sing N N 159 
GLU N   CA   sing N N 160 
GLU N   H    sing N N 161 
GLU N   H2   sing N N 162 
GLU CA  C    sing N N 163 
GLU CA  CB   sing N N 164 
GLU CA  HA   sing N N 165 
GLU C   O    doub N N 166 
GLU C   OXT  sing N N 167 
GLU CB  CG   sing N N 168 
GLU CB  HB2  sing N N 169 
GLU CB  HB3  sing N N 170 
GLU CG  CD   sing N N 171 
GLU CG  HG2  sing N N 172 
GLU CG  HG3  sing N N 173 
GLU CD  OE1  doub N N 174 
GLU CD  OE2  sing N N 175 
GLU OE2 HE2  sing N N 176 
GLU OXT HXT  sing N N 177 
GLY N   CA   sing N N 178 
GLY N   H    sing N N 179 
GLY N   H2   sing N N 180 
GLY CA  C    sing N N 181 
GLY CA  HA2  sing N N 182 
GLY CA  HA3  sing N N 183 
GLY C   O    doub N N 184 
GLY C   OXT  sing N N 185 
GLY OXT HXT  sing N N 186 
HIS N   CA   sing N N 187 
HIS N   H    sing N N 188 
HIS N   H2   sing N N 189 
HIS CA  C    sing N N 190 
HIS CA  CB   sing N N 191 
HIS CA  HA   sing N N 192 
HIS C   O    doub N N 193 
HIS C   OXT  sing N N 194 
HIS CB  CG   sing N N 195 
HIS CB  HB2  sing N N 196 
HIS CB  HB3  sing N N 197 
HIS CG  ND1  sing Y N 198 
HIS CG  CD2  doub Y N 199 
HIS ND1 CE1  doub Y N 200 
HIS ND1 HD1  sing N N 201 
HIS CD2 NE2  sing Y N 202 
HIS CD2 HD2  sing N N 203 
HIS CE1 NE2  sing Y N 204 
HIS CE1 HE1  sing N N 205 
HIS NE2 HE2  sing N N 206 
HIS OXT HXT  sing N N 207 
HOH O   H1   sing N N 208 
HOH O   H2   sing N N 209 
ILE N   CA   sing N N 210 
ILE N   H    sing N N 211 
ILE N   H2   sing N N 212 
ILE CA  C    sing N N 213 
ILE CA  CB   sing N N 214 
ILE CA  HA   sing N N 215 
ILE C   O    doub N N 216 
ILE C   OXT  sing N N 217 
ILE CB  CG1  sing N N 218 
ILE CB  CG2  sing N N 219 
ILE CB  HB   sing N N 220 
ILE CG1 CD1  sing N N 221 
ILE CG1 HG12 sing N N 222 
ILE CG1 HG13 sing N N 223 
ILE CG2 HG21 sing N N 224 
ILE CG2 HG22 sing N N 225 
ILE CG2 HG23 sing N N 226 
ILE CD1 HD11 sing N N 227 
ILE CD1 HD12 sing N N 228 
ILE CD1 HD13 sing N N 229 
ILE OXT HXT  sing N N 230 
LEU N   CA   sing N N 231 
LEU N   H    sing N N 232 
LEU N   H2   sing N N 233 
LEU CA  C    sing N N 234 
LEU CA  CB   sing N N 235 
LEU CA  HA   sing N N 236 
LEU C   O    doub N N 237 
LEU C   OXT  sing N N 238 
LEU CB  CG   sing N N 239 
LEU CB  HB2  sing N N 240 
LEU CB  HB3  sing N N 241 
LEU CG  CD1  sing N N 242 
LEU CG  CD2  sing N N 243 
LEU CG  HG   sing N N 244 
LEU CD1 HD11 sing N N 245 
LEU CD1 HD12 sing N N 246 
LEU CD1 HD13 sing N N 247 
LEU CD2 HD21 sing N N 248 
LEU CD2 HD22 sing N N 249 
LEU CD2 HD23 sing N N 250 
LEU OXT HXT  sing N N 251 
LYS N   CA   sing N N 252 
LYS N   H    sing N N 253 
LYS N   H2   sing N N 254 
LYS CA  C    sing N N 255 
LYS CA  CB   sing N N 256 
LYS CA  HA   sing N N 257 
LYS C   O    doub N N 258 
LYS C   OXT  sing N N 259 
LYS CB  CG   sing N N 260 
LYS CB  HB2  sing N N 261 
LYS CB  HB3  sing N N 262 
LYS CG  CD   sing N N 263 
LYS CG  HG2  sing N N 264 
LYS CG  HG3  sing N N 265 
LYS CD  CE   sing N N 266 
LYS CD  HD2  sing N N 267 
LYS CD  HD3  sing N N 268 
LYS CE  NZ   sing N N 269 
LYS CE  HE2  sing N N 270 
LYS CE  HE3  sing N N 271 
LYS NZ  HZ1  sing N N 272 
LYS NZ  HZ2  sing N N 273 
LYS NZ  HZ3  sing N N 274 
LYS OXT HXT  sing N N 275 
MET N   CA   sing N N 276 
MET N   H    sing N N 277 
MET N   H2   sing N N 278 
MET CA  C    sing N N 279 
MET CA  CB   sing N N 280 
MET CA  HA   sing N N 281 
MET C   O    doub N N 282 
MET C   OXT  sing N N 283 
MET CB  CG   sing N N 284 
MET CB  HB2  sing N N 285 
MET CB  HB3  sing N N 286 
MET CG  SD   sing N N 287 
MET CG  HG2  sing N N 288 
MET CG  HG3  sing N N 289 
MET SD  CE   sing N N 290 
MET CE  HE1  sing N N 291 
MET CE  HE2  sing N N 292 
MET CE  HE3  sing N N 293 
MET OXT HXT  sing N N 294 
PHE N   CA   sing N N 295 
PHE N   H    sing N N 296 
PHE N   H2   sing N N 297 
PHE CA  C    sing N N 298 
PHE CA  CB   sing N N 299 
PHE CA  HA   sing N N 300 
PHE C   O    doub N N 301 
PHE C   OXT  sing N N 302 
PHE CB  CG   sing N N 303 
PHE CB  HB2  sing N N 304 
PHE CB  HB3  sing N N 305 
PHE CG  CD1  doub Y N 306 
PHE CG  CD2  sing Y N 307 
PHE CD1 CE1  sing Y N 308 
PHE CD1 HD1  sing N N 309 
PHE CD2 CE2  doub Y N 310 
PHE CD2 HD2  sing N N 311 
PHE CE1 CZ   doub Y N 312 
PHE CE1 HE1  sing N N 313 
PHE CE2 CZ   sing Y N 314 
PHE CE2 HE2  sing N N 315 
PHE CZ  HZ   sing N N 316 
PHE OXT HXT  sing N N 317 
PRO N   CA   sing N N 318 
PRO N   CD   sing N N 319 
PRO N   H    sing N N 320 
PRO CA  C    sing N N 321 
PRO CA  CB   sing N N 322 
PRO CA  HA   sing N N 323 
PRO C   O    doub N N 324 
PRO C   OXT  sing N N 325 
PRO CB  CG   sing N N 326 
PRO CB  HB2  sing N N 327 
PRO CB  HB3  sing N N 328 
PRO CG  CD   sing N N 329 
PRO CG  HG2  sing N N 330 
PRO CG  HG3  sing N N 331 
PRO CD  HD2  sing N N 332 
PRO CD  HD3  sing N N 333 
PRO OXT HXT  sing N N 334 
SER N   CA   sing N N 335 
SER N   H    sing N N 336 
SER N   H2   sing N N 337 
SER CA  C    sing N N 338 
SER CA  CB   sing N N 339 
SER CA  HA   sing N N 340 
SER C   O    doub N N 341 
SER C   OXT  sing N N 342 
SER CB  OG   sing N N 343 
SER CB  HB2  sing N N 344 
SER CB  HB3  sing N N 345 
SER OG  HG   sing N N 346 
SER OXT HXT  sing N N 347 
SO4 S   O1   doub N N 348 
SO4 S   O2   doub N N 349 
SO4 S   O3   sing N N 350 
SO4 S   O4   sing N N 351 
THR N   CA   sing N N 352 
THR N   H    sing N N 353 
THR N   H2   sing N N 354 
THR CA  C    sing N N 355 
THR CA  CB   sing N N 356 
THR CA  HA   sing N N 357 
THR C   O    doub N N 358 
THR C   OXT  sing N N 359 
THR CB  OG1  sing N N 360 
THR CB  CG2  sing N N 361 
THR CB  HB   sing N N 362 
THR OG1 HG1  sing N N 363 
THR CG2 HG21 sing N N 364 
THR CG2 HG22 sing N N 365 
THR CG2 HG23 sing N N 366 
THR OXT HXT  sing N N 367 
TRP N   CA   sing N N 368 
TRP N   H    sing N N 369 
TRP N   H2   sing N N 370 
TRP CA  C    sing N N 371 
TRP CA  CB   sing N N 372 
TRP CA  HA   sing N N 373 
TRP C   O    doub N N 374 
TRP C   OXT  sing N N 375 
TRP CB  CG   sing N N 376 
TRP CB  HB2  sing N N 377 
TRP CB  HB3  sing N N 378 
TRP CG  CD1  doub Y N 379 
TRP CG  CD2  sing Y N 380 
TRP CD1 NE1  sing Y N 381 
TRP CD1 HD1  sing N N 382 
TRP CD2 CE2  doub Y N 383 
TRP CD2 CE3  sing Y N 384 
TRP NE1 CE2  sing Y N 385 
TRP NE1 HE1  sing N N 386 
TRP CE2 CZ2  sing Y N 387 
TRP CE3 CZ3  doub Y N 388 
TRP CE3 HE3  sing N N 389 
TRP CZ2 CH2  doub Y N 390 
TRP CZ2 HZ2  sing N N 391 
TRP CZ3 CH2  sing Y N 392 
TRP CZ3 HZ3  sing N N 393 
TRP CH2 HH2  sing N N 394 
TRP OXT HXT  sing N N 395 
TYR N   CA   sing N N 396 
TYR N   H    sing N N 397 
TYR N   H2   sing N N 398 
TYR CA  C    sing N N 399 
TYR CA  CB   sing N N 400 
TYR CA  HA   sing N N 401 
TYR C   O    doub N N 402 
TYR C   OXT  sing N N 403 
TYR CB  CG   sing N N 404 
TYR CB  HB2  sing N N 405 
TYR CB  HB3  sing N N 406 
TYR CG  CD1  doub Y N 407 
TYR CG  CD2  sing Y N 408 
TYR CD1 CE1  sing Y N 409 
TYR CD1 HD1  sing N N 410 
TYR CD2 CE2  doub Y N 411 
TYR CD2 HD2  sing N N 412 
TYR CE1 CZ   doub Y N 413 
TYR CE1 HE1  sing N N 414 
TYR CE2 CZ   sing Y N 415 
TYR CE2 HE2  sing N N 416 
TYR CZ  OH   sing N N 417 
TYR OH  HH   sing N N 418 
TYR OXT HXT  sing N N 419 
VAL N   CA   sing N N 420 
VAL N   H    sing N N 421 
VAL N   H2   sing N N 422 
VAL CA  C    sing N N 423 
VAL CA  CB   sing N N 424 
VAL CA  HA   sing N N 425 
VAL C   O    doub N N 426 
VAL C   OXT  sing N N 427 
VAL CB  CG1  sing N N 428 
VAL CB  CG2  sing N N 429 
VAL CB  HB   sing N N 430 
VAL CG1 HG11 sing N N 431 
VAL CG1 HG12 sing N N 432 
VAL CG1 HG13 sing N N 433 
VAL CG2 HG21 sing N N 434 
VAL CG2 HG22 sing N N 435 
VAL CG2 HG23 sing N N 436 
VAL OXT HXT  sing N N 437 
# 
_pdbx_audit_support.funding_organization   
'National Institutes of Health/National Institute Of Allergy and Infectious Diseases (NIH/NIAID)' 
_pdbx_audit_support.country                'United States' 
_pdbx_audit_support.grant_number           R01AI098757 
_pdbx_audit_support.ordinal                1 
# 
_pdbx_entity_instance_feature.ordinal        1 
_pdbx_entity_instance_feature.comp_id        E4Z 
_pdbx_entity_instance_feature.asym_id        ? 
_pdbx_entity_instance_feature.seq_num        ? 
_pdbx_entity_instance_feature.auth_comp_id   E4Z 
_pdbx_entity_instance_feature.auth_asym_id   ? 
_pdbx_entity_instance_feature.auth_seq_num   ? 
_pdbx_entity_instance_feature.feature_type   'SUBJECT OF INVESTIGATION' 
_pdbx_entity_instance_feature.details        ? 
# 
loop_
_pdbx_entity_nonpoly.entity_id 
_pdbx_entity_nonpoly.name 
_pdbx_entity_nonpoly.comp_id 
2 'Baloxavir acid'     E4Z 
3 'MANGANESE (II) ION' MN  
4 'SULFATE ION'        SO4 
5 water                HOH 
# 
_pdbx_initial_refinement_model.id               1 
_pdbx_initial_refinement_model.entity_id_list   ? 
_pdbx_initial_refinement_model.type             'experimental model' 
_pdbx_initial_refinement_model.source_name      PDB 
_pdbx_initial_refinement_model.accession_code   5DES 
_pdbx_initial_refinement_model.details          ? 
# 
_pdbx_struct_assembly_auth_evidence.id                     1 
_pdbx_struct_assembly_auth_evidence.assembly_id            1 
_pdbx_struct_assembly_auth_evidence.experimental_support   'gel filtration' 
_pdbx_struct_assembly_auth_evidence.details                'Protein elutes as a monomer' 
# 
